data_7XX3
#
_entry.id   7XX3
#
_cell.length_a   242.445
_cell.length_b   242.445
_cell.length_c   144.491
_cell.angle_alpha   90.000
_cell.angle_beta   90.000
_cell.angle_gamma   120.000
#
_symmetry.space_group_name_H-M   'P 63 2 2'
#
loop_
_entity.id
_entity.type
_entity.pdbx_description
1 polymer 'Superoxide dismutase [Cu-Zn]'
2 non-polymer 'ZINC ION'
3 non-polymer GLYCEROL
4 non-polymer '(2~{E},4~{E},6~{S})-4,6-dimethyldeca-2,4-dienoic acid'
5 non-polymer 'DIMETHYL SULFOXIDE'
6 water water
#
_entity_poly.entity_id   1
_entity_poly.type   'polypeptide(L)'
_entity_poly.pdbx_seq_one_letter_code
;MKHHHHHHPMSDYDIPTTENLYFQGAMATKAVCVLKGDGPVQGIINFEQKESNGPVKVWGSIKGLTEGLHGFHVHEFGDN
TAGCTSAGPHFNPLSRKHGGPKDEERHVGDLGNVTADKDGVADVSIEDSVISLSGDHCIIGRTLVVHEKADDLGKGGNEE
STKTGNAGSRLACGVIGIAQ
;
_entity_poly.pdbx_strand_id   A,B,D,C,H,E,F,G,I,J
#
loop_
_chem_comp.id
_chem_comp.type
_chem_comp.name
_chem_comp.formula
DMS non-polymer 'DIMETHYL SULFOXIDE' 'C2 H6 O S'
GOL non-polymer GLYCEROL 'C3 H8 O3'
I2G non-polymer '(2~{E},4~{E},6~{S})-4,6-dimethyldeca-2,4-dienoic acid' 'C12 H20 O2'
ZN non-polymer 'ZINC ION' 'Zn 2'
#
# COMPACT_ATOMS: atom_id res chain seq x y z
N MET A 27 -27.38 -2.86 6.56
CA MET A 27 -26.29 -3.18 5.62
C MET A 27 -26.16 -4.68 5.39
N ALA A 28 -25.11 -5.27 5.95
CA ALA A 28 -24.89 -6.72 5.82
C ALA A 28 -26.00 -7.49 6.50
N THR A 29 -26.49 -8.54 5.84
CA THR A 29 -27.45 -9.46 6.44
C THR A 29 -26.86 -10.82 6.72
N LYS A 30 -25.71 -11.14 6.12
CA LYS A 30 -25.07 -12.45 6.21
C LYS A 30 -23.58 -12.25 6.44
N ALA A 31 -23.00 -13.09 7.29
CA ALA A 31 -21.57 -13.11 7.52
C ALA A 31 -21.14 -14.56 7.70
N VAL A 32 -19.83 -14.79 7.61
CA VAL A 32 -19.29 -16.14 7.72
C VAL A 32 -17.90 -16.06 8.33
N CYS A 33 -17.50 -17.14 9.01
CA CYS A 33 -16.20 -17.15 9.66
C CYS A 33 -15.61 -18.55 9.51
N VAL A 34 -14.39 -18.63 9.01
CA VAL A 34 -13.64 -19.89 8.93
C VAL A 34 -12.67 -19.92 10.11
N LEU A 35 -12.83 -20.91 10.99
CA LEU A 35 -12.01 -21.02 12.19
C LEU A 35 -10.85 -21.98 11.94
N LYS A 36 -9.64 -21.53 12.25
CA LYS A 36 -8.43 -22.35 12.15
C LYS A 36 -7.52 -22.05 13.33
N GLY A 37 -6.63 -22.99 13.65
CA GLY A 37 -5.71 -22.76 14.74
C GLY A 37 -4.45 -23.57 14.58
N ASP A 38 -3.65 -23.60 15.65
CA ASP A 38 -2.42 -24.40 15.68
C ASP A 38 -2.69 -25.88 15.79
N GLY A 39 -3.82 -26.29 16.34
CA GLY A 39 -4.15 -27.68 16.50
C GLY A 39 -5.14 -28.15 15.46
N PRO A 40 -5.94 -29.18 15.81
CA PRO A 40 -6.91 -29.74 14.88
C PRO A 40 -8.26 -29.05 14.84
N VAL A 41 -8.50 -28.00 15.63
CA VAL A 41 -9.83 -27.42 15.68
C VAL A 41 -10.07 -26.61 14.40
N GLN A 42 -11.17 -26.89 13.72
CA GLN A 42 -11.54 -26.08 12.57
C GLN A 42 -13.04 -26.13 12.37
N GLY A 43 -13.58 -25.08 11.76
CA GLY A 43 -14.99 -25.11 11.46
C GLY A 43 -15.40 -23.92 10.64
N ILE A 44 -16.68 -23.87 10.34
CA ILE A 44 -17.30 -22.78 9.60
C ILE A 44 -18.50 -22.32 10.42
N ILE A 45 -18.56 -21.01 10.71
CA ILE A 45 -19.69 -20.44 11.43
C ILE A 45 -20.36 -19.40 10.54
N ASN A 46 -21.68 -19.52 10.38
CA ASN A 46 -22.51 -18.61 9.62
C ASN A 46 -23.23 -17.65 10.55
N PHE A 47 -23.48 -16.42 10.06
CA PHE A 47 -24.26 -15.43 10.78
C PHE A 47 -25.35 -14.90 9.85
N GLU A 48 -26.56 -14.67 10.39
CA GLU A 48 -27.68 -14.14 9.64
C GLU A 48 -28.45 -13.13 10.48
N GLN A 49 -28.69 -11.96 9.89
CA GLN A 49 -29.48 -10.93 10.59
C GLN A 49 -30.41 -10.32 9.54
N LYS A 50 -31.63 -10.85 9.48
CA LYS A 50 -32.56 -10.41 8.44
C LYS A 50 -33.02 -8.97 8.65
N GLU A 51 -33.15 -8.52 9.90
CA GLU A 51 -33.46 -7.13 10.19
C GLU A 51 -32.33 -6.50 10.99
N SER A 52 -31.98 -5.26 10.63
CA SER A 52 -30.84 -4.60 11.25
C SER A 52 -31.06 -4.35 12.73
N ASN A 53 -32.30 -4.27 13.20
CA ASN A 53 -32.58 -4.06 14.61
C ASN A 53 -33.11 -5.32 15.28
N GLY A 54 -32.93 -6.49 14.65
CA GLY A 54 -33.33 -7.75 15.24
C GLY A 54 -32.12 -8.62 15.56
N PRO A 55 -32.39 -9.84 16.04
CA PRO A 55 -31.29 -10.68 16.51
C PRO A 55 -30.46 -11.26 15.37
N VAL A 56 -29.28 -11.76 15.74
CA VAL A 56 -28.35 -12.43 14.83
C VAL A 56 -28.41 -13.93 15.12
N LYS A 57 -28.67 -14.73 14.08
CA LYS A 57 -28.57 -16.18 14.17
C LYS A 57 -27.15 -16.63 13.84
N VAL A 58 -26.60 -17.52 14.67
CA VAL A 58 -25.22 -17.98 14.55
C VAL A 58 -25.25 -19.50 14.51
N TRP A 59 -24.78 -20.09 13.42
CA TRP A 59 -24.84 -21.55 13.35
C TRP A 59 -23.70 -22.10 12.50
N GLY A 60 -23.37 -23.35 12.77
CA GLY A 60 -22.37 -24.02 11.96
C GLY A 60 -21.79 -25.20 12.72
N SER A 61 -20.63 -25.62 12.29
CA SER A 61 -20.04 -26.82 12.85
C SER A 61 -18.57 -26.58 13.11
N ILE A 62 -18.10 -26.97 14.29
CA ILE A 62 -16.69 -26.92 14.64
C ILE A 62 -16.26 -28.34 15.00
N LYS A 63 -15.18 -28.81 14.40
CA LYS A 63 -14.72 -30.17 14.69
C LYS A 63 -13.33 -30.13 15.34
N GLY A 64 -12.90 -31.28 15.86
CA GLY A 64 -11.61 -31.35 16.50
C GLY A 64 -11.55 -30.91 17.94
N LEU A 65 -12.70 -30.79 18.60
CA LEU A 65 -12.77 -30.32 19.98
C LEU A 65 -12.86 -31.49 20.96
N THR A 66 -12.34 -31.28 22.17
CA THR A 66 -12.63 -32.21 23.25
C THR A 66 -14.10 -32.09 23.66
N GLU A 67 -14.68 -33.24 24.03
CA GLU A 67 -16.08 -33.30 24.40
C GLU A 67 -16.38 -32.39 25.58
N GLY A 68 -17.50 -31.67 25.50
CA GLY A 68 -17.86 -30.75 26.56
C GLY A 68 -17.94 -29.30 26.12
N LEU A 69 -17.90 -28.38 27.08
CA LEU A 69 -18.14 -26.96 26.84
C LEU A 69 -16.86 -26.22 26.45
N HIS A 70 -17.00 -25.26 25.54
CA HIS A 70 -15.88 -24.43 25.10
C HIS A 70 -16.38 -23.00 24.97
N GLY A 71 -15.63 -22.06 25.55
CA GLY A 71 -16.00 -20.66 25.42
C GLY A 71 -16.01 -20.23 23.96
N PHE A 72 -16.90 -19.31 23.63
CA PHE A 72 -17.20 -18.96 22.23
C PHE A 72 -17.42 -17.46 22.21
N HIS A 73 -16.43 -16.69 21.75
CA HIS A 73 -16.49 -15.24 21.95
C HIS A 73 -16.02 -14.47 20.72
N VAL A 74 -16.59 -13.28 20.54
CA VAL A 74 -16.06 -12.35 19.55
C VAL A 74 -15.05 -11.47 20.26
N HIS A 75 -13.81 -11.51 19.79
CA HIS A 75 -12.76 -10.65 20.29
C HIS A 75 -12.65 -9.39 19.43
N GLU A 76 -12.00 -8.37 20.00
CA GLU A 76 -12.15 -7.01 19.47
C GLU A 76 -11.55 -6.84 18.07
N PHE A 77 -10.37 -7.40 17.82
CA PHE A 77 -9.64 -7.10 16.59
C PHE A 77 -9.66 -8.26 15.61
N GLY A 78 -9.83 -7.93 14.32
CA GLY A 78 -9.77 -8.94 13.28
C GLY A 78 -8.34 -9.08 12.81
N ASP A 79 -7.42 -9.18 13.75
CA ASP A 79 -5.98 -9.17 13.49
C ASP A 79 -5.48 -10.56 13.82
N ASN A 80 -5.12 -11.30 12.76
N ASN A 80 -5.12 -11.32 12.80
CA ASN A 80 -4.61 -12.68 12.82
CA ASN A 80 -4.57 -12.64 13.04
C ASN A 80 -3.09 -12.74 12.63
C ASN A 80 -3.11 -12.74 12.61
N THR A 81 -2.39 -11.60 12.67
CA THR A 81 -0.95 -11.61 12.37
C THR A 81 -0.15 -12.44 13.37
N ALA A 82 -0.68 -12.65 14.56
CA ALA A 82 -0.07 -13.50 15.59
C ALA A 82 -0.98 -14.69 15.89
N GLY A 83 -1.66 -15.20 14.87
CA GLY A 83 -2.69 -16.19 15.14
C GLY A 83 -3.80 -15.57 15.99
N CYS A 84 -4.40 -16.40 16.86
CA CYS A 84 -5.53 -15.90 17.64
C CYS A 84 -5.11 -14.89 18.71
N THR A 85 -3.82 -14.85 19.05
CA THR A 85 -3.35 -13.98 20.12
C THR A 85 -3.59 -12.51 19.81
N SER A 86 -3.36 -12.12 18.55
CA SER A 86 -3.44 -10.71 18.20
C SER A 86 -4.86 -10.18 18.11
N ALA A 87 -5.89 -11.03 18.28
CA ALA A 87 -7.27 -10.56 18.30
C ALA A 87 -7.60 -9.73 19.52
N GLY A 88 -6.77 -9.74 20.56
CA GLY A 88 -7.01 -8.92 21.73
C GLY A 88 -8.10 -9.49 22.62
N PRO A 89 -8.69 -8.65 23.46
CA PRO A 89 -9.68 -9.11 24.44
C PRO A 89 -11.04 -9.26 23.80
N HIS A 90 -12.01 -9.71 24.60
CA HIS A 90 -13.39 -9.77 24.14
C HIS A 90 -13.83 -8.38 23.67
N PHE A 91 -14.63 -8.36 22.59
CA PHE A 91 -15.19 -7.11 22.08
C PHE A 91 -16.12 -6.52 23.14
N ASN A 92 -15.78 -5.33 23.62
CA ASN A 92 -16.42 -4.76 24.82
C ASN A 92 -16.52 -3.24 24.68
N PRO A 93 -17.28 -2.75 23.69
CA PRO A 93 -17.35 -1.30 23.48
C PRO A 93 -18.03 -0.57 24.63
N LEU A 94 -18.91 -1.23 25.38
CA LEU A 94 -19.59 -0.59 26.50
C LEU A 94 -18.83 -0.71 27.81
N SER A 95 -17.63 -1.29 27.79
CA SER A 95 -16.76 -1.36 28.96
C SER A 95 -17.46 -2.00 30.15
N ARG A 96 -18.05 -3.16 29.93
CA ARG A 96 -18.73 -3.89 30.99
C ARG A 96 -17.88 -5.07 31.45
N LYS A 97 -18.37 -5.75 32.48
CA LYS A 97 -17.69 -6.96 32.91
C LYS A 97 -18.20 -8.16 32.11
N HIS A 98 -17.41 -9.22 32.10
CA HIS A 98 -17.76 -10.42 31.36
C HIS A 98 -18.96 -11.10 32.01
N GLY A 99 -19.80 -11.68 31.18
CA GLY A 99 -20.96 -12.42 31.66
C GLY A 99 -21.37 -13.44 30.63
N GLY A 100 -22.52 -14.07 30.84
CA GLY A 100 -23.08 -14.97 29.85
C GLY A 100 -23.99 -14.20 28.92
N PRO A 101 -24.40 -14.82 27.81
CA PRO A 101 -25.20 -14.07 26.82
C PRO A 101 -26.50 -13.51 27.38
N LYS A 102 -27.09 -14.14 28.38
CA LYS A 102 -28.37 -13.63 28.88
C LYS A 102 -28.21 -12.60 30.00
N ASP A 103 -26.99 -12.35 30.48
CA ASP A 103 -26.80 -11.29 31.45
C ASP A 103 -26.92 -9.92 30.80
N GLU A 104 -27.43 -8.97 31.56
CA GLU A 104 -27.37 -7.58 31.13
C GLU A 104 -25.93 -7.07 31.25
N GLU A 105 -25.23 -7.45 32.31
CA GLU A 105 -23.81 -7.12 32.44
C GLU A 105 -22.99 -8.15 31.67
N ARG A 106 -22.63 -7.81 30.43
CA ARG A 106 -21.84 -8.70 29.59
C ARG A 106 -21.06 -7.86 28.60
N HIS A 107 -20.06 -8.49 28.00
CA HIS A 107 -19.40 -7.95 26.80
C HIS A 107 -20.30 -8.15 25.60
N VAL A 108 -20.18 -7.25 24.61
CA VAL A 108 -20.93 -7.51 23.38
C VAL A 108 -20.51 -8.85 22.78
N GLY A 109 -19.22 -9.18 22.84
CA GLY A 109 -18.73 -10.44 22.30
C GLY A 109 -18.98 -11.70 23.12
N ASP A 110 -19.77 -11.63 24.19
CA ASP A 110 -19.98 -12.77 25.12
C ASP A 110 -21.09 -13.66 24.60
N LEU A 111 -20.72 -14.64 23.76
CA LEU A 111 -21.70 -15.57 23.23
C LEU A 111 -21.80 -16.86 24.04
N GLY A 112 -21.13 -16.97 25.18
CA GLY A 112 -21.30 -18.12 26.05
C GLY A 112 -20.44 -19.29 25.63
N ASN A 113 -21.00 -20.49 25.74
CA ASN A 113 -20.34 -21.74 25.42
C ASN A 113 -20.98 -22.40 24.20
N VAL A 114 -20.18 -23.24 23.54
CA VAL A 114 -20.68 -24.22 22.59
C VAL A 114 -20.29 -25.60 23.11
N THR A 115 -21.10 -26.59 22.77
CA THR A 115 -20.99 -27.94 23.33
C THR A 115 -20.52 -28.89 22.24
N ALA A 116 -19.36 -29.51 22.46
CA ALA A 116 -18.84 -30.51 21.55
C ALA A 116 -19.27 -31.90 22.02
N ASP A 117 -19.71 -32.73 21.08
CA ASP A 117 -20.20 -34.08 21.38
C ASP A 117 -19.04 -35.07 21.49
N LYS A 118 -19.36 -36.37 21.62
CA LYS A 118 -18.34 -37.38 21.84
C LYS A 118 -17.45 -37.58 20.62
N ASP A 119 -17.93 -37.19 19.43
CA ASP A 119 -17.13 -37.23 18.20
C ASP A 119 -16.30 -35.97 17.99
N GLY A 120 -16.29 -35.05 18.95
CA GLY A 120 -15.48 -33.85 18.83
C GLY A 120 -16.11 -32.73 18.04
N VAL A 121 -17.42 -32.80 17.77
CA VAL A 121 -18.12 -31.86 16.90
C VAL A 121 -19.08 -31.01 17.72
N ALA A 122 -18.98 -29.69 17.57
CA ALA A 122 -19.96 -28.77 18.13
C ALA A 122 -20.86 -28.28 17.01
N ASP A 123 -22.14 -28.65 17.06
CA ASP A 123 -23.12 -28.20 16.08
C ASP A 123 -23.72 -26.91 16.65
N VAL A 124 -23.07 -25.80 16.34
CA VAL A 124 -23.41 -24.52 16.95
C VAL A 124 -24.79 -24.04 16.48
N SER A 125 -25.58 -23.54 17.42
CA SER A 125 -26.84 -22.89 17.09
C SER A 125 -27.15 -21.90 18.19
N ILE A 126 -27.02 -20.61 17.88
CA ILE A 126 -27.12 -19.55 18.86
C ILE A 126 -27.95 -18.43 18.24
N GLU A 127 -28.74 -17.74 19.05
CA GLU A 127 -29.40 -16.52 18.63
C GLU A 127 -29.07 -15.45 19.64
N ASP A 128 -28.62 -14.29 19.18
CA ASP A 128 -28.17 -13.26 20.11
C ASP A 128 -28.66 -11.89 19.64
N SER A 129 -29.14 -11.08 20.59
CA SER A 129 -29.67 -9.76 20.29
C SER A 129 -28.73 -8.62 20.67
N VAL A 130 -27.51 -8.91 21.09
CA VAL A 130 -26.58 -7.88 21.49
C VAL A 130 -25.54 -7.65 20.39
N ILE A 131 -24.98 -8.72 19.83
CA ILE A 131 -24.14 -8.55 18.63
C ILE A 131 -25.01 -8.10 17.46
N SER A 132 -24.35 -7.55 16.44
CA SER A 132 -25.03 -7.10 15.24
C SER A 132 -24.08 -7.24 14.07
N LEU A 133 -24.63 -7.32 12.85
CA LEU A 133 -23.82 -7.29 11.64
C LEU A 133 -23.74 -5.90 11.02
N SER A 134 -24.19 -4.87 11.72
CA SER A 134 -24.10 -3.47 11.28
C SER A 134 -24.14 -2.58 12.51
N GLY A 135 -23.72 -1.33 12.34
CA GLY A 135 -23.76 -0.37 13.43
C GLY A 135 -22.63 -0.54 14.44
N ASP A 136 -22.86 0.01 15.63
CA ASP A 136 -21.77 0.14 16.62
C ASP A 136 -21.42 -1.20 17.25
N HIS A 137 -22.38 -2.10 17.38
CA HIS A 137 -22.07 -3.44 17.86
C HIS A 137 -21.71 -4.38 16.73
N CYS A 138 -21.32 -3.84 15.57
CA CYS A 138 -21.01 -4.66 14.41
C CYS A 138 -19.79 -5.54 14.70
N ILE A 139 -19.92 -6.83 14.40
CA ILE A 139 -18.85 -7.79 14.61
C ILE A 139 -18.16 -8.17 13.31
N ILE A 140 -18.62 -7.64 12.16
N ILE A 140 -18.62 -7.67 12.16
CA ILE A 140 -17.89 -7.81 10.91
CA ILE A 140 -17.90 -7.94 10.92
C ILE A 140 -16.48 -7.27 11.08
C ILE A 140 -16.54 -7.28 10.99
N GLY A 141 -15.50 -8.02 10.61
CA GLY A 141 -14.14 -7.54 10.72
C GLY A 141 -13.47 -7.84 12.05
N ARG A 142 -14.18 -8.42 13.01
CA ARG A 142 -13.61 -8.80 14.29
C ARG A 142 -13.38 -10.31 14.27
N THR A 143 -12.89 -10.88 15.37
CA THR A 143 -12.41 -12.26 15.36
C THR A 143 -13.29 -13.13 16.25
N LEU A 144 -13.81 -14.23 15.70
CA LEU A 144 -14.50 -15.25 16.49
C LEU A 144 -13.49 -16.27 16.97
N VAL A 145 -13.51 -16.60 18.26
CA VAL A 145 -12.55 -17.51 18.86
C VAL A 145 -13.30 -18.61 19.61
N VAL A 146 -12.87 -19.86 19.47
CA VAL A 146 -13.35 -20.94 20.31
C VAL A 146 -12.22 -21.32 21.26
N HIS A 147 -12.56 -21.48 22.53
CA HIS A 147 -11.58 -21.56 23.60
C HIS A 147 -11.45 -22.99 24.10
N GLU A 148 -10.40 -23.19 24.88
CA GLU A 148 -9.99 -24.51 25.35
C GLU A 148 -10.96 -25.07 26.41
N LYS A 149 -11.47 -24.22 27.28
CA LYS A 149 -12.27 -24.64 28.44
C LYS A 149 -13.63 -23.96 28.43
N ALA A 150 -14.48 -24.38 29.38
CA ALA A 150 -15.78 -23.75 29.52
C ALA A 150 -15.64 -22.31 29.98
N ASP A 151 -16.55 -21.48 29.50
CA ASP A 151 -16.73 -20.13 30.00
C ASP A 151 -17.59 -20.21 31.26
N ASP A 152 -17.09 -19.67 32.38
CA ASP A 152 -17.85 -19.73 33.62
C ASP A 152 -18.84 -18.59 33.75
N LEU A 153 -19.01 -17.78 32.70
CA LEU A 153 -20.09 -16.80 32.60
C LEU A 153 -20.00 -15.73 33.68
N GLY A 154 -18.79 -15.48 34.17
CA GLY A 154 -18.62 -14.43 35.16
C GLY A 154 -18.85 -14.84 36.59
N LYS A 155 -19.07 -16.14 36.85
CA LYS A 155 -19.45 -16.65 38.16
C LYS A 155 -18.35 -17.47 38.82
N GLY A 156 -17.10 -17.29 38.39
CA GLY A 156 -16.02 -18.10 38.89
C GLY A 156 -15.32 -17.59 40.14
N GLY A 157 -15.65 -16.37 40.58
CA GLY A 157 -15.07 -15.86 41.81
C GLY A 157 -13.60 -15.45 41.74
N ASN A 158 -13.09 -15.07 40.58
CA ASN A 158 -11.77 -14.45 40.50
C ASN A 158 -11.77 -13.36 39.44
N GLU A 159 -10.66 -12.62 39.39
CA GLU A 159 -10.49 -11.55 38.41
C GLU A 159 -10.69 -12.06 37.00
N GLU A 160 -10.07 -13.21 36.68
CA GLU A 160 -10.18 -13.79 35.35
C GLU A 160 -11.64 -14.04 34.95
N SER A 161 -12.48 -14.43 35.91
CA SER A 161 -13.87 -14.74 35.59
C SER A 161 -14.59 -13.56 34.97
N THR A 162 -14.36 -12.36 35.48
CA THR A 162 -15.06 -11.18 35.01
C THR A 162 -14.40 -10.53 33.79
N LYS A 163 -13.34 -11.14 33.26
CA LYS A 163 -12.66 -10.66 32.07
C LYS A 163 -12.82 -11.63 30.91
N THR A 164 -12.55 -12.92 31.13
CA THR A 164 -12.57 -13.93 30.09
C THR A 164 -13.45 -15.13 30.42
N GLY A 165 -13.99 -15.22 31.64
CA GLY A 165 -14.76 -16.40 31.98
C GLY A 165 -13.94 -17.62 32.28
N ASN A 166 -12.63 -17.50 32.41
CA ASN A 166 -11.73 -18.63 32.64
C ASN A 166 -11.81 -19.67 31.51
N ALA A 167 -12.10 -19.22 30.28
CA ALA A 167 -12.23 -20.17 29.19
C ALA A 167 -10.88 -20.64 28.66
N GLY A 168 -9.79 -20.05 29.12
CA GLY A 168 -8.47 -20.56 28.77
C GLY A 168 -8.04 -20.18 27.37
N SER A 169 -7.18 -21.01 26.80
CA SER A 169 -6.43 -20.63 25.61
C SER A 169 -7.32 -20.65 24.37
N ARG A 170 -6.80 -20.06 23.30
CA ARG A 170 -7.54 -19.87 22.06
C ARG A 170 -7.19 -21.02 21.12
N LEU A 171 -8.17 -21.88 20.85
CA LEU A 171 -7.92 -23.08 20.05
C LEU A 171 -7.97 -22.79 18.57
N ALA A 172 -8.93 -21.97 18.14
CA ALA A 172 -9.06 -21.63 16.72
C ALA A 172 -9.81 -20.31 16.62
N CYS A 173 -9.60 -19.63 15.51
CA CYS A 173 -10.26 -18.34 15.29
C CYS A 173 -10.29 -18.02 13.81
N GLY A 174 -11.04 -16.96 13.49
CA GLY A 174 -11.04 -16.43 12.14
C GLY A 174 -11.69 -15.07 12.14
N VAL A 175 -11.39 -14.30 11.10
CA VAL A 175 -12.04 -13.00 10.94
C VAL A 175 -13.44 -13.18 10.39
N ILE A 176 -14.40 -12.42 10.94
CA ILE A 176 -15.78 -12.51 10.49
C ILE A 176 -15.94 -11.66 9.24
N GLY A 177 -16.36 -12.30 8.16
CA GLY A 177 -16.41 -11.61 6.87
C GLY A 177 -17.81 -11.49 6.31
N ILE A 178 -18.03 -10.51 5.43
N ILE A 178 -18.06 -10.50 5.46
CA ILE A 178 -19.32 -10.35 4.78
CA ILE A 178 -19.39 -10.36 4.87
C ILE A 178 -19.57 -11.52 3.83
C ILE A 178 -19.60 -11.47 3.85
N ALA A 179 -20.80 -12.03 3.85
CA ALA A 179 -21.14 -13.21 3.06
C ALA A 179 -22.28 -12.90 2.11
N GLN A 180 -22.34 -13.68 1.03
CA GLN A 180 -23.37 -13.49 0.02
C GLN A 180 -24.75 -13.91 0.52
N MET B 27 -15.68 4.02 12.62
CA MET B 27 -14.70 4.68 13.48
C MET B 27 -13.32 4.03 13.29
N ALA B 28 -13.25 2.94 12.52
CA ALA B 28 -11.99 2.23 12.30
C ALA B 28 -11.00 3.11 11.54
N THR B 29 -9.78 3.25 12.09
CA THR B 29 -8.73 3.94 11.36
C THR B 29 -7.66 2.99 10.86
N LYS B 30 -7.66 1.74 11.31
CA LYS B 30 -6.65 0.76 10.94
C LYS B 30 -7.30 -0.59 10.70
N ALA B 31 -6.75 -1.30 9.72
CA ALA B 31 -7.20 -2.63 9.38
C ALA B 31 -5.97 -3.44 9.01
N VAL B 32 -6.13 -4.75 8.95
CA VAL B 32 -5.01 -5.64 8.63
C VAL B 32 -5.55 -6.91 7.99
N CYS B 33 -4.70 -7.56 7.19
CA CYS B 33 -5.12 -8.72 6.42
C CYS B 33 -3.94 -9.67 6.36
N VAL B 34 -4.16 -10.93 6.72
CA VAL B 34 -3.14 -11.96 6.56
C VAL B 34 -3.46 -12.77 5.32
N LEU B 35 -2.56 -12.74 4.34
CA LEU B 35 -2.78 -13.40 3.06
C LEU B 35 -2.21 -14.81 3.16
N LYS B 36 -3.01 -15.80 2.79
CA LYS B 36 -2.59 -17.20 2.75
C LYS B 36 -3.25 -17.86 1.55
N GLY B 37 -2.63 -18.92 1.06
CA GLY B 37 -3.27 -19.69 0.03
C GLY B 37 -2.69 -21.10 -0.04
N ASP B 38 -2.91 -21.75 -1.18
CA ASP B 38 -2.48 -23.14 -1.35
C ASP B 38 -0.97 -23.28 -1.50
N GLY B 39 -0.35 -22.33 -2.18
CA GLY B 39 1.06 -22.42 -2.48
C GLY B 39 1.89 -21.67 -1.46
N PRO B 40 3.04 -21.17 -1.90
CA PRO B 40 3.97 -20.49 -0.98
C PRO B 40 3.63 -19.03 -0.71
N VAL B 41 2.63 -18.46 -1.35
CA VAL B 41 2.41 -17.02 -1.25
C VAL B 41 1.79 -16.69 0.10
N GLN B 42 2.42 -15.77 0.84
CA GLN B 42 1.84 -15.34 2.11
C GLN B 42 2.31 -13.94 2.44
N GLY B 43 1.52 -13.21 3.22
CA GLY B 43 1.94 -11.88 3.58
C GLY B 43 0.99 -11.26 4.58
N ILE B 44 1.35 -10.05 4.97
CA ILE B 44 0.56 -9.24 5.88
C ILE B 44 0.45 -7.86 5.26
N ILE B 45 -0.78 -7.36 5.13
CA ILE B 45 -1.03 -6.07 4.53
C ILE B 45 -1.78 -5.23 5.55
N ASN B 46 -1.28 -4.00 5.78
CA ASN B 46 -1.87 -3.05 6.71
C ASN B 46 -2.63 -1.99 5.93
N PHE B 47 -3.69 -1.46 6.55
CA PHE B 47 -4.49 -0.36 6.01
C PHE B 47 -4.61 0.70 7.09
N GLU B 48 -4.46 1.96 6.68
CA GLU B 48 -4.57 3.05 7.67
C GLU B 48 -5.31 4.21 7.02
N GLN B 49 -6.28 4.76 7.74
CA GLN B 49 -7.08 5.86 7.21
C GLN B 49 -7.31 6.83 8.37
N LYS B 50 -6.49 7.87 8.46
CA LYS B 50 -6.62 8.79 9.59
C LYS B 50 -7.91 9.60 9.53
N GLU B 51 -8.38 9.94 8.33
CA GLU B 51 -9.61 10.69 8.17
C GLU B 51 -10.60 9.92 7.32
N SER B 52 -11.88 9.89 7.73
CA SER B 52 -12.86 9.11 6.97
C SER B 52 -13.09 9.68 5.57
N ASN B 53 -12.72 10.93 5.31
CA ASN B 53 -12.78 11.51 3.98
C ASN B 53 -11.42 11.52 3.29
N GLY B 54 -10.43 10.78 3.81
CA GLY B 54 -9.10 10.81 3.27
C GLY B 54 -8.70 9.48 2.65
N PRO B 55 -7.52 9.44 2.05
CA PRO B 55 -7.08 8.21 1.39
C PRO B 55 -6.73 7.15 2.42
N VAL B 56 -6.71 5.92 1.95
CA VAL B 56 -6.26 4.77 2.74
C VAL B 56 -4.85 4.44 2.29
N LYS B 57 -3.92 4.40 3.25
CA LYS B 57 -2.57 3.93 3.01
C LYS B 57 -2.55 2.42 3.17
N VAL B 58 -1.94 1.73 2.21
CA VAL B 58 -1.92 0.26 2.14
C VAL B 58 -0.44 -0.14 2.06
N TRP B 59 0.04 -0.92 3.03
CA TRP B 59 1.45 -1.28 3.01
C TRP B 59 1.69 -2.60 3.71
N GLY B 60 2.76 -3.26 3.31
CA GLY B 60 3.15 -4.52 3.93
C GLY B 60 4.03 -5.30 2.98
N SER B 61 4.14 -6.59 3.26
CA SER B 61 5.05 -7.43 2.50
C SER B 61 4.33 -8.71 2.14
N ILE B 62 4.50 -9.15 0.90
CA ILE B 62 4.01 -10.44 0.43
C ILE B 62 5.20 -11.19 -0.12
N LYS B 63 5.40 -12.43 0.30
CA LYS B 63 6.53 -13.22 -0.19
C LYS B 63 6.04 -14.43 -0.96
N GLY B 64 6.97 -15.10 -1.65
CA GLY B 64 6.64 -16.30 -2.41
C GLY B 64 6.08 -16.07 -3.79
N LEU B 65 6.15 -14.86 -4.34
CA LEU B 65 5.58 -14.53 -5.64
C LEU B 65 6.63 -14.70 -6.73
N THR B 66 6.17 -14.96 -7.96
CA THR B 66 7.07 -14.80 -9.10
C THR B 66 7.43 -13.33 -9.27
N GLU B 67 8.66 -13.09 -9.70
CA GLU B 67 9.13 -11.72 -9.98
C GLU B 67 8.19 -11.05 -10.97
N GLY B 68 7.85 -9.80 -10.70
CA GLY B 68 7.02 -9.05 -11.63
C GLY B 68 5.68 -8.60 -11.07
N LEU B 69 4.75 -8.29 -11.97
CA LEU B 69 3.49 -7.65 -11.58
C LEU B 69 2.43 -8.68 -11.25
N HIS B 70 1.67 -8.41 -10.19
CA HIS B 70 0.56 -9.25 -9.77
C HIS B 70 -0.65 -8.39 -9.44
N GLY B 71 -1.81 -8.73 -10.00
CA GLY B 71 -3.03 -8.03 -9.64
C GLY B 71 -3.33 -8.14 -8.16
N PHE B 72 -3.95 -7.09 -7.64
CA PHE B 72 -4.05 -6.88 -6.20
C PHE B 72 -5.41 -6.20 -6.00
N HIS B 73 -6.41 -6.96 -5.54
CA HIS B 73 -7.79 -6.49 -5.58
C HIS B 73 -8.51 -6.82 -4.27
N VAL B 74 -9.46 -5.95 -3.90
CA VAL B 74 -10.41 -6.29 -2.86
C VAL B 74 -11.60 -6.94 -3.55
N HIS B 75 -11.92 -8.15 -3.14
CA HIS B 75 -13.08 -8.87 -3.67
C HIS B 75 -14.25 -8.73 -2.69
N GLU B 76 -15.45 -9.04 -3.19
CA GLU B 76 -16.68 -8.60 -2.54
C GLU B 76 -16.90 -9.23 -1.17
N PHE B 77 -16.72 -10.54 -1.04
CA PHE B 77 -17.12 -11.27 0.17
C PHE B 77 -15.91 -11.67 0.99
N GLY B 78 -16.05 -11.58 2.31
CA GLY B 78 -15.04 -12.05 3.24
C GLY B 78 -15.32 -13.51 3.57
N ASP B 79 -15.47 -14.32 2.53
CA ASP B 79 -15.91 -15.72 2.62
C ASP B 79 -14.77 -16.59 2.09
N ASN B 80 -14.07 -17.24 3.01
N ASN B 80 -14.04 -17.24 2.97
CA ASN B 80 -12.94 -18.12 2.73
CA ASN B 80 -12.97 -18.11 2.52
C ASN B 80 -13.31 -19.60 2.78
C ASN B 80 -13.30 -19.59 2.80
N THR B 81 -14.60 -19.92 2.82
CA THR B 81 -15.03 -21.31 3.04
C THR B 81 -14.56 -22.24 1.93
N ALA B 82 -14.50 -21.76 0.70
CA ALA B 82 -13.93 -22.55 -0.38
C ALA B 82 -12.59 -21.97 -0.81
N GLY B 83 -11.80 -21.49 0.15
CA GLY B 83 -10.58 -20.80 -0.23
C GLY B 83 -10.90 -19.46 -0.89
N CYS B 84 -9.96 -19.01 -1.72
CA CYS B 84 -10.10 -17.67 -2.31
C CYS B 84 -11.24 -17.58 -3.31
N THR B 85 -11.65 -18.72 -3.88
CA THR B 85 -12.75 -18.75 -4.84
C THR B 85 -14.03 -18.18 -4.26
N SER B 86 -14.30 -18.42 -2.98
CA SER B 86 -15.57 -17.98 -2.44
C SER B 86 -15.61 -16.49 -2.11
N ALA B 87 -14.50 -15.77 -2.29
CA ALA B 87 -14.54 -14.32 -2.12
C ALA B 87 -15.34 -13.62 -3.21
N GLY B 88 -15.70 -14.30 -4.28
CA GLY B 88 -16.55 -13.70 -5.30
C GLY B 88 -15.78 -12.74 -6.18
N PRO B 89 -16.46 -11.83 -6.86
CA PRO B 89 -15.79 -10.95 -7.83
C PRO B 89 -15.18 -9.73 -7.14
N HIS B 90 -14.60 -8.85 -7.95
CA HIS B 90 -14.07 -7.61 -7.41
C HIS B 90 -15.18 -6.84 -6.74
N PHE B 91 -14.85 -6.20 -5.60
CA PHE B 91 -15.82 -5.39 -4.87
C PHE B 91 -16.24 -4.22 -5.77
N ASN B 92 -17.51 -4.16 -6.15
CA ASN B 92 -17.95 -3.26 -7.22
C ASN B 92 -19.35 -2.71 -6.91
N PRO B 93 -19.51 -1.99 -5.80
CA PRO B 93 -20.86 -1.58 -5.41
C PRO B 93 -21.49 -0.59 -6.37
N LEU B 94 -20.71 0.06 -7.22
CA LEU B 94 -21.23 1.00 -8.22
C LEU B 94 -21.39 0.38 -9.60
N SER B 95 -21.17 -0.93 -9.73
CA SER B 95 -21.38 -1.66 -10.98
C SER B 95 -20.66 -0.99 -12.14
N ARG B 96 -19.39 -0.66 -11.94
N ARG B 96 -19.40 -0.64 -11.91
CA ARG B 96 -18.59 -0.10 -13.00
CA ARG B 96 -18.56 -0.07 -12.96
C ARG B 96 -17.78 -1.19 -13.69
C ARG B 96 -17.79 -1.17 -13.68
N LYS B 97 -17.09 -0.79 -14.76
CA LYS B 97 -16.19 -1.70 -15.43
C LYS B 97 -14.85 -1.67 -14.71
N HIS B 98 -14.07 -2.75 -14.87
CA HIS B 98 -12.77 -2.84 -14.22
C HIS B 98 -11.81 -1.80 -14.80
N GLY B 99 -10.98 -1.23 -13.93
CA GLY B 99 -9.97 -0.28 -14.37
C GLY B 99 -8.75 -0.32 -13.47
N GLY B 100 -7.79 0.57 -13.69
CA GLY B 100 -6.69 0.74 -12.76
C GLY B 100 -7.09 1.72 -11.67
N PRO B 101 -6.30 1.79 -10.60
CA PRO B 101 -6.71 2.64 -9.47
C PRO B 101 -6.83 4.11 -9.82
N LYS B 102 -6.10 4.59 -10.84
CA LYS B 102 -6.21 5.99 -11.22
C LYS B 102 -7.36 6.28 -12.19
N ASP B 103 -8.08 5.27 -12.62
CA ASP B 103 -9.22 5.47 -13.53
C ASP B 103 -10.46 5.90 -12.78
N GLU B 104 -11.23 6.79 -13.44
CA GLU B 104 -12.56 7.11 -12.94
C GLU B 104 -13.49 5.90 -13.05
N GLU B 105 -13.45 5.20 -14.17
CA GLU B 105 -14.21 3.96 -14.35
C GLU B 105 -13.38 2.82 -13.78
N ARG B 106 -13.73 2.39 -12.58
CA ARG B 106 -13.02 1.27 -11.95
C ARG B 106 -13.93 0.69 -10.88
N HIS B 107 -13.62 -0.53 -10.47
CA HIS B 107 -14.25 -1.11 -9.30
C HIS B 107 -13.66 -0.45 -8.05
N VAL B 108 -14.47 -0.32 -7.00
CA VAL B 108 -13.91 0.13 -5.72
C VAL B 108 -12.71 -0.73 -5.33
N GLY B 109 -12.80 -2.03 -5.53
CA GLY B 109 -11.72 -2.95 -5.16
C GLY B 109 -10.50 -2.96 -6.07
N ASP B 110 -10.44 -2.10 -7.09
CA ASP B 110 -9.35 -2.16 -8.08
C ASP B 110 -8.10 -1.42 -7.58
N LEU B 111 -7.20 -2.14 -6.92
CA LEU B 111 -5.98 -1.51 -6.44
C LEU B 111 -4.80 -1.69 -7.38
N GLY B 112 -5.02 -2.21 -8.59
CA GLY B 112 -3.96 -2.28 -9.58
C GLY B 112 -3.04 -3.47 -9.37
N ASN B 113 -1.74 -3.25 -9.56
CA ASN B 113 -0.75 -4.30 -9.42
C ASN B 113 0.17 -4.02 -8.23
N VAL B 114 0.79 -5.07 -7.73
CA VAL B 114 1.96 -4.94 -6.87
C VAL B 114 3.11 -5.67 -7.54
N THR B 115 4.32 -5.24 -7.24
CA THR B 115 5.53 -5.73 -7.93
C THR B 115 6.36 -6.53 -6.94
N ALA B 116 6.66 -7.78 -7.31
CA ALA B 116 7.58 -8.63 -6.55
C ALA B 116 8.98 -8.51 -7.16
N ASP B 117 9.98 -8.44 -6.28
CA ASP B 117 11.37 -8.28 -6.70
C ASP B 117 11.95 -9.64 -7.08
N LYS B 118 13.26 -9.71 -7.33
CA LYS B 118 13.85 -10.97 -7.80
C LYS B 118 13.82 -12.03 -6.72
N ASP B 119 13.66 -11.67 -5.45
CA ASP B 119 13.53 -12.67 -4.39
C ASP B 119 12.09 -13.10 -4.15
N GLY B 120 11.14 -12.61 -4.94
CA GLY B 120 9.75 -12.99 -4.75
C GLY B 120 8.99 -12.17 -3.74
N VAL B 121 9.52 -11.03 -3.33
CA VAL B 121 8.95 -10.19 -2.27
C VAL B 121 8.34 -8.93 -2.87
N ALA B 122 7.06 -8.70 -2.55
CA ALA B 122 6.37 -7.47 -2.92
C ALA B 122 6.27 -6.61 -1.68
N ASP B 123 7.01 -5.50 -1.66
CA ASP B 123 6.94 -4.54 -0.56
C ASP B 123 5.89 -3.50 -0.90
N VAL B 124 4.65 -3.81 -0.54
CA VAL B 124 3.48 -3.06 -1.02
C VAL B 124 3.47 -1.66 -0.41
N SER B 125 3.21 -0.66 -1.24
CA SER B 125 3.03 0.72 -0.76
C SER B 125 2.06 1.40 -1.72
N ILE B 126 0.81 1.50 -1.31
CA ILE B 126 -0.26 2.06 -2.13
C ILE B 126 -1.01 3.07 -1.30
N GLU B 127 -1.47 4.14 -1.94
CA GLU B 127 -2.38 5.06 -1.31
C GLU B 127 -3.59 5.17 -2.21
N ASP B 128 -4.78 4.96 -1.67
CA ASP B 128 -5.97 4.94 -2.52
C ASP B 128 -7.10 5.71 -1.86
N SER B 129 -7.85 6.48 -2.65
CA SER B 129 -8.91 7.31 -2.10
C SER B 129 -10.29 6.83 -2.48
N VAL B 130 -10.40 5.67 -3.12
CA VAL B 130 -11.71 5.12 -3.44
C VAL B 130 -12.13 4.04 -2.43
N ILE B 131 -11.21 3.15 -2.04
CA ILE B 131 -11.51 2.27 -0.89
C ILE B 131 -11.60 3.11 0.37
N SER B 132 -12.24 2.56 1.39
CA SER B 132 -12.36 3.25 2.66
C SER B 132 -12.42 2.20 3.76
N LEU B 133 -12.18 2.64 4.99
CA LEU B 133 -12.40 1.76 6.14
C LEU B 133 -13.73 2.03 6.82
N SER B 134 -14.62 2.78 6.18
CA SER B 134 -15.95 3.04 6.71
C SER B 134 -16.88 3.41 5.56
N GLY B 135 -18.19 3.34 5.83
CA GLY B 135 -19.18 3.77 4.86
C GLY B 135 -19.44 2.76 3.75
N ASP B 136 -19.95 3.31 2.64
CA ASP B 136 -20.41 2.49 1.51
C ASP B 136 -19.27 1.71 0.89
N HIS B 137 -18.08 2.31 0.86
CA HIS B 137 -16.93 1.70 0.22
C HIS B 137 -16.03 1.00 1.22
N CYS B 138 -16.56 0.69 2.40
CA CYS B 138 -15.78 0.04 3.44
C CYS B 138 -15.31 -1.33 2.97
N ILE B 139 -14.04 -1.64 3.19
CA ILE B 139 -13.48 -2.92 2.77
C ILE B 139 -13.26 -3.87 3.94
N ILE B 140 -13.49 -3.40 5.18
CA ILE B 140 -13.45 -4.29 6.35
C ILE B 140 -14.44 -5.43 6.16
N GLY B 141 -14.01 -6.65 6.42
CA GLY B 141 -14.88 -7.80 6.25
C GLY B 141 -14.96 -8.33 4.85
N ARG B 142 -14.23 -7.74 3.90
CA ARG B 142 -14.11 -8.26 2.56
C ARG B 142 -12.75 -8.94 2.42
N THR B 143 -12.43 -9.40 1.21
CA THR B 143 -11.24 -10.23 1.02
C THR B 143 -10.25 -9.52 0.12
N LEU B 144 -9.00 -9.43 0.58
CA LEU B 144 -7.90 -8.98 -0.26
C LEU B 144 -7.32 -10.20 -0.96
N VAL B 145 -7.03 -10.08 -2.26
CA VAL B 145 -6.53 -11.19 -3.07
C VAL B 145 -5.32 -10.72 -3.86
N VAL B 146 -4.26 -11.53 -3.89
CA VAL B 146 -3.15 -11.27 -4.80
C VAL B 146 -3.18 -12.35 -5.87
N HIS B 147 -3.05 -11.92 -7.13
CA HIS B 147 -3.36 -12.75 -8.28
C HIS B 147 -2.10 -13.26 -8.96
N GLU B 148 -2.33 -14.24 -9.84
CA GLU B 148 -1.26 -14.98 -10.51
C GLU B 148 -0.47 -14.12 -11.48
N LYS B 149 -1.14 -13.25 -12.24
CA LYS B 149 -0.38 -12.42 -13.18
C LYS B 149 -0.78 -10.96 -13.13
N ALA B 150 -0.29 -10.20 -14.10
CA ALA B 150 -0.49 -8.75 -14.07
C ALA B 150 -1.93 -8.38 -14.38
N ASP B 151 -2.43 -7.37 -13.65
CA ASP B 151 -3.68 -6.71 -13.98
C ASP B 151 -3.48 -5.85 -15.22
N ASP B 152 -4.28 -6.05 -16.26
CA ASP B 152 -4.08 -5.20 -17.45
C ASP B 152 -4.82 -3.87 -17.34
N LEU B 153 -5.44 -3.62 -16.19
CA LEU B 153 -6.05 -2.34 -15.85
C LEU B 153 -7.21 -1.99 -16.75
N GLY B 154 -7.85 -3.01 -17.30
CA GLY B 154 -9.00 -2.78 -18.16
C GLY B 154 -8.65 -2.43 -19.59
N LYS B 155 -7.38 -2.51 -19.98
CA LYS B 155 -6.94 -2.10 -21.31
C LYS B 155 -6.64 -3.29 -22.23
N GLY B 156 -7.16 -4.48 -21.92
CA GLY B 156 -6.84 -5.67 -22.70
C GLY B 156 -7.70 -5.93 -23.93
N GLY B 157 -8.77 -5.17 -24.10
CA GLY B 157 -9.59 -5.26 -25.30
C GLY B 157 -10.51 -6.45 -25.40
N ASN B 158 -10.74 -7.11 -24.27
CA ASN B 158 -11.66 -8.27 -24.23
C ASN B 158 -12.58 -8.12 -23.02
N GLU B 159 -13.65 -8.91 -22.99
CA GLU B 159 -14.65 -8.87 -21.89
C GLU B 159 -14.00 -9.19 -20.54
N GLU B 160 -13.07 -10.12 -20.51
CA GLU B 160 -12.37 -10.46 -19.25
C GLU B 160 -11.64 -9.22 -18.72
N SER B 161 -11.00 -8.45 -19.57
CA SER B 161 -10.28 -7.25 -19.12
C SER B 161 -11.20 -6.31 -18.33
N THR B 162 -12.46 -6.20 -18.75
CA THR B 162 -13.40 -5.30 -18.12
C THR B 162 -13.99 -5.89 -16.85
N LYS B 163 -13.67 -7.14 -16.53
CA LYS B 163 -14.16 -7.80 -15.33
C LYS B 163 -13.05 -8.03 -14.31
N THR B 164 -11.93 -8.62 -14.73
CA THR B 164 -10.87 -9.06 -13.83
C THR B 164 -9.51 -8.50 -14.18
N GLY B 165 -9.39 -7.75 -15.28
CA GLY B 165 -8.08 -7.34 -15.72
C GLY B 165 -7.21 -8.45 -16.26
N ASN B 166 -7.78 -9.64 -16.51
CA ASN B 166 -7.01 -10.81 -16.96
C ASN B 166 -5.90 -11.17 -15.97
N ALA B 167 -6.11 -10.96 -14.66
CA ALA B 167 -5.04 -11.19 -13.68
C ALA B 167 -4.90 -12.65 -13.29
N GLY B 168 -5.79 -13.53 -13.75
CA GLY B 168 -5.61 -14.94 -13.55
C GLY B 168 -5.97 -15.40 -12.15
N SER B 169 -5.36 -16.51 -11.75
CA SER B 169 -5.85 -17.22 -10.60
C SER B 169 -5.50 -16.48 -9.30
N ARG B 170 -6.12 -16.92 -8.21
CA ARG B 170 -5.97 -16.29 -6.91
C ARG B 170 -4.88 -17.01 -6.12
N LEU B 171 -3.75 -16.34 -5.88
CA LEU B 171 -2.62 -17.01 -5.26
C LEU B 171 -2.75 -17.06 -3.75
N ALA B 172 -3.28 -16.00 -3.14
CA ALA B 172 -3.42 -15.95 -1.70
C ALA B 172 -4.47 -14.89 -1.37
N CYS B 173 -5.13 -15.04 -0.23
CA CYS B 173 -6.15 -14.09 0.16
C CYS B 173 -6.33 -14.08 1.67
N GLY B 174 -7.11 -13.13 2.15
CA GLY B 174 -7.50 -13.13 3.56
C GLY B 174 -8.59 -12.10 3.77
N VAL B 175 -9.31 -12.27 4.87
CA VAL B 175 -10.35 -11.31 5.25
C VAL B 175 -9.70 -10.10 5.90
N ILE B 176 -10.15 -8.91 5.52
CA ILE B 176 -9.63 -7.66 6.06
C ILE B 176 -10.30 -7.41 7.40
N GLY B 177 -9.51 -7.29 8.46
CA GLY B 177 -10.10 -7.12 9.79
C GLY B 177 -9.74 -5.81 10.47
N ILE B 178 -10.52 -5.42 11.48
CA ILE B 178 -10.24 -4.21 12.24
C ILE B 178 -8.97 -4.42 13.08
N ALA B 179 -8.11 -3.41 13.10
CA ALA B 179 -6.82 -3.51 13.77
C ALA B 179 -6.68 -2.42 14.84
N GLN B 180 -5.76 -2.66 15.78
CA GLN B 180 -5.53 -1.73 16.89
C GLN B 180 -4.79 -0.50 16.38
N MET C 27 20.52 30.19 -6.43
CA MET C 27 20.13 28.88 -5.90
C MET C 27 21.35 27.95 -5.69
N ALA C 28 22.07 27.59 -6.77
CA ALA C 28 23.17 26.63 -6.64
C ALA C 28 24.31 27.21 -5.81
N THR C 29 24.67 26.50 -4.74
CA THR C 29 25.82 26.86 -3.92
C THR C 29 27.05 25.96 -4.11
N LYS C 30 26.90 24.82 -4.78
CA LYS C 30 28.02 23.90 -5.01
C LYS C 30 27.93 23.35 -6.42
N ALA C 31 29.08 23.17 -7.06
CA ALA C 31 29.17 22.56 -8.38
C ALA C 31 30.42 21.68 -8.41
N VAL C 32 30.52 20.81 -9.42
CA VAL C 32 31.67 19.92 -9.54
C VAL C 32 31.89 19.64 -11.02
N CYS C 33 33.11 19.27 -11.38
CA CYS C 33 33.43 19.03 -12.78
C CYS C 33 34.42 17.87 -12.82
N VAL C 34 34.14 16.87 -13.63
CA VAL C 34 35.08 15.76 -13.86
C VAL C 34 35.74 15.99 -15.21
N LEU C 35 37.06 16.21 -15.21
CA LEU C 35 37.80 16.48 -16.42
C LEU C 35 38.32 15.17 -17.00
N LYS C 36 38.08 14.96 -18.29
CA LYS C 36 38.54 13.77 -19.01
C LYS C 36 38.96 14.22 -20.39
N GLY C 37 39.86 13.48 -21.02
CA GLY C 37 40.19 13.83 -22.39
C GLY C 37 40.70 12.60 -23.13
N ASP C 38 41.35 12.78 -24.27
CA ASP C 38 41.85 11.62 -25.01
C ASP C 38 43.10 11.01 -24.40
N GLY C 39 43.84 11.76 -23.62
CA GLY C 39 45.09 11.30 -23.07
C GLY C 39 44.94 11.03 -21.60
N PRO C 40 46.04 11.11 -20.86
CA PRO C 40 46.02 10.78 -19.43
C PRO C 40 45.54 11.90 -18.52
N VAL C 41 45.17 13.08 -19.02
CA VAL C 41 44.82 14.16 -18.10
C VAL C 41 43.43 13.87 -17.53
N GLN C 42 43.35 13.80 -16.21
CA GLN C 42 42.13 13.53 -15.46
C GLN C 42 42.11 14.38 -14.20
N GLY C 43 40.92 14.84 -13.80
CA GLY C 43 40.84 15.60 -12.56
C GLY C 43 39.41 15.78 -12.09
N ILE C 44 39.27 16.23 -10.85
CA ILE C 44 38.00 16.63 -10.28
C ILE C 44 38.18 18.04 -9.70
N ILE C 45 37.32 18.96 -10.12
CA ILE C 45 37.37 20.34 -9.67
C ILE C 45 36.03 20.65 -9.00
N ASN C 46 36.09 21.22 -7.80
CA ASN C 46 34.93 21.59 -7.01
C ASN C 46 34.73 23.09 -7.03
N PHE C 47 33.48 23.53 -6.88
CA PHE C 47 33.10 24.93 -6.79
C PHE C 47 32.17 25.12 -5.59
N GLU C 48 32.36 26.21 -4.86
CA GLU C 48 31.49 26.51 -3.73
C GLU C 48 31.27 28.01 -3.62
N GLN C 49 30.00 28.41 -3.54
CA GLN C 49 29.64 29.83 -3.47
C GLN C 49 28.57 29.96 -2.40
N LYS C 50 28.98 30.26 -1.17
CA LYS C 50 28.00 30.26 -0.08
C LYS C 50 27.06 31.46 -0.12
N GLU C 51 27.43 32.53 -0.82
CA GLU C 51 26.54 33.69 -1.00
C GLU C 51 26.50 34.06 -2.47
N SER C 52 25.30 34.39 -2.95
CA SER C 52 25.07 34.60 -4.38
C SER C 52 25.74 35.84 -4.91
N ASN C 53 26.05 36.81 -4.05
CA ASN C 53 26.75 38.00 -4.51
C ASN C 53 28.20 38.00 -4.04
N GLY C 54 28.69 36.90 -3.49
CA GLY C 54 30.07 36.76 -3.07
C GLY C 54 30.90 35.88 -4.00
N PRO C 55 32.13 35.57 -3.60
CA PRO C 55 33.07 34.86 -4.48
C PRO C 55 32.87 33.35 -4.48
N VAL C 56 33.51 32.71 -5.46
CA VAL C 56 33.47 31.25 -5.65
C VAL C 56 34.83 30.66 -5.30
N LYS C 57 34.85 29.71 -4.38
CA LYS C 57 36.04 28.89 -4.17
C LYS C 57 36.07 27.75 -5.20
N VAL C 58 37.26 27.55 -5.78
CA VAL C 58 37.51 26.53 -6.80
C VAL C 58 38.69 25.72 -6.31
N TRP C 59 38.53 24.40 -6.15
CA TRP C 59 39.64 23.60 -5.67
C TRP C 59 39.48 22.17 -6.16
N GLY C 60 40.62 21.48 -6.23
CA GLY C 60 40.65 20.09 -6.62
C GLY C 60 42.04 19.74 -7.12
N SER C 61 42.12 18.63 -7.82
CA SER C 61 43.39 18.13 -8.32
C SER C 61 43.21 17.67 -9.76
N ILE C 62 44.25 17.88 -10.56
CA ILE C 62 44.31 17.41 -11.94
C ILE C 62 45.62 16.65 -12.08
N LYS C 63 45.58 15.48 -12.71
CA LYS C 63 46.80 14.67 -12.82
C LYS C 63 47.03 14.36 -14.29
N GLY C 64 48.21 13.81 -14.58
CA GLY C 64 48.60 13.49 -15.95
C GLY C 64 49.12 14.64 -16.76
N LEU C 65 49.44 15.77 -16.14
CA LEU C 65 49.89 16.96 -16.85
C LEU C 65 51.41 16.99 -16.97
N THR C 66 51.90 17.66 -18.01
CA THR C 66 53.33 17.98 -18.04
C THR C 66 53.66 18.98 -16.95
N GLU C 67 54.86 18.85 -16.38
CA GLU C 67 55.31 19.77 -15.35
C GLU C 67 55.25 21.20 -15.87
N GLY C 68 54.70 22.11 -15.06
CA GLY C 68 54.62 23.48 -15.51
C GLY C 68 53.21 24.05 -15.54
N LEU C 69 53.04 25.16 -16.26
CA LEU C 69 51.81 25.95 -16.26
C LEU C 69 50.85 25.49 -17.34
N HIS C 70 49.56 25.47 -16.99
CA HIS C 70 48.52 25.10 -17.95
C HIS C 70 47.36 26.07 -17.81
N GLY C 71 46.90 26.60 -18.94
CA GLY C 71 45.73 27.47 -18.94
C GLY C 71 44.48 26.74 -18.50
N PHE C 72 43.61 27.48 -17.81
CA PHE C 72 42.51 26.90 -17.03
C PHE C 72 41.32 27.83 -17.20
N HIS C 73 40.34 27.42 -18.01
CA HIS C 73 39.29 28.32 -18.46
C HIS C 73 37.93 27.64 -18.45
N VAL C 74 36.91 28.42 -18.16
CA VAL C 74 35.53 28.04 -18.46
C VAL C 74 35.23 28.45 -19.88
N HIS C 75 34.80 27.49 -20.70
CA HIS C 75 34.38 27.72 -22.07
C HIS C 75 32.87 27.77 -22.14
N GLU C 76 32.36 28.28 -23.27
CA GLU C 76 30.97 28.75 -23.34
C GLU C 76 29.94 27.63 -23.29
N PHE C 77 30.16 26.51 -24.01
CA PHE C 77 29.15 25.47 -24.12
C PHE C 77 29.55 24.22 -23.34
N GLY C 78 28.55 23.60 -22.70
CA GLY C 78 28.72 22.32 -22.05
C GLY C 78 28.42 21.21 -23.03
N ASP C 79 29.03 21.32 -24.21
CA ASP C 79 28.80 20.44 -25.34
C ASP C 79 30.08 19.63 -25.53
N ASN C 80 30.03 18.34 -25.19
N ASN C 80 30.07 18.35 -25.18
CA ASN C 80 31.15 17.42 -25.33
CA ASN C 80 31.23 17.51 -25.41
C ASN C 80 30.97 16.45 -26.49
C ASN C 80 30.97 16.45 -26.47
N THR C 81 30.10 16.76 -27.44
CA THR C 81 29.80 15.79 -28.50
C THR C 81 30.99 15.55 -29.42
N ALA C 82 31.87 16.53 -29.58
CA ALA C 82 33.12 16.36 -30.32
C ALA C 82 34.30 16.51 -29.37
N GLY C 83 34.21 15.91 -28.20
CA GLY C 83 35.22 16.12 -27.17
C GLY C 83 35.28 17.59 -26.76
N CYS C 84 36.47 18.01 -26.32
CA CYS C 84 36.65 19.36 -25.80
C CYS C 84 36.50 20.43 -26.87
N THR C 85 36.57 20.04 -28.15
CA THR C 85 36.49 21.00 -29.24
C THR C 85 35.12 21.68 -29.29
N SER C 86 34.06 20.90 -29.09
CA SER C 86 32.74 21.50 -29.16
C SER C 86 32.41 22.39 -27.95
N ALA C 87 33.32 22.58 -26.98
CA ALA C 87 33.01 23.52 -25.89
C ALA C 87 33.02 24.97 -26.34
N GLY C 88 33.46 25.27 -27.57
CA GLY C 88 33.48 26.63 -28.05
C GLY C 88 34.58 27.48 -27.42
N PRO C 89 34.44 28.80 -27.53
CA PRO C 89 35.48 29.71 -27.03
C PRO C 89 35.33 29.94 -25.53
N HIS C 90 36.24 30.73 -24.97
CA HIS C 90 36.12 31.10 -23.56
C HIS C 90 34.78 31.75 -23.30
N PHE C 91 34.23 31.50 -22.13
CA PHE C 91 32.95 32.07 -21.72
C PHE C 91 33.12 33.59 -21.55
N ASN C 92 32.39 34.35 -22.37
CA ASN C 92 32.60 35.80 -22.54
C ASN C 92 31.27 36.50 -22.77
N PRO C 93 30.41 36.56 -21.74
CA PRO C 93 29.13 37.28 -21.95
C PRO C 93 29.33 38.77 -22.16
N LEU C 94 30.28 39.38 -21.47
CA LEU C 94 30.51 40.83 -21.51
C LEU C 94 31.34 41.28 -22.70
N SER C 95 31.69 40.33 -23.57
CA SER C 95 32.43 40.61 -24.83
C SER C 95 33.69 41.42 -24.56
N ARG C 96 34.47 41.06 -23.56
CA ARG C 96 35.72 41.78 -23.26
C ARG C 96 36.89 41.16 -24.03
N LYS C 97 38.07 41.19 -23.41
CA LYS C 97 39.29 40.64 -24.02
C LYS C 97 39.92 39.70 -23.00
N HIS C 98 40.67 38.72 -23.49
CA HIS C 98 41.29 37.71 -22.61
C HIS C 98 42.27 38.36 -21.64
N GLY C 99 42.27 37.91 -20.41
CA GLY C 99 43.27 38.34 -19.44
C GLY C 99 43.43 37.33 -18.35
N GLY C 100 44.13 37.74 -17.31
CA GLY C 100 44.26 36.93 -16.11
C GLY C 100 43.07 37.08 -15.21
N PRO C 101 42.97 36.18 -14.23
CA PRO C 101 41.87 36.27 -13.25
C PRO C 101 41.91 37.54 -12.40
N LYS C 102 43.07 38.16 -12.23
CA LYS C 102 43.19 39.39 -11.45
C LYS C 102 43.11 40.65 -12.31
N ASP C 103 43.06 40.51 -13.63
CA ASP C 103 42.80 41.64 -14.51
C ASP C 103 41.35 42.06 -14.42
N GLU C 104 41.11 43.36 -14.60
CA GLU C 104 39.73 43.79 -14.72
C GLU C 104 39.19 43.56 -16.13
N GLU C 105 40.06 43.64 -17.14
CA GLU C 105 39.69 43.23 -18.49
C GLU C 105 40.02 41.74 -18.63
N ARG C 106 38.98 40.90 -18.64
CA ARG C 106 39.15 39.45 -18.74
C ARG C 106 37.83 38.88 -19.23
N HIS C 107 37.90 37.69 -19.83
CA HIS C 107 36.68 36.91 -20.01
C HIS C 107 36.19 36.43 -18.64
N VAL C 108 34.87 36.25 -18.51
CA VAL C 108 34.38 35.65 -17.27
C VAL C 108 35.02 34.29 -17.03
N GLY C 109 35.25 33.53 -18.09
CA GLY C 109 35.86 32.21 -17.90
C GLY C 109 37.36 32.15 -17.67
N ASP C 110 38.07 33.28 -17.56
CA ASP C 110 39.54 33.28 -17.47
C ASP C 110 39.99 33.02 -16.04
N LEU C 111 40.36 31.78 -15.73
CA LEU C 111 40.82 31.42 -14.40
C LEU C 111 42.33 31.21 -14.33
N GLY C 112 43.07 31.72 -15.32
CA GLY C 112 44.52 31.79 -15.17
C GLY C 112 45.23 30.48 -15.50
N ASN C 113 46.28 30.17 -14.75
CA ASN C 113 47.03 28.94 -14.94
C ASN C 113 46.98 28.12 -13.67
N VAL C 114 46.96 26.81 -13.85
CA VAL C 114 47.25 25.91 -12.76
C VAL C 114 48.67 25.40 -12.97
N THR C 115 49.26 24.89 -11.90
CA THR C 115 50.66 24.52 -11.87
C THR C 115 50.78 23.03 -11.61
N ALA C 116 51.31 22.31 -12.59
CA ALA C 116 51.60 20.90 -12.40
C ALA C 116 53.01 20.73 -11.83
N ASP C 117 53.13 19.89 -10.82
CA ASP C 117 54.43 19.61 -10.19
C ASP C 117 55.23 18.58 -11.02
N LYS C 118 56.33 18.09 -10.44
CA LYS C 118 57.19 17.10 -11.13
C LYS C 118 56.46 15.78 -11.38
N ASP C 119 55.49 15.42 -10.54
CA ASP C 119 54.68 14.21 -10.69
C ASP C 119 53.49 14.43 -11.64
N GLY C 120 53.35 15.61 -12.23
CA GLY C 120 52.27 15.89 -13.19
C GLY C 120 50.93 16.18 -12.54
N VAL C 121 50.94 16.53 -11.26
CA VAL C 121 49.74 16.81 -10.47
C VAL C 121 49.65 18.31 -10.22
N ALA C 122 48.49 18.89 -10.53
CA ALA C 122 48.20 20.30 -10.26
C ALA C 122 47.16 20.37 -9.16
N ASP C 123 47.53 20.93 -8.02
CA ASP C 123 46.58 21.16 -6.94
C ASP C 123 45.99 22.55 -7.13
N VAL C 124 44.67 22.62 -7.30
CA VAL C 124 43.97 23.84 -7.63
C VAL C 124 43.35 24.40 -6.36
N SER C 125 43.54 25.70 -6.14
CA SER C 125 42.91 26.37 -4.99
C SER C 125 42.84 27.85 -5.36
N ILE C 126 41.68 28.27 -5.84
CA ILE C 126 41.44 29.60 -6.36
C ILE C 126 40.22 30.14 -5.61
N GLU C 127 40.22 31.46 -5.40
CA GLU C 127 39.00 32.18 -5.04
C GLU C 127 38.77 33.20 -6.14
N ASP C 128 37.59 33.20 -6.74
CA ASP C 128 37.36 34.12 -7.84
C ASP C 128 36.04 34.85 -7.60
N SER C 129 35.98 36.12 -8.01
CA SER C 129 34.80 36.95 -7.76
C SER C 129 34.09 37.37 -9.03
N VAL C 130 34.52 36.88 -10.18
CA VAL C 130 33.85 37.18 -11.44
C VAL C 130 32.91 36.05 -11.86
N ILE C 131 33.38 34.80 -11.80
CA ILE C 131 32.49 33.67 -12.08
C ILE C 131 31.43 33.60 -10.98
N SER C 132 30.30 32.98 -11.31
CA SER C 132 29.25 32.74 -10.32
C SER C 132 28.60 31.39 -10.60
N LEU C 133 27.94 30.85 -9.58
CA LEU C 133 27.13 29.65 -9.76
C LEU C 133 25.64 29.95 -9.94
N SER C 134 25.28 31.22 -10.16
CA SER C 134 23.91 31.63 -10.48
C SER C 134 23.97 32.96 -11.21
N GLY C 135 22.86 33.33 -11.87
CA GLY C 135 22.76 34.62 -12.54
C GLY C 135 23.41 34.64 -13.92
N ASP C 136 23.75 35.85 -14.38
CA ASP C 136 24.22 35.99 -15.77
C ASP C 136 25.65 35.47 -15.96
N HIS C 137 26.47 35.47 -14.92
CA HIS C 137 27.82 34.94 -15.00
C HIS C 137 27.88 33.49 -14.56
N CYS C 138 26.71 32.81 -14.59
CA CYS C 138 26.63 31.44 -14.11
C CYS C 138 27.44 30.52 -15.02
N ILE C 139 28.21 29.63 -14.40
CA ILE C 139 29.06 28.71 -15.16
C ILE C 139 28.55 27.27 -15.11
N ILE C 140 27.45 27.02 -14.40
CA ILE C 140 26.82 25.71 -14.41
C ILE C 140 26.39 25.37 -15.83
N GLY C 141 26.68 24.15 -16.27
CA GLY C 141 26.28 23.78 -17.61
C GLY C 141 27.26 24.17 -18.69
N ARG C 142 28.34 24.84 -18.32
CA ARG C 142 29.38 25.18 -19.27
C ARG C 142 30.52 24.20 -19.06
N THR C 143 31.61 24.39 -19.78
CA THR C 143 32.71 23.40 -19.78
C THR C 143 33.98 24.00 -19.22
N LEU C 144 34.58 23.32 -18.25
CA LEU C 144 35.88 23.67 -17.73
C LEU C 144 36.93 22.92 -18.56
N VAL C 145 37.98 23.62 -18.98
CA VAL C 145 39.01 23.05 -19.86
C VAL C 145 40.38 23.34 -19.27
N VAL C 146 41.25 22.33 -19.26
CA VAL C 146 42.65 22.53 -18.93
C VAL C 146 43.44 22.40 -20.23
N HIS C 147 44.34 23.33 -20.48
CA HIS C 147 44.96 23.49 -21.79
C HIS C 147 46.40 22.97 -21.78
N GLU C 148 46.93 22.84 -23.00
CA GLU C 148 48.25 22.24 -23.21
C GLU C 148 49.38 23.14 -22.71
N LYS C 149 49.28 24.44 -22.93
CA LYS C 149 50.35 25.40 -22.66
C LYS C 149 49.90 26.44 -21.63
N ALA C 150 50.86 27.21 -21.16
CA ALA C 150 50.57 28.32 -20.26
C ALA C 150 49.72 29.37 -20.96
N ASP C 151 48.89 30.03 -20.16
CA ASP C 151 48.12 31.19 -20.60
C ASP C 151 49.01 32.42 -20.40
N ASP C 152 49.21 33.19 -21.46
CA ASP C 152 50.05 34.38 -21.31
C ASP C 152 49.32 35.53 -20.61
N LEU C 153 48.06 35.30 -20.21
CA LEU C 153 47.23 36.26 -19.47
C LEU C 153 46.86 37.46 -20.34
N GLY C 154 46.77 37.26 -21.65
CA GLY C 154 46.42 38.33 -22.57
C GLY C 154 47.55 39.27 -22.95
N LYS C 155 48.67 39.22 -22.24
CA LYS C 155 49.82 40.10 -22.47
C LYS C 155 50.87 39.43 -23.37
N GLY C 156 50.46 38.96 -24.54
CA GLY C 156 51.34 38.20 -25.41
C GLY C 156 51.75 38.93 -26.68
N GLY C 157 51.24 40.13 -26.89
CA GLY C 157 51.67 40.93 -28.01
C GLY C 157 51.25 40.42 -29.37
N ASN C 158 50.17 39.65 -29.46
CA ASN C 158 49.65 39.26 -30.77
C ASN C 158 48.16 39.04 -30.65
N GLU C 159 47.52 38.84 -31.81
CA GLU C 159 46.07 38.73 -31.86
C GLU C 159 45.57 37.55 -31.04
N GLU C 160 46.20 36.39 -31.22
CA GLU C 160 45.74 35.18 -30.55
C GLU C 160 45.88 35.28 -29.04
N SER C 161 46.74 36.19 -28.55
CA SER C 161 46.86 36.38 -27.11
C SER C 161 45.59 36.96 -26.51
N THR C 162 44.91 37.83 -27.27
CA THR C 162 43.70 38.52 -26.80
C THR C 162 42.45 37.65 -26.87
N LYS C 163 42.54 36.47 -27.50
CA LYS C 163 41.46 35.51 -27.58
C LYS C 163 41.61 34.36 -26.59
N THR C 164 42.79 33.72 -26.60
CA THR C 164 43.01 32.50 -25.85
C THR C 164 44.21 32.54 -24.93
N GLY C 165 45.02 33.61 -24.96
CA GLY C 165 46.24 33.61 -24.21
C GLY C 165 47.30 32.65 -24.73
N ASN C 166 47.14 32.17 -25.97
CA ASN C 166 48.03 31.19 -26.59
C ASN C 166 48.21 29.94 -25.72
N ALA C 167 47.12 29.47 -25.11
CA ALA C 167 47.22 28.32 -24.24
C ALA C 167 47.17 26.98 -25.00
N GLY C 168 46.85 27.00 -26.28
CA GLY C 168 47.00 25.80 -27.10
C GLY C 168 45.85 24.81 -27.03
N SER C 169 46.16 23.53 -27.27
CA SER C 169 45.09 22.55 -27.42
C SER C 169 44.44 22.26 -26.07
N ARG C 170 43.31 21.56 -26.13
CA ARG C 170 42.52 21.23 -24.95
C ARG C 170 42.84 19.81 -24.52
N LEU C 171 43.45 19.68 -23.34
CA LEU C 171 43.90 18.36 -22.88
C LEU C 171 42.78 17.56 -22.22
N ALA C 172 41.92 18.23 -21.47
CA ALA C 172 40.80 17.55 -20.80
C ALA C 172 39.71 18.56 -20.50
N CYS C 173 38.49 18.05 -20.34
CA CYS C 173 37.39 18.97 -20.06
C CYS C 173 36.23 18.20 -19.42
N GLY C 174 35.26 18.96 -18.93
CA GLY C 174 34.04 18.35 -18.44
C GLY C 174 32.98 19.43 -18.28
N VAL C 175 31.73 18.99 -18.20
CA VAL C 175 30.62 19.92 -17.95
C VAL C 175 30.54 20.20 -16.45
N ILE C 176 30.36 21.47 -16.09
CA ILE C 176 30.23 21.86 -14.70
C ILE C 176 28.78 21.59 -14.27
N GLY C 177 28.62 20.75 -13.27
CA GLY C 177 27.30 20.32 -12.88
C GLY C 177 26.97 20.70 -11.46
N ILE C 178 25.67 20.75 -11.16
CA ILE C 178 25.22 21.09 -9.81
C ILE C 178 25.61 19.96 -8.87
N ALA C 179 26.16 20.31 -7.71
CA ALA C 179 26.60 19.31 -6.76
C ALA C 179 25.83 19.45 -5.45
N GLN C 180 25.83 18.37 -4.69
CA GLN C 180 25.10 18.35 -3.42
C GLN C 180 25.78 19.22 -2.38
N ALA D 28 19.13 30.13 -22.11
CA ALA D 28 19.43 28.87 -22.79
C ALA D 28 18.23 28.33 -23.56
N THR D 29 18.37 28.15 -24.87
CA THR D 29 17.33 27.50 -25.65
C THR D 29 17.73 26.13 -26.17
N LYS D 30 19.00 25.75 -26.05
CA LYS D 30 19.44 24.43 -26.50
C LYS D 30 20.36 23.83 -25.46
N ALA D 31 20.29 22.51 -25.33
CA ALA D 31 21.17 21.79 -24.42
C ALA D 31 21.54 20.47 -25.06
N VAL D 32 22.57 19.84 -24.51
CA VAL D 32 23.04 18.56 -25.04
C VAL D 32 23.59 17.71 -23.92
N CYS D 33 23.55 16.40 -24.11
CA CYS D 33 24.05 15.48 -23.12
C CYS D 33 24.73 14.32 -23.82
N VAL D 34 25.94 14.00 -23.41
CA VAL D 34 26.64 12.82 -23.94
C VAL D 34 26.55 11.72 -22.89
N LEU D 35 25.83 10.66 -23.22
CA LEU D 35 25.59 9.56 -22.29
C LEU D 35 26.71 8.53 -22.43
N LYS D 36 27.35 8.21 -21.32
CA LYS D 36 28.42 7.22 -21.34
C LYS D 36 28.27 6.33 -20.14
N GLY D 37 28.79 5.11 -20.25
CA GLY D 37 28.78 4.24 -19.10
C GLY D 37 29.90 3.22 -19.20
N ASP D 38 29.89 2.26 -18.29
CA ASP D 38 30.94 1.25 -18.30
C ASP D 38 30.62 0.06 -19.18
N GLY D 39 29.44 0.00 -19.78
CA GLY D 39 29.12 -1.05 -20.71
C GLY D 39 28.98 -0.55 -22.14
N PRO D 40 28.14 -1.22 -22.94
CA PRO D 40 28.02 -0.83 -24.35
C PRO D 40 27.08 0.34 -24.59
N VAL D 41 26.46 0.88 -23.56
CA VAL D 41 25.43 1.90 -23.77
C VAL D 41 26.08 3.27 -23.92
N GLN D 42 25.75 3.99 -24.99
CA GLN D 42 26.22 5.35 -25.16
C GLN D 42 25.31 6.07 -26.14
N GLY D 43 25.26 7.39 -26.01
CA GLY D 43 24.37 8.11 -26.89
C GLY D 43 24.57 9.60 -26.75
N ILE D 44 23.85 10.34 -27.59
CA ILE D 44 23.81 11.80 -27.51
C ILE D 44 22.36 12.22 -27.51
N ILE D 45 22.00 13.10 -26.57
CA ILE D 45 20.62 13.54 -26.45
C ILE D 45 20.61 15.06 -26.51
N ASN D 46 19.76 15.61 -27.37
CA ASN D 46 19.61 17.04 -27.57
C ASN D 46 18.36 17.54 -26.86
N PHE D 47 18.40 18.81 -26.44
CA PHE D 47 17.23 19.46 -25.86
C PHE D 47 17.03 20.80 -26.55
N GLU D 48 15.77 21.17 -26.78
CA GLU D 48 15.50 22.45 -27.41
C GLU D 48 14.23 23.03 -26.81
N GLN D 49 14.29 24.30 -26.39
CA GLN D 49 13.13 25.01 -25.86
C GLN D 49 13.10 26.38 -26.51
N LYS D 50 12.32 26.52 -27.58
CA LYS D 50 12.25 27.80 -28.28
C LYS D 50 11.68 28.90 -27.39
N GLU D 51 10.68 28.58 -26.58
CA GLU D 51 10.08 29.56 -25.69
C GLU D 51 10.20 29.11 -24.25
N SER D 52 10.53 30.05 -23.36
CA SER D 52 10.73 29.67 -21.97
C SER D 52 9.45 29.24 -21.28
N ASN D 53 8.28 29.52 -21.86
CA ASN D 53 7.00 29.04 -21.34
C ASN D 53 6.47 27.84 -22.11
N GLY D 54 7.30 27.19 -22.93
CA GLY D 54 6.83 26.15 -23.80
C GLY D 54 7.56 24.84 -23.53
N PRO D 55 7.19 23.82 -24.28
CA PRO D 55 7.74 22.48 -24.08
C PRO D 55 9.20 22.43 -24.46
N VAL D 56 9.88 21.41 -23.92
CA VAL D 56 11.25 21.09 -24.30
C VAL D 56 11.17 19.87 -25.19
N LYS D 57 11.78 19.95 -26.37
CA LYS D 57 11.91 18.80 -27.25
C LYS D 57 13.19 18.07 -26.88
N VAL D 58 13.10 16.74 -26.80
CA VAL D 58 14.22 15.90 -26.38
C VAL D 58 14.39 14.84 -27.45
N TRP D 59 15.58 14.77 -28.07
CA TRP D 59 15.74 13.80 -29.14
C TRP D 59 17.21 13.44 -29.31
N GLY D 60 17.42 12.28 -29.89
CA GLY D 60 18.77 11.80 -30.12
C GLY D 60 18.74 10.30 -30.25
N SER D 61 19.92 9.71 -30.16
N SER D 61 19.92 9.71 -30.16
CA SER D 61 20.07 8.28 -30.33
CA SER D 61 20.08 8.28 -30.35
C SER D 61 20.92 7.71 -29.21
C SER D 61 20.93 7.69 -29.22
N ILE D 62 20.61 6.66 -28.70
CA ILE D 62 21.29 5.76 -27.72
C ILE D 62 21.42 4.33 -28.26
N LYS D 63 22.64 3.79 -28.22
CA LYS D 63 22.91 2.43 -28.73
C LYS D 63 23.34 1.55 -27.57
N GLY D 64 23.37 0.24 -27.81
CA GLY D 64 23.85 -0.72 -26.81
C GLY D 64 22.80 -1.13 -25.81
N LEU D 65 21.54 -0.80 -26.05
CA LEU D 65 20.47 -1.13 -25.08
C LEU D 65 19.75 -2.42 -25.46
N THR D 66 19.37 -3.23 -24.47
CA THR D 66 18.51 -4.37 -24.76
C THR D 66 17.19 -3.89 -25.33
N GLU D 67 16.69 -4.63 -26.32
CA GLU D 67 15.44 -4.29 -27.00
C GLU D 67 14.33 -4.11 -25.98
N GLY D 68 13.53 -3.05 -26.16
CA GLY D 68 12.42 -2.82 -25.26
C GLY D 68 12.55 -1.51 -24.50
N LEU D 69 11.85 -1.40 -23.38
CA LEU D 69 11.68 -0.15 -22.64
C LEU D 69 12.78 0.06 -21.60
N HIS D 70 13.26 1.29 -21.49
CA HIS D 70 14.26 1.69 -20.51
C HIS D 70 13.88 3.00 -19.85
N GLY D 71 13.89 3.04 -18.52
CA GLY D 71 13.65 4.29 -17.82
C GLY D 71 14.65 5.37 -18.22
N PHE D 72 14.19 6.61 -18.23
CA PHE D 72 14.93 7.71 -18.86
C PHE D 72 14.63 8.95 -18.01
N HIS D 73 15.56 9.33 -17.13
CA HIS D 73 15.26 10.29 -16.08
C HIS D 73 16.34 11.34 -15.93
N VAL D 74 15.93 12.54 -15.54
CA VAL D 74 16.86 13.56 -15.09
C VAL D 74 17.04 13.39 -13.59
N HIS D 75 18.29 13.22 -13.15
CA HIS D 75 18.62 13.04 -11.75
C HIS D 75 19.13 14.36 -11.20
N GLU D 76 19.09 14.49 -9.87
CA GLU D 76 19.22 15.80 -9.24
C GLU D 76 20.59 16.46 -9.51
N PHE D 77 21.69 15.72 -9.43
CA PHE D 77 23.02 16.31 -9.43
C PHE D 77 23.80 16.03 -10.72
N GLY D 78 24.53 17.04 -11.19
CA GLY D 78 25.44 16.90 -12.33
C GLY D 78 26.82 16.49 -11.87
N ASP D 79 26.85 15.48 -11.01
CA ASP D 79 28.05 15.04 -10.30
C ASP D 79 28.36 13.62 -10.78
N ASN D 80 29.42 13.50 -11.58
N ASN D 80 29.38 13.48 -11.60
CA ASN D 80 29.86 12.24 -12.15
CA ASN D 80 29.77 12.15 -12.08
C ASN D 80 31.12 11.71 -11.47
C ASN D 80 31.12 11.72 -11.48
N THR D 81 31.44 12.19 -10.27
CA THR D 81 32.68 11.77 -9.62
C THR D 81 32.69 10.29 -9.31
N ALA D 82 31.53 9.70 -9.09
CA ALA D 82 31.40 8.27 -8.82
C ALA D 82 30.62 7.60 -9.95
N GLY D 83 30.84 8.04 -11.18
CA GLY D 83 29.98 7.55 -12.24
C GLY D 83 28.55 8.02 -12.03
N CYS D 84 27.61 7.20 -12.49
CA CYS D 84 26.21 7.61 -12.48
C CYS D 84 25.63 7.59 -11.07
N THR D 85 26.28 6.87 -10.15
CA THR D 85 25.81 6.79 -8.77
C THR D 85 25.75 8.16 -8.11
N SER D 86 26.74 9.02 -8.38
CA SER D 86 26.74 10.30 -7.68
C SER D 86 25.74 11.30 -8.25
N ALA D 87 24.94 10.92 -9.26
CA ALA D 87 23.91 11.85 -9.74
C ALA D 87 22.75 12.00 -8.76
N GLY D 88 22.65 11.13 -7.75
CA GLY D 88 21.60 11.24 -6.77
C GLY D 88 20.28 10.72 -7.30
N PRO D 89 19.17 11.13 -6.66
CA PRO D 89 17.86 10.59 -7.03
C PRO D 89 17.27 11.36 -8.20
N HIS D 90 16.03 11.05 -8.58
CA HIS D 90 15.39 11.82 -9.65
C HIS D 90 15.24 13.27 -9.20
N PHE D 91 15.44 14.20 -10.13
CA PHE D 91 15.26 15.63 -9.87
C PHE D 91 13.81 15.87 -9.45
N ASN D 92 13.61 16.32 -8.22
CA ASN D 92 12.28 16.31 -7.61
C ASN D 92 12.11 17.52 -6.71
N PRO D 93 12.20 18.73 -7.27
CA PRO D 93 12.18 19.93 -6.42
C PRO D 93 10.83 20.18 -5.75
N LEU D 94 9.74 19.58 -6.23
CA LEU D 94 8.45 19.72 -5.56
C LEU D 94 8.12 18.54 -4.66
N SER D 95 9.10 17.67 -4.40
CA SER D 95 8.97 16.49 -3.50
C SER D 95 7.68 15.71 -3.76
N ARG D 96 7.46 15.34 -5.01
CA ARG D 96 6.33 14.51 -5.36
C ARG D 96 6.74 13.04 -5.42
N LYS D 97 5.74 12.17 -5.57
CA LYS D 97 6.04 10.77 -5.85
C LYS D 97 6.35 10.59 -7.34
N HIS D 98 7.06 9.50 -7.63
CA HIS D 98 7.41 9.18 -9.01
C HIS D 98 6.16 8.93 -9.85
N GLY D 99 6.19 9.40 -11.09
CA GLY D 99 5.11 9.14 -12.01
C GLY D 99 5.59 9.06 -13.43
N GLY D 100 4.67 8.97 -14.38
CA GLY D 100 5.01 9.03 -15.78
C GLY D 100 4.93 10.46 -16.24
N PRO D 101 5.48 10.78 -17.40
CA PRO D 101 5.53 12.18 -17.82
C PRO D 101 4.16 12.82 -17.95
N LYS D 102 3.12 12.03 -18.22
CA LYS D 102 1.79 12.63 -18.38
C LYS D 102 1.02 12.76 -17.08
N ASP D 103 1.58 12.30 -15.96
CA ASP D 103 0.91 12.41 -14.66
C ASP D 103 1.13 13.77 -14.05
N GLU D 104 0.12 14.28 -13.35
CA GLU D 104 0.35 15.51 -12.60
C GLU D 104 1.22 15.24 -11.38
N GLU D 105 1.07 14.07 -10.76
CA GLU D 105 1.95 13.65 -9.67
C GLU D 105 3.17 12.97 -10.28
N ARG D 106 4.28 13.71 -10.40
CA ARG D 106 5.51 13.15 -10.94
C ARG D 106 6.68 13.97 -10.43
N HIS D 107 7.87 13.40 -10.54
CA HIS D 107 9.10 14.17 -10.38
C HIS D 107 9.31 15.04 -11.62
N VAL D 108 9.92 16.21 -11.43
CA VAL D 108 10.29 17.00 -12.61
C VAL D 108 11.15 16.16 -13.57
N GLY D 109 12.07 15.36 -13.04
CA GLY D 109 12.91 14.55 -13.93
C GLY D 109 12.28 13.32 -14.56
N ASP D 110 10.97 13.10 -14.40
CA ASP D 110 10.33 11.86 -14.86
C ASP D 110 9.95 11.94 -16.34
N LEU D 111 10.89 11.57 -17.22
CA LEU D 111 10.62 11.57 -18.65
C LEU D 111 10.14 10.20 -19.17
N GLY D 112 9.89 9.24 -18.28
CA GLY D 112 9.24 8.01 -18.69
C GLY D 112 10.20 6.99 -19.27
N ASN D 113 9.81 6.35 -20.36
CA ASN D 113 10.65 5.32 -20.99
C ASN D 113 11.13 5.79 -22.35
N VAL D 114 12.26 5.23 -22.77
CA VAL D 114 12.66 5.23 -24.17
C VAL D 114 12.72 3.77 -24.62
N THR D 115 12.56 3.53 -25.92
CA THR D 115 12.39 2.18 -26.43
C THR D 115 13.51 1.90 -27.42
N ALA D 116 14.28 0.84 -27.18
CA ALA D 116 15.33 0.42 -28.08
C ALA D 116 14.79 -0.63 -29.03
N ASP D 117 15.20 -0.55 -30.30
CA ASP D 117 14.74 -1.47 -31.33
C ASP D 117 15.53 -2.78 -31.23
N LYS D 118 15.34 -3.68 -32.21
CA LYS D 118 16.00 -4.98 -32.11
C LYS D 118 17.51 -4.89 -32.32
N ASP D 119 18.01 -3.79 -32.89
CA ASP D 119 19.45 -3.56 -32.99
C ASP D 119 20.03 -2.95 -31.73
N GLY D 120 19.22 -2.69 -30.71
CA GLY D 120 19.70 -2.04 -29.51
C GLY D 120 19.69 -0.52 -29.52
N VAL D 121 18.98 0.10 -30.46
CA VAL D 121 19.06 1.54 -30.68
C VAL D 121 17.75 2.18 -30.27
N ALA D 122 17.84 3.19 -29.40
CA ALA D 122 16.70 4.00 -28.98
C ALA D 122 16.79 5.32 -29.72
N ASP D 123 15.85 5.56 -30.64
CA ASP D 123 15.77 6.83 -31.36
C ASP D 123 14.79 7.69 -30.58
N VAL D 124 15.33 8.41 -29.59
CA VAL D 124 14.52 9.09 -28.59
C VAL D 124 13.76 10.25 -29.23
N SER D 125 12.48 10.37 -28.91
CA SER D 125 11.70 11.52 -29.38
C SER D 125 10.64 11.79 -28.32
N ILE D 126 10.87 12.84 -27.51
CA ILE D 126 10.03 13.19 -26.36
C ILE D 126 9.77 14.69 -26.39
N GLU D 127 8.55 15.07 -26.02
CA GLU D 127 8.23 16.47 -25.75
C GLU D 127 7.68 16.56 -24.34
N ASP D 128 8.26 17.44 -23.53
CA ASP D 128 7.85 17.53 -22.14
C ASP D 128 7.71 18.98 -21.71
N SER D 129 6.67 19.28 -20.95
N SER D 129 6.65 19.27 -20.95
CA SER D 129 6.42 20.65 -20.53
CA SER D 129 6.35 20.63 -20.51
C SER D 129 6.73 20.89 -19.07
C SER D 129 6.63 20.85 -19.03
N VAL D 130 7.22 19.88 -18.34
CA VAL D 130 7.55 20.04 -16.93
C VAL D 130 9.03 20.33 -16.73
N ILE D 131 9.92 19.64 -17.46
CA ILE D 131 11.31 20.09 -17.46
C ILE D 131 11.42 21.43 -18.20
N SER D 132 12.49 22.16 -17.92
CA SER D 132 12.73 23.43 -18.58
C SER D 132 14.23 23.59 -18.73
N LEU D 133 14.63 24.44 -19.66
CA LEU D 133 16.02 24.85 -19.75
C LEU D 133 16.29 26.16 -19.00
N SER D 134 15.33 26.66 -18.25
CA SER D 134 15.57 27.82 -17.40
C SER D 134 14.64 27.76 -16.19
N GLY D 135 14.91 28.62 -15.21
CA GLY D 135 14.03 28.74 -14.06
C GLY D 135 14.16 27.61 -13.06
N ASP D 136 13.11 27.47 -12.24
CA ASP D 136 13.13 26.54 -11.10
C ASP D 136 13.31 25.11 -11.56
N HIS D 137 12.70 24.76 -12.68
CA HIS D 137 12.73 23.39 -13.18
C HIS D 137 13.84 23.19 -14.19
N CYS D 138 14.86 24.04 -14.15
CA CYS D 138 15.92 23.99 -15.14
C CYS D 138 16.71 22.68 -14.96
N ILE D 139 16.97 21.98 -16.06
CA ILE D 139 17.71 20.71 -15.97
C ILE D 139 19.16 20.85 -16.41
N ILE D 140 19.56 22.06 -16.84
N ILE D 140 19.56 22.04 -16.87
CA ILE D 140 20.96 22.34 -17.15
CA ILE D 140 20.97 22.25 -17.24
C ILE D 140 21.81 22.09 -15.92
C ILE D 140 21.83 22.14 -16.00
N GLY D 141 22.93 21.39 -16.11
CA GLY D 141 23.81 21.11 -15.00
C GLY D 141 23.41 19.90 -14.18
N ARG D 142 22.35 19.21 -14.57
CA ARG D 142 21.94 17.99 -13.90
C ARG D 142 22.33 16.82 -14.78
N THR D 143 21.95 15.61 -14.38
CA THR D 143 22.42 14.39 -15.04
C THR D 143 21.25 13.65 -15.66
N LEU D 144 21.35 13.37 -16.96
CA LEU D 144 20.40 12.48 -17.61
C LEU D 144 20.92 11.06 -17.50
N VAL D 145 20.04 10.11 -17.17
CA VAL D 145 20.42 8.70 -16.96
C VAL D 145 19.47 7.81 -17.75
N VAL D 146 20.01 6.81 -18.43
CA VAL D 146 19.18 5.77 -19.03
C VAL D 146 19.37 4.50 -18.20
N HIS D 147 18.26 3.85 -17.88
CA HIS D 147 18.24 2.79 -16.89
C HIS D 147 18.13 1.40 -17.52
N GLU D 148 18.35 0.41 -16.67
CA GLU D 148 18.45 -0.99 -17.07
C GLU D 148 17.10 -1.61 -17.45
N LYS D 149 16.03 -1.22 -16.76
CA LYS D 149 14.70 -1.81 -16.97
C LYS D 149 13.66 -0.75 -17.29
N ALA D 150 12.46 -1.23 -17.62
CA ALA D 150 11.34 -0.31 -17.85
C ALA D 150 10.97 0.44 -16.58
N ASP D 151 10.65 1.71 -16.75
CA ASP D 151 10.05 2.51 -15.70
C ASP D 151 8.56 2.15 -15.63
N ASP D 152 8.06 1.76 -14.45
CA ASP D 152 6.65 1.38 -14.38
C ASP D 152 5.74 2.59 -14.20
N LEU D 153 6.29 3.79 -14.33
CA LEU D 153 5.54 5.06 -14.31
C LEU D 153 4.79 5.26 -13.00
N GLY D 154 5.30 4.66 -11.93
CA GLY D 154 4.72 4.82 -10.62
C GLY D 154 3.54 3.92 -10.33
N LYS D 155 3.26 2.95 -11.20
CA LYS D 155 2.06 2.13 -11.10
C LYS D 155 2.38 0.73 -10.60
N GLY D 156 3.56 0.54 -10.02
CA GLY D 156 4.04 -0.78 -9.64
C GLY D 156 3.54 -1.28 -8.30
N GLY D 157 2.98 -0.40 -7.47
CA GLY D 157 2.38 -0.80 -6.19
C GLY D 157 3.36 -1.15 -5.09
N ASN D 158 4.66 -1.04 -5.33
CA ASN D 158 5.61 -1.27 -4.25
C ASN D 158 6.32 0.04 -3.94
N GLU D 159 7.10 0.03 -2.86
CA GLU D 159 7.79 1.23 -2.44
C GLU D 159 8.70 1.76 -3.53
N GLU D 160 9.40 0.87 -4.23
CA GLU D 160 10.37 1.30 -5.22
C GLU D 160 9.68 2.02 -6.37
N SER D 161 8.43 1.64 -6.67
CA SER D 161 7.74 2.25 -7.78
C SER D 161 7.57 3.74 -7.56
N THR D 162 7.28 4.15 -6.31
CA THR D 162 7.04 5.55 -5.97
C THR D 162 8.32 6.36 -5.92
N LYS D 163 9.49 5.74 -6.03
CA LYS D 163 10.77 6.43 -6.03
C LYS D 163 11.48 6.42 -7.37
N THR D 164 11.64 5.24 -7.98
CA THR D 164 12.42 5.07 -9.18
C THR D 164 11.66 4.46 -10.33
N GLY D 165 10.40 4.06 -10.13
CA GLY D 165 9.71 3.33 -11.15
C GLY D 165 10.20 1.91 -11.36
N ASN D 166 11.01 1.37 -10.43
CA ASN D 166 11.62 0.04 -10.57
C ASN D 166 12.49 -0.06 -11.82
N ALA D 167 13.08 1.07 -12.26
CA ALA D 167 13.85 1.07 -13.50
C ALA D 167 15.27 0.52 -13.32
N GLY D 168 15.70 0.20 -12.10
CA GLY D 168 16.92 -0.60 -11.97
C GLY D 168 18.18 0.21 -12.19
N SER D 169 19.26 -0.47 -12.62
CA SER D 169 20.59 0.12 -12.61
C SER D 169 20.73 1.25 -13.63
N ARG D 170 21.76 2.07 -13.40
CA ARG D 170 22.09 3.20 -14.28
C ARG D 170 23.10 2.73 -15.33
N LEU D 171 22.65 2.62 -16.58
CA LEU D 171 23.52 2.09 -17.63
C LEU D 171 24.44 3.16 -18.23
N ALA D 172 23.97 4.40 -18.35
CA ALA D 172 24.82 5.42 -18.93
C ALA D 172 24.24 6.76 -18.48
N CYS D 173 25.10 7.78 -18.43
CA CYS D 173 24.63 9.09 -17.96
C CYS D 173 25.59 10.16 -18.46
N GLY D 174 25.15 11.41 -18.29
CA GLY D 174 26.01 12.52 -18.64
C GLY D 174 25.40 13.77 -18.05
N VAL D 175 26.23 14.77 -17.88
CA VAL D 175 25.75 16.06 -17.40
C VAL D 175 25.14 16.83 -18.56
N ILE D 176 24.01 17.49 -18.31
CA ILE D 176 23.32 18.26 -19.32
C ILE D 176 23.98 19.63 -19.43
N GLY D 177 24.50 19.95 -20.62
CA GLY D 177 25.24 21.19 -20.80
C GLY D 177 24.59 22.16 -21.77
N ILE D 178 24.90 23.45 -21.63
N ILE D 178 24.90 23.45 -21.63
CA ILE D 178 24.39 24.44 -22.57
CA ILE D 178 24.37 24.44 -22.57
C ILE D 178 24.98 24.20 -23.95
C ILE D 178 24.98 24.22 -23.94
N ALA D 179 24.14 24.23 -24.97
CA ALA D 179 24.56 24.00 -26.34
C ALA D 179 24.35 25.26 -27.17
N GLN D 180 25.07 25.35 -28.28
CA GLN D 180 25.00 26.54 -29.13
C GLN D 180 23.69 26.58 -29.91
N MET E 27 -26.66 4.25 10.80
CA MET E 27 -25.85 5.45 11.00
C MET E 27 -26.59 6.53 11.80
N ALA E 28 -27.84 6.83 11.42
CA ALA E 28 -28.60 7.88 12.10
C ALA E 28 -28.97 7.45 13.51
N THR E 29 -28.62 8.28 14.51
CA THR E 29 -28.99 7.98 15.89
C THR E 29 -30.08 8.88 16.42
N LYS E 30 -30.37 10.00 15.73
CA LYS E 30 -31.41 10.92 16.16
C LYS E 30 -32.25 11.34 14.97
N ALA E 31 -33.55 11.49 15.20
CA ALA E 31 -34.47 12.00 14.19
C ALA E 31 -35.43 12.97 14.88
N VAL E 32 -36.17 13.72 14.08
CA VAL E 32 -37.13 14.68 14.63
C VAL E 32 -38.24 14.82 13.62
N CYS E 33 -39.41 15.20 14.10
CA CYS E 33 -40.55 15.37 13.22
C CYS E 33 -41.38 16.56 13.71
N VAL E 34 -41.72 17.47 12.80
CA VAL E 34 -42.58 18.61 13.11
C VAL E 34 -43.95 18.30 12.54
N LEU E 35 -44.94 18.17 13.42
CA LEU E 35 -46.31 17.86 13.02
C LEU E 35 -47.11 19.15 12.79
N LYS E 36 -47.74 19.24 11.62
CA LYS E 36 -48.59 20.36 11.24
C LYS E 36 -49.75 19.80 10.44
N GLY E 37 -50.89 20.48 10.49
CA GLY E 37 -52.02 20.05 9.70
C GLY E 37 -52.90 21.22 9.25
N ASP E 38 -54.11 20.92 8.77
CA ASP E 38 -55.00 21.99 8.36
C ASP E 38 -55.71 22.66 9.52
N GLY E 39 -55.78 22.00 10.68
CA GLY E 39 -56.36 22.59 11.86
C GLY E 39 -55.27 23.10 12.78
N PRO E 40 -55.55 23.09 14.09
CA PRO E 40 -54.62 23.67 15.06
C PRO E 40 -53.61 22.70 15.67
N VAL E 41 -53.56 21.45 15.24
CA VAL E 41 -52.69 20.48 15.89
C VAL E 41 -51.25 20.72 15.46
N GLN E 42 -50.37 20.89 16.45
CA GLN E 42 -48.96 21.19 16.27
C GLN E 42 -48.15 20.37 17.26
N GLY E 43 -46.99 19.88 16.84
CA GLY E 43 -46.14 19.15 17.76
C GLY E 43 -44.74 18.98 17.23
N ILE E 44 -43.82 18.71 18.15
CA ILE E 44 -42.45 18.32 17.83
C ILE E 44 -42.20 16.97 18.49
N ILE E 45 -41.79 15.99 17.70
CA ILE E 45 -41.50 14.64 18.19
C ILE E 45 -40.05 14.30 17.88
N ASN E 46 -39.31 13.88 18.91
CA ASN E 46 -37.91 13.48 18.82
C ASN E 46 -37.76 11.97 18.86
N PHE E 47 -36.72 11.49 18.18
CA PHE E 47 -36.39 10.06 18.15
C PHE E 47 -34.93 9.90 18.47
N GLU E 48 -34.60 8.89 19.28
CA GLU E 48 -33.21 8.61 19.58
C GLU E 48 -33.00 7.11 19.63
N GLN E 49 -31.90 6.65 19.01
CA GLN E 49 -31.57 5.23 18.95
C GLN E 49 -30.06 5.16 19.11
N LYS E 50 -29.61 4.89 20.33
CA LYS E 50 -28.17 4.94 20.55
C LYS E 50 -27.45 3.70 20.04
N GLU E 51 -28.17 2.59 19.85
CA GLU E 51 -27.61 1.42 19.20
C GLU E 51 -28.50 1.01 18.04
N SER E 52 -27.89 0.74 16.89
CA SER E 52 -28.67 0.41 15.71
C SER E 52 -29.48 -0.86 15.86
N ASN E 53 -29.12 -1.73 16.81
CA ASN E 53 -29.92 -2.93 17.04
C ASN E 53 -30.70 -2.85 18.34
N GLY E 54 -30.87 -1.64 18.87
CA GLY E 54 -31.62 -1.43 20.09
C GLY E 54 -32.89 -0.61 19.85
N PRO E 55 -33.62 -0.33 20.93
CA PRO E 55 -34.91 0.34 20.78
C PRO E 55 -34.75 1.81 20.44
N VAL E 56 -35.82 2.37 19.89
CA VAL E 56 -35.92 3.80 19.60
C VAL E 56 -36.74 4.47 20.69
N LYS E 57 -36.18 5.50 21.31
CA LYS E 57 -36.91 6.33 22.25
C LYS E 57 -37.61 7.45 21.47
N VAL E 58 -38.90 7.63 21.72
CA VAL E 58 -39.74 8.63 21.05
C VAL E 58 -40.31 9.52 22.13
N TRP E 59 -40.11 10.84 22.00
CA TRP E 59 -40.63 11.74 23.02
C TRP E 59 -40.86 13.13 22.45
N GLY E 60 -41.78 13.86 23.07
CA GLY E 60 -42.07 15.21 22.66
C GLY E 60 -43.46 15.62 23.14
N SER E 61 -44.02 16.61 22.45
CA SER E 61 -45.29 17.16 22.87
C SER E 61 -46.11 17.53 21.64
N ILE E 62 -47.41 17.25 21.71
CA ILE E 62 -48.38 17.66 20.70
C ILE E 62 -49.44 18.51 21.38
N LYS E 63 -49.81 19.63 20.76
CA LYS E 63 -50.86 20.48 21.31
C LYS E 63 -51.96 20.70 20.27
N GLY E 64 -53.05 21.31 20.73
CA GLY E 64 -54.18 21.53 19.85
C GLY E 64 -55.11 20.35 19.69
N LEU E 65 -54.99 19.36 20.57
CA LEU E 65 -55.78 18.14 20.49
C LEU E 65 -56.99 18.24 21.41
N THR E 66 -58.04 17.50 21.06
CA THR E 66 -59.11 17.29 22.02
C THR E 66 -58.66 16.29 23.08
N GLU E 67 -59.05 16.53 24.33
CA GLU E 67 -58.71 15.64 25.43
C GLU E 67 -59.04 14.19 25.08
N GLY E 68 -58.15 13.26 25.45
CA GLY E 68 -58.35 11.85 25.20
C GLY E 68 -57.26 11.24 24.32
N LEU E 69 -57.57 10.05 23.79
CA LEU E 69 -56.63 9.19 23.09
C LEU E 69 -56.65 9.45 21.59
N HIS E 70 -55.46 9.44 20.98
CA HIS E 70 -55.32 9.72 19.56
C HIS E 70 -54.33 8.75 18.94
N GLY E 71 -54.73 8.12 17.83
CA GLY E 71 -53.84 7.21 17.14
C GLY E 71 -52.60 7.91 16.65
N PHE E 72 -51.49 7.17 16.62
CA PHE E 72 -50.15 7.74 16.44
C PHE E 72 -49.35 6.74 15.61
N HIS E 73 -49.23 7.01 14.31
CA HIS E 73 -48.73 6.01 13.36
C HIS E 73 -47.66 6.62 12.46
N VAL E 74 -46.64 5.82 12.14
CA VAL E 74 -45.76 6.11 11.01
C VAL E 74 -46.45 5.58 9.75
N HIS E 75 -46.62 6.44 8.76
CA HIS E 75 -47.18 6.04 7.48
C HIS E 75 -46.08 5.91 6.43
N GLU E 76 -46.40 5.24 5.32
CA GLU E 76 -45.36 4.69 4.45
C GLU E 76 -44.56 5.79 3.73
N PHE E 77 -45.21 6.84 3.23
CA PHE E 77 -44.55 7.80 2.36
C PHE E 77 -44.33 9.14 3.06
N GLY E 78 -43.17 9.74 2.80
CA GLY E 78 -42.87 11.09 3.26
C GLY E 78 -43.32 12.10 2.22
N ASP E 79 -44.57 11.98 1.81
CA ASP E 79 -45.16 12.76 0.74
C ASP E 79 -46.29 13.58 1.36
N ASN E 80 -46.08 14.90 1.43
N ASN E 80 -46.08 14.88 1.51
CA ASN E 80 -47.04 15.86 1.98
CA ASN E 80 -47.12 15.78 1.98
C ASN E 80 -47.68 16.70 0.88
C ASN E 80 -47.60 16.73 0.88
N THR E 81 -47.53 16.30 -0.39
CA THR E 81 -48.00 17.13 -1.48
C THR E 81 -49.51 17.36 -1.44
N ALA E 82 -50.30 16.40 -0.97
CA ALA E 82 -51.73 16.61 -0.77
C ALA E 82 -52.08 16.60 0.72
N GLY E 83 -51.25 17.23 1.53
CA GLY E 83 -51.46 17.19 2.96
C GLY E 83 -51.18 15.78 3.46
N CYS E 84 -51.74 15.49 4.65
CA CYS E 84 -51.45 14.21 5.27
C CYS E 84 -52.05 13.04 4.51
N THR E 85 -52.97 13.28 3.57
CA THR E 85 -53.53 12.18 2.78
C THR E 85 -52.46 11.47 1.95
N SER E 86 -51.49 12.20 1.40
CA SER E 86 -50.53 11.54 0.51
C SER E 86 -49.50 10.70 1.24
N ALA E 87 -49.52 10.66 2.58
CA ALA E 87 -48.61 9.77 3.30
C ALA E 87 -48.93 8.29 3.10
N GLY E 88 -50.09 7.97 2.53
CA GLY E 88 -50.43 6.59 2.26
C GLY E 88 -50.82 5.83 3.52
N PRO E 89 -50.72 4.51 3.47
CA PRO E 89 -51.19 3.67 4.57
C PRO E 89 -50.11 3.57 5.65
N HIS E 90 -50.44 2.84 6.73
CA HIS E 90 -49.46 2.60 7.79
C HIS E 90 -48.23 1.91 7.21
N PHE E 91 -47.05 2.26 7.74
CA PHE E 91 -45.80 1.71 7.24
C PHE E 91 -45.76 0.21 7.57
N ASN E 92 -45.59 -0.63 6.53
CA ASN E 92 -45.79 -2.07 6.64
C ASN E 92 -44.90 -2.81 5.65
N PRO E 93 -43.59 -2.85 5.89
CA PRO E 93 -42.72 -3.63 5.00
C PRO E 93 -42.96 -5.13 5.08
N LEU E 94 -43.50 -5.62 6.20
CA LEU E 94 -43.66 -7.05 6.45
C LEU E 94 -45.07 -7.57 6.09
N SER E 95 -45.92 -6.72 5.49
CA SER E 95 -47.23 -7.11 4.96
C SER E 95 -48.09 -7.83 6.01
N ARG E 96 -48.06 -7.33 7.24
CA ARG E 96 -48.87 -7.86 8.34
C ARG E 96 -50.11 -6.98 8.57
N LYS E 97 -50.96 -7.43 9.48
CA LYS E 97 -52.18 -6.72 9.82
C LYS E 97 -51.93 -5.67 10.89
N HIS E 98 -52.89 -4.77 11.06
CA HIS E 98 -52.75 -3.67 12.01
C HIS E 98 -52.91 -4.18 13.44
N GLY E 99 -52.04 -3.69 14.33
CA GLY E 99 -52.13 -4.01 15.73
C GLY E 99 -51.67 -2.88 16.64
N GLY E 100 -51.55 -3.18 17.93
CA GLY E 100 -50.99 -2.25 18.88
C GLY E 100 -49.48 -2.41 18.91
N PRO E 101 -48.79 -1.48 19.59
CA PRO E 101 -47.31 -1.54 19.59
C PRO E 101 -46.74 -2.85 20.12
N LYS E 102 -47.45 -3.57 20.98
CA LYS E 102 -46.89 -4.77 21.59
C LYS E 102 -47.44 -6.07 21.00
N ASP E 103 -48.20 -5.99 19.89
CA ASP E 103 -48.58 -7.18 19.15
C ASP E 103 -47.45 -7.63 18.23
N GLU E 104 -47.25 -8.93 18.12
CA GLU E 104 -46.38 -9.45 17.07
C GLU E 104 -47.01 -9.25 15.70
N GLU E 105 -48.35 -9.20 15.65
CA GLU E 105 -49.08 -8.93 14.42
C GLU E 105 -49.43 -7.44 14.41
N ARG E 106 -48.48 -6.64 13.93
CA ARG E 106 -48.65 -5.20 13.83
C ARG E 106 -47.94 -4.71 12.57
N HIS E 107 -48.27 -3.49 12.16
CA HIS E 107 -47.44 -2.77 11.21
C HIS E 107 -46.22 -2.24 11.95
N VAL E 108 -45.11 -2.10 11.23
CA VAL E 108 -43.94 -1.44 11.81
C VAL E 108 -44.32 -0.03 12.30
N GLY E 109 -45.15 0.67 11.54
CA GLY E 109 -45.51 2.01 11.94
C GLY E 109 -46.52 2.19 13.07
N ASP E 110 -46.98 1.12 13.72
CA ASP E 110 -48.08 1.25 14.67
C ASP E 110 -47.50 1.55 16.06
N LEU E 111 -47.54 2.83 16.44
CA LEU E 111 -47.03 3.27 17.73
C LEU E 111 -48.13 3.47 18.76
N GLY E 112 -49.34 3.03 18.46
CA GLY E 112 -50.41 3.00 19.46
C GLY E 112 -51.13 4.32 19.56
N ASN E 113 -51.33 4.80 20.78
CA ASN E 113 -52.08 6.01 21.03
C ASN E 113 -51.24 6.97 21.86
N VAL E 114 -51.52 8.25 21.70
CA VAL E 114 -51.05 9.25 22.63
C VAL E 114 -52.27 9.83 23.33
N THR E 115 -52.03 10.45 24.49
CA THR E 115 -53.10 10.92 25.37
C THR E 115 -52.96 12.41 25.60
N ALA E 116 -53.95 13.18 25.17
CA ALA E 116 -53.94 14.61 25.42
C ALA E 116 -54.71 14.89 26.69
N ASP E 117 -54.17 15.77 27.53
CA ASP E 117 -54.81 16.16 28.78
C ASP E 117 -55.94 17.15 28.51
N LYS E 118 -56.50 17.70 29.58
CA LYS E 118 -57.65 18.60 29.43
C LYS E 118 -57.26 19.92 28.77
N ASP E 119 -55.97 20.23 28.72
CA ASP E 119 -55.50 21.45 28.08
C ASP E 119 -55.13 21.22 26.62
N GLY E 120 -55.49 20.05 26.07
CA GLY E 120 -55.20 19.71 24.69
C GLY E 120 -53.77 19.32 24.38
N VAL E 121 -52.95 19.02 25.40
CA VAL E 121 -51.54 18.71 25.22
C VAL E 121 -51.32 17.23 25.49
N ALA E 122 -50.72 16.55 24.53
CA ALA E 122 -50.26 15.17 24.71
C ALA E 122 -48.76 15.18 24.89
N ASP E 123 -48.29 14.74 26.04
CA ASP E 123 -46.86 14.54 26.27
C ASP E 123 -46.52 13.11 25.90
N VAL E 124 -45.58 12.95 24.98
CA VAL E 124 -45.27 11.65 24.39
C VAL E 124 -43.98 11.15 24.98
N SER E 125 -43.99 9.88 25.39
CA SER E 125 -42.80 9.19 25.88
C SER E 125 -43.02 7.72 25.59
N ILE E 126 -42.29 7.21 24.60
CA ILE E 126 -42.48 5.88 24.02
C ILE E 126 -41.10 5.29 23.81
N GLU E 127 -40.99 3.98 23.98
CA GLU E 127 -39.81 3.22 23.59
C GLU E 127 -40.30 2.08 22.72
N ASP E 128 -39.77 1.98 21.50
CA ASP E 128 -40.28 0.96 20.58
C ASP E 128 -39.11 0.20 19.96
N SER E 129 -39.18 -1.13 19.99
N SER E 129 -39.19 -1.12 19.98
CA SER E 129 -38.12 -1.99 19.48
CA SER E 129 -38.12 -1.97 19.47
C SER E 129 -38.39 -2.51 18.08
C SER E 129 -38.38 -2.50 18.07
N VAL E 130 -39.45 -2.06 17.42
CA VAL E 130 -39.75 -2.52 16.06
C VAL E 130 -39.36 -1.48 15.01
N ILE E 131 -39.69 -0.21 15.26
CA ILE E 131 -39.20 0.86 14.39
C ILE E 131 -37.68 0.97 14.55
N SER E 132 -37.05 1.54 13.52
CA SER E 132 -35.62 1.78 13.56
C SER E 132 -35.33 3.10 12.86
N LEU E 133 -34.18 3.68 13.16
CA LEU E 133 -33.68 4.82 12.40
C LEU E 133 -32.70 4.42 11.30
N SER E 134 -32.51 3.11 11.09
CA SER E 134 -31.66 2.60 10.02
C SER E 134 -32.21 1.25 9.58
N GLY E 135 -31.75 0.79 8.41
CA GLY E 135 -32.10 -0.55 7.95
C GLY E 135 -33.51 -0.65 7.36
N ASP E 136 -34.03 -1.87 7.36
CA ASP E 136 -35.27 -2.17 6.65
C ASP E 136 -36.50 -1.59 7.34
N HIS E 137 -36.48 -1.49 8.67
CA HIS E 137 -37.56 -0.88 9.43
C HIS E 137 -37.34 0.62 9.63
N CYS E 138 -36.48 1.23 8.79
CA CYS E 138 -36.10 2.63 8.98
C CYS E 138 -37.29 3.53 8.70
N ILE E 139 -37.54 4.49 9.59
CA ILE E 139 -38.67 5.39 9.43
C ILE E 139 -38.25 6.79 8.98
N ILE E 140 -36.95 7.01 8.78
N ILE E 140 -36.95 7.02 8.80
CA ILE E 140 -36.48 8.27 8.23
CA ILE E 140 -36.52 8.34 8.32
C ILE E 140 -37.09 8.47 6.85
C ILE E 140 -36.97 8.52 6.88
N GLY E 141 -37.53 9.69 6.58
CA GLY E 141 -38.13 9.93 5.29
C GLY E 141 -39.57 9.47 5.17
N ARG E 142 -40.14 8.89 6.22
CA ARG E 142 -41.55 8.54 6.21
C ARG E 142 -42.30 9.57 7.02
N THR E 143 -43.60 9.38 7.18
CA THR E 143 -44.47 10.41 7.76
C THR E 143 -45.09 9.95 9.07
N LEU E 144 -44.94 10.77 10.11
CA LEU E 144 -45.60 10.51 11.39
C LEU E 144 -46.93 11.24 11.38
N VAL E 145 -48.01 10.56 11.77
CA VAL E 145 -49.35 11.11 11.71
C VAL E 145 -50.01 10.95 13.06
N VAL E 146 -50.63 12.02 13.58
CA VAL E 146 -51.50 11.91 14.74
C VAL E 146 -52.94 11.97 14.25
N HIS E 147 -53.77 11.03 14.72
CA HIS E 147 -55.09 10.80 14.15
C HIS E 147 -56.20 11.37 15.03
N GLU E 148 -57.41 11.37 14.46
CA GLU E 148 -58.56 12.05 15.05
C GLU E 148 -59.07 11.32 16.27
N LYS E 149 -59.31 10.01 16.15
CA LYS E 149 -59.82 9.19 17.25
C LYS E 149 -58.77 8.20 17.72
N ALA E 150 -59.14 7.47 18.77
CA ALA E 150 -58.29 6.43 19.33
C ALA E 150 -58.06 5.30 18.36
N ASP E 151 -56.87 4.72 18.43
CA ASP E 151 -56.56 3.51 17.69
C ASP E 151 -57.08 2.32 18.50
N ASP E 152 -57.97 1.52 17.90
CA ASP E 152 -58.47 0.35 18.61
C ASP E 152 -57.49 -0.82 18.59
N LEU E 153 -56.27 -0.56 18.13
CA LEU E 153 -55.15 -1.54 18.12
C LEU E 153 -55.47 -2.82 17.34
N GLY E 154 -56.26 -2.69 16.27
CA GLY E 154 -56.58 -3.78 15.33
C GLY E 154 -57.53 -4.84 15.87
N LYS E 155 -58.16 -4.56 17.01
CA LYS E 155 -59.11 -5.51 17.63
C LYS E 155 -60.46 -4.81 17.69
N GLY E 156 -60.82 -4.13 16.60
CA GLY E 156 -62.13 -3.45 16.51
C GLY E 156 -63.15 -4.35 15.87
N GLY E 157 -62.74 -5.54 15.44
CA GLY E 157 -63.63 -6.57 14.88
C GLY E 157 -64.06 -6.34 13.44
N ASN E 158 -63.67 -5.24 12.80
CA ASN E 158 -64.09 -5.05 11.39
C ASN E 158 -62.86 -5.03 10.49
N GLU E 159 -63.09 -5.01 9.19
CA GLU E 159 -61.97 -5.00 8.21
C GLU E 159 -61.13 -3.74 8.43
N GLU E 160 -61.80 -2.58 8.52
CA GLU E 160 -61.15 -1.25 8.73
C GLU E 160 -60.19 -1.26 9.93
N SER E 161 -60.52 -1.96 11.03
CA SER E 161 -59.61 -2.06 12.19
C SER E 161 -58.34 -2.86 11.83
N THR E 162 -58.39 -3.77 10.84
CA THR E 162 -57.17 -4.52 10.44
C THR E 162 -56.27 -3.68 9.54
N LYS E 163 -56.79 -2.55 9.07
CA LYS E 163 -56.00 -1.68 8.15
C LYS E 163 -55.53 -0.42 8.88
N THR E 164 -56.41 0.26 9.63
CA THR E 164 -56.02 1.54 10.26
C THR E 164 -56.35 1.59 11.75
N GLY E 165 -57.08 0.60 12.27
CA GLY E 165 -57.46 0.60 13.69
C GLY E 165 -58.57 1.59 14.00
N ASN E 166 -59.30 2.03 12.96
CA ASN E 166 -60.43 3.00 13.05
C ASN E 166 -59.98 4.32 13.69
N ALA E 167 -58.72 4.70 13.56
CA ALA E 167 -58.25 5.91 14.25
C ALA E 167 -58.71 7.20 13.59
N GLY E 168 -59.37 7.13 12.43
CA GLY E 168 -59.99 8.31 11.85
C GLY E 168 -59.07 9.18 11.01
N SER E 169 -59.57 10.39 10.74
CA SER E 169 -58.88 11.29 9.84
C SER E 169 -57.56 11.78 10.45
N ARG E 170 -56.76 12.41 9.62
CA ARG E 170 -55.38 12.75 9.97
C ARG E 170 -55.34 14.22 10.40
N LEU E 171 -55.05 14.46 11.69
CA LEU E 171 -55.08 15.82 12.22
C LEU E 171 -53.81 16.59 11.86
N ALA E 172 -52.65 15.95 11.97
CA ALA E 172 -51.38 16.60 11.68
C ALA E 172 -50.39 15.52 11.27
N CYS E 173 -49.32 15.95 10.60
CA CYS E 173 -48.30 15.00 10.18
C CYS E 173 -47.03 15.77 9.86
N GLY E 174 -45.94 15.02 9.64
CA GLY E 174 -44.70 15.62 9.23
C GLY E 174 -43.75 14.53 8.77
N VAL E 175 -42.78 14.89 7.93
CA VAL E 175 -41.79 13.91 7.49
C VAL E 175 -40.74 13.76 8.58
N ILE E 176 -40.33 12.53 8.84
CA ILE E 176 -39.33 12.26 9.88
C ILE E 176 -37.95 12.52 9.30
N GLY E 177 -37.21 13.41 9.92
CA GLY E 177 -35.93 13.82 9.36
C GLY E 177 -34.76 13.52 10.26
N ILE E 178 -33.58 13.39 9.67
CA ILE E 178 -32.37 13.20 10.46
C ILE E 178 -32.08 14.44 11.28
N ALA E 179 -31.71 14.23 12.54
CA ALA E 179 -31.48 15.33 13.47
C ALA E 179 -30.07 15.25 14.03
N GLN E 180 -29.63 16.35 14.61
CA GLN E 180 -28.27 16.47 15.12
C GLN E 180 -28.16 15.90 16.52
N ALA F 28 -34.94 3.21 -2.14
CA ALA F 28 -35.88 4.17 -2.70
C ALA F 28 -35.53 4.57 -4.13
N THR F 29 -36.55 4.61 -5.00
CA THR F 29 -36.43 5.09 -6.37
C THR F 29 -36.96 6.50 -6.55
N LYS F 30 -37.85 6.93 -5.66
CA LYS F 30 -38.52 8.22 -5.78
C LYS F 30 -38.58 8.91 -4.43
N ALA F 31 -38.41 10.22 -4.46
CA ALA F 31 -38.53 11.05 -3.27
C ALA F 31 -39.25 12.33 -3.67
N VAL F 32 -39.71 13.07 -2.66
CA VAL F 32 -40.45 14.30 -2.91
C VAL F 32 -40.23 15.24 -1.74
N CYS F 33 -40.36 16.54 -2.00
CA CYS F 33 -40.11 17.54 -0.98
C CYS F 33 -41.11 18.65 -1.17
N VAL F 34 -41.81 19.04 -0.11
CA VAL F 34 -42.72 20.18 -0.11
C VAL F 34 -42.02 21.35 0.55
N LEU F 35 -41.73 22.39 -0.22
N LEU F 35 -41.73 22.40 -0.21
CA LEU F 35 -41.04 23.58 0.28
CA LEU F 35 -41.02 23.56 0.30
C LEU F 35 -42.05 24.57 0.84
C LEU F 35 -42.02 24.58 0.82
N LYS F 36 -41.83 25.01 2.07
CA LYS F 36 -42.62 26.06 2.70
C LYS F 36 -41.68 26.95 3.50
N GLY F 37 -42.13 28.16 3.78
CA GLY F 37 -41.31 29.06 4.55
C GLY F 37 -42.15 30.12 5.24
N ASP F 38 -41.47 31.13 5.77
CA ASP F 38 -42.14 32.24 6.48
C ASP F 38 -42.82 33.20 5.51
N GLY F 39 -42.34 33.28 4.28
CA GLY F 39 -42.93 34.16 3.30
C GLY F 39 -43.73 33.37 2.28
N PRO F 40 -43.80 33.90 1.06
CA PRO F 40 -44.66 33.29 0.02
C PRO F 40 -44.03 32.18 -0.78
N VAL F 41 -42.77 31.82 -0.53
CA VAL F 41 -42.12 30.82 -1.39
C VAL F 41 -42.66 29.45 -1.05
N GLN F 42 -43.14 28.73 -2.06
CA GLN F 42 -43.59 27.37 -1.86
C GLN F 42 -43.38 26.59 -3.13
N GLY F 43 -43.27 25.28 -3.01
CA GLY F 43 -43.05 24.49 -4.20
C GLY F 43 -43.04 23.03 -3.86
N ILE F 44 -42.99 22.23 -4.92
CA ILE F 44 -42.91 20.79 -4.86
C ILE F 44 -41.75 20.36 -5.72
N ILE F 45 -40.81 19.62 -5.14
CA ILE F 45 -39.66 19.11 -5.88
C ILE F 45 -39.65 17.60 -5.81
N ASN F 46 -39.55 16.95 -6.98
CA ASN F 46 -39.51 15.49 -7.12
C ASN F 46 -38.07 15.05 -7.36
N PHE F 47 -37.76 13.83 -6.89
CA PHE F 47 -36.47 13.20 -7.09
C PHE F 47 -36.73 11.80 -7.63
N GLU F 48 -35.95 11.40 -8.64
CA GLU F 48 -36.07 10.05 -9.17
C GLU F 48 -34.70 9.50 -9.50
N GLN F 49 -34.44 8.27 -9.08
CA GLN F 49 -33.17 7.61 -9.30
C GLN F 49 -33.51 6.17 -9.69
N LYS F 50 -33.56 5.92 -10.99
CA LYS F 50 -33.95 4.59 -11.47
C LYS F 50 -32.94 3.52 -11.05
N GLU F 51 -31.67 3.87 -11.00
CA GLU F 51 -30.62 2.92 -10.67
C GLU F 51 -29.75 3.50 -9.57
N SER F 52 -29.41 2.68 -8.58
CA SER F 52 -28.69 3.19 -7.42
C SER F 52 -27.30 3.71 -7.75
N ASN F 53 -26.75 3.34 -8.90
CA ASN F 53 -25.46 3.86 -9.35
C ASN F 53 -25.59 4.93 -10.42
N GLY F 54 -26.79 5.49 -10.60
CA GLY F 54 -27.02 6.43 -11.67
C GLY F 54 -27.41 7.78 -11.11
N PRO F 55 -27.60 8.76 -12.00
CA PRO F 55 -27.91 10.12 -11.53
C PRO F 55 -29.32 10.21 -10.95
N VAL F 56 -29.52 11.26 -10.14
CA VAL F 56 -30.82 11.59 -9.60
C VAL F 56 -31.40 12.71 -10.45
N LYS F 57 -32.59 12.48 -11.01
CA LYS F 57 -33.31 13.56 -11.67
C LYS F 57 -34.08 14.36 -10.61
N VAL F 58 -33.98 15.68 -10.69
CA VAL F 58 -34.59 16.61 -9.74
C VAL F 58 -35.45 17.57 -10.55
N TRP F 59 -36.75 17.63 -10.28
CA TRP F 59 -37.59 18.51 -11.08
C TRP F 59 -38.83 18.92 -10.30
N GLY F 60 -39.41 20.03 -10.70
CA GLY F 60 -40.61 20.50 -10.05
C GLY F 60 -40.72 21.99 -10.23
N SER F 61 -41.53 22.61 -9.39
CA SER F 61 -41.79 24.03 -9.59
C SER F 61 -41.79 24.72 -8.25
N ILE F 62 -41.10 25.86 -8.16
CA ILE F 62 -41.11 26.72 -6.99
C ILE F 62 -41.65 28.08 -7.39
N LYS F 63 -42.63 28.59 -6.65
CA LYS F 63 -43.20 29.90 -6.94
C LYS F 63 -43.03 30.84 -5.76
N GLY F 64 -43.44 32.09 -5.96
CA GLY F 64 -43.22 33.10 -4.93
C GLY F 64 -41.83 33.67 -4.85
N LEU F 65 -40.99 33.45 -5.86
CA LEU F 65 -39.61 33.89 -5.88
C LEU F 65 -39.45 35.20 -6.65
N THR F 66 -38.49 36.01 -6.22
CA THR F 66 -38.02 37.12 -7.04
C THR F 66 -37.28 36.61 -8.27
N GLU F 67 -37.45 37.32 -9.38
CA GLU F 67 -36.87 36.90 -10.64
C GLU F 67 -35.35 36.84 -10.53
N GLY F 68 -34.75 35.82 -11.12
CA GLY F 68 -33.30 35.67 -11.06
C GLY F 68 -32.84 34.38 -10.40
N LEU F 69 -31.57 34.33 -10.01
CA LEU F 69 -30.93 33.12 -9.53
C LEU F 69 -31.13 32.98 -8.02
N HIS F 70 -31.33 31.73 -7.58
CA HIS F 70 -31.52 31.39 -6.17
C HIS F 70 -30.74 30.12 -5.86
N GLY F 71 -29.91 30.14 -4.83
CA GLY F 71 -29.20 28.94 -4.41
C GLY F 71 -30.17 27.85 -4.01
N PHE F 72 -29.78 26.60 -4.25
CA PHE F 72 -30.68 25.45 -4.17
C PHE F 72 -29.82 24.32 -3.61
N HIS F 73 -30.00 23.99 -2.33
CA HIS F 73 -29.05 23.15 -1.61
C HIS F 73 -29.75 22.15 -0.71
N VAL F 74 -29.14 20.98 -0.57
CA VAL F 74 -29.54 20.02 0.45
C VAL F 74 -28.73 20.31 1.71
N HIS F 75 -29.42 20.59 2.82
CA HIS F 75 -28.78 20.81 4.09
C HIS F 75 -28.83 19.54 4.94
N GLU F 76 -27.97 19.50 5.97
CA GLU F 76 -27.64 18.23 6.61
C GLU F 76 -28.83 17.61 7.33
N PHE F 77 -29.61 18.41 8.07
CA PHE F 77 -30.64 17.89 8.97
C PHE F 77 -32.04 18.12 8.44
N GLY F 78 -32.88 17.10 8.54
CA GLY F 78 -34.29 17.19 8.27
C GLY F 78 -35.01 17.71 9.50
N ASP F 79 -34.51 18.80 10.06
CA ASP F 79 -34.97 19.37 11.32
C ASP F 79 -35.59 20.74 11.04
N ASN F 80 -36.90 20.84 11.16
CA ASN F 80 -37.64 22.08 10.92
C ASN F 80 -38.16 22.69 12.22
N THR F 81 -37.58 22.35 13.36
CA THR F 81 -38.16 22.78 14.64
C THR F 81 -38.08 24.29 14.81
N ALA F 82 -37.02 24.92 14.32
CA ALA F 82 -36.91 26.38 14.35
C ALA F 82 -37.04 26.97 12.95
N GLY F 83 -37.89 26.38 12.13
CA GLY F 83 -37.95 26.79 10.76
C GLY F 83 -36.73 26.29 9.99
N CYS F 84 -36.45 26.97 8.88
CA CYS F 84 -35.39 26.49 7.98
C CYS F 84 -34.01 26.57 8.64
N THR F 85 -33.85 27.43 9.65
CA THR F 85 -32.56 27.55 10.35
C THR F 85 -32.12 26.23 10.95
N SER F 86 -33.05 25.40 11.41
CA SER F 86 -32.69 24.16 12.11
C SER F 86 -32.06 23.13 11.18
N ALA F 87 -32.12 23.35 9.87
CA ALA F 87 -31.60 22.34 8.94
C ALA F 87 -30.09 22.29 8.94
N GLY F 88 -29.42 23.24 9.57
CA GLY F 88 -27.98 23.22 9.69
C GLY F 88 -27.30 23.61 8.39
N PRO F 89 -26.04 23.23 8.25
CA PRO F 89 -25.25 23.63 7.08
C PRO F 89 -25.54 22.71 5.89
N HIS F 90 -24.85 22.95 4.78
CA HIS F 90 -25.01 22.08 3.63
C HIS F 90 -24.61 20.66 3.99
N PHE F 91 -25.34 19.69 3.44
CA PHE F 91 -24.98 18.28 3.57
C PHE F 91 -23.61 18.06 2.97
N ASN F 92 -22.65 17.66 3.79
CA ASN F 92 -21.25 17.66 3.42
C ASN F 92 -20.54 16.48 4.09
N PRO F 93 -20.92 15.23 3.79
CA PRO F 93 -20.32 14.10 4.52
C PRO F 93 -18.84 13.92 4.23
N LEU F 94 -18.31 14.45 3.12
CA LEU F 94 -16.88 14.32 2.81
C LEU F 94 -16.06 15.52 3.25
N SER F 95 -16.66 16.47 3.95
CA SER F 95 -15.97 17.62 4.54
C SER F 95 -15.18 18.41 3.47
N ARG F 96 -15.84 18.70 2.36
CA ARG F 96 -15.24 19.50 1.30
C ARG F 96 -15.66 20.97 1.46
N LYS F 97 -15.03 21.83 0.65
CA LYS F 97 -15.49 23.21 0.52
C LYS F 97 -16.66 23.30 -0.44
N HIS F 98 -17.42 24.39 -0.31
CA HIS F 98 -18.60 24.60 -1.15
C HIS F 98 -18.17 24.79 -2.61
N GLY F 99 -18.95 24.23 -3.53
CA GLY F 99 -18.70 24.40 -4.95
C GLY F 99 -19.99 24.38 -5.75
N GLY F 100 -19.88 24.43 -7.08
CA GLY F 100 -21.03 24.23 -7.92
C GLY F 100 -21.21 22.75 -8.19
N PRO F 101 -22.37 22.36 -8.72
CA PRO F 101 -22.62 20.92 -8.92
C PRO F 101 -21.61 20.26 -9.86
N LYS F 102 -20.99 21.01 -10.78
CA LYS F 102 -20.00 20.40 -11.67
C LYS F 102 -18.60 20.34 -11.07
N ASP F 103 -18.37 20.94 -9.92
CA ASP F 103 -17.04 20.92 -9.32
C ASP F 103 -16.77 19.59 -8.63
N GLU F 104 -15.51 19.14 -8.69
CA GLU F 104 -15.14 17.96 -7.90
C GLU F 104 -15.08 18.32 -6.42
N GLU F 105 -14.56 19.50 -6.10
CA GLU F 105 -14.62 20.03 -4.74
C GLU F 105 -15.98 20.68 -4.54
N ARG F 106 -16.89 19.94 -3.91
CA ARG F 106 -18.22 20.46 -3.60
C ARG F 106 -18.79 19.67 -2.44
N HIS F 107 -19.77 20.26 -1.77
CA HIS F 107 -20.61 19.53 -0.83
C HIS F 107 -21.50 18.59 -1.61
N VAL F 108 -21.85 17.45 -1.00
CA VAL F 108 -22.85 16.59 -1.62
C VAL F 108 -24.15 17.38 -1.86
N GLY F 109 -24.49 18.26 -0.94
CA GLY F 109 -25.72 19.03 -1.10
C GLY F 109 -25.70 20.18 -2.09
N ASP F 110 -24.63 20.34 -2.87
CA ASP F 110 -24.45 21.56 -3.69
C ASP F 110 -25.09 21.39 -5.06
N LEU F 111 -26.38 21.76 -5.16
CA LEU F 111 -27.08 21.63 -6.42
C LEU F 111 -27.13 22.94 -7.21
N GLY F 112 -26.32 23.93 -6.85
CA GLY F 112 -26.19 25.11 -7.68
C GLY F 112 -27.31 26.11 -7.51
N ASN F 113 -27.74 26.69 -8.62
CA ASN F 113 -28.80 27.71 -8.64
C ASN F 113 -30.00 27.19 -9.40
N VAL F 114 -31.16 27.73 -9.06
CA VAL F 114 -32.34 27.62 -9.90
C VAL F 114 -32.71 29.03 -10.34
N THR F 115 -33.45 29.13 -11.43
CA THR F 115 -33.76 30.42 -12.07
C THR F 115 -35.26 30.64 -12.03
N ALA F 116 -35.67 31.73 -11.40
CA ALA F 116 -37.06 32.14 -11.37
C ALA F 116 -37.33 33.14 -12.51
N ASP F 117 -38.44 32.94 -13.21
CA ASP F 117 -38.80 33.81 -14.33
C ASP F 117 -39.52 35.07 -13.85
N LYS F 118 -39.99 35.88 -14.81
CA LYS F 118 -40.60 37.18 -14.50
C LYS F 118 -41.84 37.02 -13.63
N ASP F 119 -42.55 35.91 -13.77
CA ASP F 119 -43.74 35.59 -12.98
C ASP F 119 -43.42 34.98 -11.60
N GLY F 120 -42.15 34.94 -11.20
CA GLY F 120 -41.77 34.42 -9.90
C GLY F 120 -41.68 32.91 -9.79
N VAL F 121 -41.63 32.19 -10.90
CA VAL F 121 -41.68 30.73 -10.92
C VAL F 121 -40.33 30.18 -11.38
N ALA F 122 -39.75 29.29 -10.60
CA ALA F 122 -38.58 28.52 -11.03
C ALA F 122 -39.06 27.13 -11.39
N ASP F 123 -39.00 26.78 -12.69
CA ASP F 123 -39.29 25.43 -13.16
C ASP F 123 -38.00 24.63 -13.09
N VAL F 124 -37.82 23.88 -12.02
CA VAL F 124 -36.54 23.24 -11.74
C VAL F 124 -36.39 22.00 -12.60
N SER F 125 -35.20 21.82 -13.18
CA SER F 125 -34.90 20.61 -13.95
C SER F 125 -33.38 20.40 -13.87
N ILE F 126 -32.96 19.45 -13.04
CA ILE F 126 -31.57 19.23 -12.69
C ILE F 126 -31.31 17.74 -12.74
N GLU F 127 -30.10 17.36 -13.15
CA GLU F 127 -29.67 15.98 -13.06
C GLU F 127 -28.34 15.94 -12.33
N ASP F 128 -28.25 15.14 -11.26
CA ASP F 128 -27.05 15.17 -10.44
C ASP F 128 -26.63 13.76 -10.07
N SER F 129 -25.32 13.50 -10.14
N SER F 129 -25.32 13.51 -10.13
CA SER F 129 -24.78 12.18 -9.87
CA SER F 129 -24.76 12.19 -9.89
C SER F 129 -24.08 12.07 -8.53
C SER F 129 -23.99 12.10 -8.57
N VAL F 130 -24.01 13.15 -7.76
CA VAL F 130 -23.35 13.10 -6.46
C VAL F 130 -24.35 12.89 -5.32
N ILE F 131 -25.52 13.56 -5.36
CA ILE F 131 -26.59 13.16 -4.43
C ILE F 131 -27.06 11.75 -4.78
N SER F 132 -27.71 11.10 -3.82
CA SER F 132 -28.30 9.80 -4.09
C SER F 132 -29.54 9.66 -3.25
N LEU F 133 -30.41 8.70 -3.60
CA LEU F 133 -31.51 8.31 -2.74
C LEU F 133 -31.21 7.07 -1.91
N SER F 134 -29.96 6.64 -1.87
CA SER F 134 -29.55 5.53 -1.00
C SER F 134 -28.07 5.68 -0.67
N GLY F 135 -27.62 4.93 0.34
CA GLY F 135 -26.20 4.89 0.65
C GLY F 135 -25.68 6.13 1.37
N ASP F 136 -24.35 6.29 1.35
CA ASP F 136 -23.68 7.34 2.12
C ASP F 136 -24.17 8.74 1.77
N HIS F 137 -24.53 8.95 0.51
CA HIS F 137 -24.91 10.27 0.03
C HIS F 137 -26.42 10.43 -0.03
N CYS F 138 -27.16 9.58 0.69
CA CYS F 138 -28.60 9.60 0.64
C CYS F 138 -29.12 10.93 1.19
N ILE F 139 -30.03 11.57 0.45
CA ILE F 139 -30.58 12.84 0.90
C ILE F 139 -31.99 12.70 1.48
N ILE F 140 -32.57 11.50 1.46
CA ILE F 140 -33.86 11.29 2.11
C ILE F 140 -33.71 11.54 3.60
N GLY F 141 -34.66 12.28 4.17
CA GLY F 141 -34.57 12.68 5.56
C GLY F 141 -33.75 13.93 5.81
N ARG F 142 -33.23 14.57 4.77
CA ARG F 142 -32.51 15.82 4.91
C ARG F 142 -33.40 16.93 4.37
N THR F 143 -32.90 18.15 4.38
CA THR F 143 -33.72 19.31 4.04
C THR F 143 -33.25 19.97 2.75
N LEU F 144 -34.18 20.18 1.82
CA LEU F 144 -33.91 20.96 0.61
C LEU F 144 -34.29 22.41 0.93
N VAL F 145 -33.41 23.36 0.58
CA VAL F 145 -33.61 24.77 0.88
C VAL F 145 -33.44 25.57 -0.41
N VAL F 146 -34.34 26.51 -0.67
CA VAL F 146 -34.14 27.50 -1.72
C VAL F 146 -33.81 28.81 -1.03
N HIS F 147 -32.76 29.47 -1.52
CA HIS F 147 -32.15 30.59 -0.84
C HIS F 147 -32.53 31.92 -1.48
N GLU F 148 -32.20 32.99 -0.74
CA GLU F 148 -32.58 34.35 -1.08
C GLU F 148 -31.86 34.88 -2.31
N LYS F 149 -30.57 34.59 -2.44
CA LYS F 149 -29.68 35.14 -3.46
C LYS F 149 -29.03 34.03 -4.28
N ALA F 150 -28.27 34.44 -5.30
CA ALA F 150 -27.56 33.48 -6.12
C ALA F 150 -26.42 32.83 -5.34
N ASP F 151 -26.23 31.54 -5.61
CA ASP F 151 -25.05 30.82 -5.15
C ASP F 151 -23.86 31.21 -6.02
N ASP F 152 -22.76 31.66 -5.40
CA ASP F 152 -21.57 32.01 -6.18
C ASP F 152 -20.69 30.81 -6.52
N LEU F 153 -21.17 29.60 -6.23
CA LEU F 153 -20.51 28.35 -6.59
C LEU F 153 -19.14 28.23 -5.96
N GLY F 154 -18.93 28.90 -4.83
CA GLY F 154 -17.69 28.79 -4.10
C GLY F 154 -16.55 29.62 -4.65
N LYS F 155 -16.83 30.51 -5.59
CA LYS F 155 -15.80 31.32 -6.24
C LYS F 155 -15.80 32.77 -5.74
N GLY F 156 -16.39 33.03 -4.58
CA GLY F 156 -16.55 34.38 -4.05
C GLY F 156 -15.36 34.94 -3.32
N GLY F 157 -14.42 34.08 -2.91
CA GLY F 157 -13.17 34.53 -2.31
C GLY F 157 -13.26 35.00 -0.87
N ASN F 158 -14.43 34.94 -0.25
CA ASN F 158 -14.56 35.19 1.17
C ASN F 158 -14.88 33.89 1.90
N GLU F 159 -14.85 33.95 3.24
CA GLU F 159 -15.09 32.73 4.01
C GLU F 159 -16.47 32.16 3.74
N GLU F 160 -17.48 33.02 3.70
CA GLU F 160 -18.86 32.58 3.45
C GLU F 160 -18.99 31.82 2.13
N SER F 161 -18.21 32.19 1.12
CA SER F 161 -18.35 31.51 -0.18
C SER F 161 -18.00 30.04 -0.05
N THR F 162 -16.97 29.72 0.74
CA THR F 162 -16.55 28.32 0.92
C THR F 162 -17.55 27.51 1.74
N LYS F 163 -18.56 28.15 2.34
CA LYS F 163 -19.54 27.47 3.17
C LYS F 163 -20.93 27.44 2.56
N THR F 164 -21.44 28.60 2.11
CA THR F 164 -22.80 28.70 1.62
C THR F 164 -22.93 29.26 0.21
N GLY F 165 -21.83 29.60 -0.45
CA GLY F 165 -21.91 30.29 -1.71
C GLY F 165 -22.44 31.71 -1.63
N ASN F 166 -22.53 32.29 -0.42
CA ASN F 166 -23.13 33.62 -0.22
C ASN F 166 -24.58 33.67 -0.70
N ALA F 167 -25.30 32.55 -0.62
CA ALA F 167 -26.67 32.53 -1.12
C ALA F 167 -27.67 33.16 -0.16
N GLY F 168 -27.24 33.60 1.02
CA GLY F 168 -28.15 34.38 1.84
C GLY F 168 -29.19 33.54 2.59
N SER F 169 -30.31 34.20 2.90
N SER F 169 -30.29 34.20 2.93
CA SER F 169 -31.31 33.64 3.79
CA SER F 169 -31.26 33.59 3.85
C SER F 169 -32.03 32.45 3.16
C SER F 169 -32.05 32.47 3.17
N ARG F 170 -32.69 31.67 4.01
CA ARG F 170 -33.45 30.50 3.59
C ARG F 170 -34.90 30.92 3.39
N LEU F 171 -35.36 30.93 2.14
CA LEU F 171 -36.72 31.38 1.84
C LEU F 171 -37.75 30.30 2.10
N ALA F 172 -37.40 29.05 1.83
CA ALA F 172 -38.34 27.96 2.04
C ALA F 172 -37.57 26.66 2.06
N CYS F 173 -38.17 25.66 2.68
CA CYS F 173 -37.48 24.39 2.84
C CYS F 173 -38.48 23.30 3.14
N GLY F 174 -38.01 22.06 3.07
CA GLY F 174 -38.83 20.94 3.47
C GLY F 174 -37.96 19.71 3.61
N VAL F 175 -38.46 18.74 4.37
CA VAL F 175 -37.76 17.47 4.52
C VAL F 175 -38.02 16.61 3.30
N ILE F 176 -36.97 15.96 2.81
CA ILE F 176 -37.07 15.12 1.62
C ILE F 176 -37.59 13.76 2.05
N GLY F 177 -38.76 13.38 1.52
CA GLY F 177 -39.39 12.14 1.96
C GLY F 177 -39.46 11.06 0.89
N ILE F 178 -39.57 9.79 1.30
CA ILE F 178 -39.78 8.71 0.34
C ILE F 178 -41.11 8.88 -0.36
N ALA F 179 -41.12 8.71 -1.68
CA ALA F 179 -42.36 8.84 -2.44
C ALA F 179 -42.73 7.51 -3.07
N GLN F 180 -44.00 7.39 -3.43
CA GLN F 180 -44.49 6.15 -4.04
C GLN F 180 -44.04 6.04 -5.50
N ALA G 28 10.37 22.07 18.28
CA ALA G 28 10.68 20.75 17.76
C ALA G 28 9.47 20.15 17.06
N THR G 29 9.69 19.62 15.85
CA THR G 29 8.58 19.03 15.07
C THR G 29 8.86 17.57 14.73
N LYS G 30 10.07 17.09 14.98
CA LYS G 30 10.42 15.68 14.69
C LYS G 30 11.20 15.14 15.89
N ALA G 31 10.94 13.90 16.26
CA ALA G 31 11.71 13.27 17.35
C ALA G 31 11.94 11.81 16.99
N VAL G 32 12.87 11.17 17.68
CA VAL G 32 13.17 9.75 17.37
C VAL G 32 13.58 9.06 18.66
N CYS G 33 13.43 7.75 18.70
CA CYS G 33 13.83 7.02 19.89
C CYS G 33 14.30 5.63 19.49
N VAL G 34 15.45 5.23 20.03
CA VAL G 34 16.06 3.93 19.75
C VAL G 34 15.82 3.04 20.95
N LEU G 35 15.05 1.97 20.76
N LEU G 35 15.07 1.96 20.75
CA LEU G 35 14.65 1.10 21.86
CA LEU G 35 14.66 1.10 21.84
C LEU G 35 15.65 -0.04 22.02
C LEU G 35 15.67 -0.03 22.01
N LYS G 36 16.17 -0.20 23.23
CA LYS G 36 17.13 -1.24 23.54
C LYS G 36 16.81 -1.84 24.89
N GLY G 37 17.15 -3.11 25.06
CA GLY G 37 17.01 -3.74 26.36
C GLY G 37 18.12 -4.73 26.66
N ASP G 38 17.99 -5.48 27.75
CA ASP G 38 18.92 -6.57 28.03
C ASP G 38 18.54 -7.85 27.31
N GLY G 39 17.37 -7.89 26.69
CA GLY G 39 16.96 -9.00 25.88
C GLY G 39 17.08 -8.65 24.41
N PRO G 40 16.42 -9.43 23.55
CA PRO G 40 16.55 -9.22 22.10
C PRO G 40 15.62 -8.16 21.53
N VAL G 41 14.85 -7.47 22.35
CA VAL G 41 13.89 -6.50 21.84
C VAL G 41 14.61 -5.22 21.44
N GLN G 42 14.37 -4.74 20.23
CA GLN G 42 14.97 -3.48 19.80
C GLN G 42 14.14 -2.87 18.69
N GLY G 43 14.21 -1.55 18.57
CA GLY G 43 13.41 -0.89 17.57
C GLY G 43 13.79 0.57 17.43
N ILE G 44 13.19 1.19 16.42
CA ILE G 44 13.29 2.63 16.20
C ILE G 44 11.88 3.17 16.01
N ILE G 45 11.54 4.17 16.82
CA ILE G 45 10.24 4.83 16.75
C ILE G 45 10.47 6.29 16.40
N ASN G 46 9.81 6.76 15.35
CA ASN G 46 9.84 8.17 14.94
C ASN G 46 8.60 8.89 15.40
N PHE G 47 8.75 10.20 15.63
CA PHE G 47 7.65 11.07 16.01
C PHE G 47 7.66 12.30 15.11
N GLU G 48 6.47 12.75 14.71
CA GLU G 48 6.37 13.92 13.86
C GLU G 48 5.14 14.73 14.24
N GLN G 49 5.32 16.05 14.37
CA GLN G 49 4.22 16.96 14.75
C GLN G 49 4.38 18.28 14.00
N LYS G 50 3.65 18.44 12.91
CA LYS G 50 3.72 19.67 12.06
C LYS G 50 3.24 20.89 12.83
N GLU G 51 2.09 20.80 13.51
CA GLU G 51 1.50 21.95 14.22
C GLU G 51 1.57 21.75 15.73
N SER G 52 1.97 22.77 16.47
CA SER G 52 2.12 22.68 17.92
C SER G 52 0.85 22.19 18.59
N ASN G 53 -0.30 22.60 18.06
CA ASN G 53 -1.59 22.16 18.56
C ASN G 53 -1.94 20.76 18.07
N GLY G 54 -1.29 20.30 17.01
CA GLY G 54 -1.76 19.17 16.24
C GLY G 54 -1.38 17.82 16.83
N PRO G 55 -1.95 16.76 16.26
CA PRO G 55 -1.61 15.41 16.70
C PRO G 55 -0.17 15.06 16.38
N VAL G 56 0.33 14.03 17.06
CA VAL G 56 1.68 13.52 16.87
C VAL G 56 1.58 12.18 16.15
N LYS G 57 2.23 12.09 15.00
CA LYS G 57 2.34 10.81 14.30
C LYS G 57 3.49 10.01 14.90
N VAL G 58 3.24 8.74 15.22
CA VAL G 58 4.22 7.87 15.85
C VAL G 58 4.33 6.61 15.00
N TRP G 59 5.54 6.32 14.49
CA TRP G 59 5.67 5.17 13.61
C TRP G 59 7.06 4.58 13.68
N GLY G 60 7.13 3.29 13.39
CA GLY G 60 8.42 2.61 13.36
C GLY G 60 8.20 1.12 13.46
N SER G 61 9.21 0.45 13.99
CA SER G 61 9.15 -1.01 14.04
C SER G 61 9.98 -1.48 15.22
N ILE G 62 9.48 -2.51 15.90
CA ILE G 62 10.13 -3.15 17.04
C ILE G 62 10.22 -4.63 16.71
N LYS G 63 11.39 -5.21 16.92
CA LYS G 63 11.59 -6.63 16.64
C LYS G 63 12.03 -7.34 17.91
N GLY G 64 11.99 -8.67 17.88
CA GLY G 64 12.41 -9.49 19.01
C GLY G 64 11.34 -9.73 20.06
N LEU G 65 10.10 -9.30 19.82
CA LEU G 65 9.02 -9.44 20.79
C LEU G 65 8.36 -10.80 20.67
N THR G 66 7.77 -11.27 21.76
CA THR G 66 6.86 -12.39 21.66
C THR G 66 5.61 -11.95 20.90
N GLU G 67 5.04 -12.87 20.11
CA GLU G 67 3.87 -12.51 19.33
C GLU G 67 2.71 -12.07 20.22
N GLY G 68 1.97 -11.09 19.75
CA GLY G 68 0.82 -10.58 20.48
C GLY G 68 0.97 -9.14 20.90
N LEU G 69 0.15 -8.75 21.89
CA LEU G 69 0.00 -7.36 22.29
C LEU G 69 1.07 -7.00 23.32
N HIS G 70 1.53 -5.76 23.27
CA HIS G 70 2.56 -5.28 24.19
C HIS G 70 2.27 -3.84 24.57
N GLY G 71 2.18 -3.57 25.87
CA GLY G 71 1.99 -2.20 26.31
C GLY G 71 3.08 -1.28 25.79
N PHE G 72 2.70 -0.03 25.53
CA PHE G 72 3.51 0.94 24.79
C PHE G 72 3.28 2.29 25.45
N HIS G 73 4.27 2.76 26.23
CA HIS G 73 4.04 3.92 27.08
C HIS G 73 5.24 4.84 27.12
N VAL G 74 4.95 6.14 27.22
CA VAL G 74 5.95 7.16 27.52
C VAL G 74 6.02 7.31 29.03
N HIS G 75 7.17 7.02 29.62
CA HIS G 75 7.37 7.16 31.04
C HIS G 75 8.00 8.52 31.36
N GLU G 76 8.04 8.85 32.66
CA GLU G 76 8.23 10.25 33.04
C GLU G 76 9.66 10.73 32.81
N PHE G 77 10.65 9.90 33.11
CA PHE G 77 12.04 10.34 33.13
C PHE G 77 12.82 9.70 31.99
N GLY G 78 13.67 10.50 31.34
CA GLY G 78 14.59 9.98 30.36
C GLY G 78 15.87 9.52 31.03
N ASP G 79 15.72 8.76 32.10
CA ASP G 79 16.81 8.29 32.93
C ASP G 79 16.98 6.79 32.66
N ASN G 80 18.14 6.42 32.12
CA ASN G 80 18.44 5.04 31.75
C ASN G 80 19.59 4.48 32.59
N THR G 81 19.94 5.13 33.70
CA THR G 81 21.12 4.73 34.46
C THR G 81 20.97 3.31 35.01
N ALA G 82 19.78 2.95 35.47
CA ALA G 82 19.53 1.60 35.97
C ALA G 82 18.64 0.83 34.99
N GLY G 83 18.93 0.99 33.70
CA GLY G 83 18.08 0.40 32.69
C GLY G 83 16.72 1.07 32.65
N CYS G 84 15.73 0.31 32.18
CA CYS G 84 14.40 0.86 32.00
C CYS G 84 13.73 1.16 33.33
N THR G 85 14.21 0.56 34.44
CA THR G 85 13.63 0.83 35.75
C THR G 85 13.70 2.31 36.10
N SER G 86 14.77 3.00 35.67
CA SER G 86 14.98 4.40 36.04
C SER G 86 13.97 5.33 35.40
N ALA G 87 13.21 4.87 34.41
CA ALA G 87 12.31 5.79 33.72
C ALA G 87 11.14 6.25 34.57
N GLY G 88 10.88 5.57 35.69
CA GLY G 88 9.79 5.97 36.56
C GLY G 88 8.45 5.47 36.04
N PRO G 89 7.36 6.11 36.48
CA PRO G 89 6.02 5.69 36.07
C PRO G 89 5.68 6.26 34.71
N HIS G 90 4.46 5.93 34.24
CA HIS G 90 3.93 6.59 33.05
C HIS G 90 3.96 8.10 33.24
N PHE G 91 4.35 8.82 32.19
CA PHE G 91 4.31 10.26 32.23
C PHE G 91 2.87 10.75 32.40
N ASN G 92 2.63 11.49 33.49
CA ASN G 92 1.27 11.75 33.97
C ASN G 92 1.19 13.13 34.61
N PRO G 93 1.37 14.20 33.82
CA PRO G 93 1.38 15.56 34.41
C PRO G 93 0.02 16.08 34.83
N LEU G 94 -1.08 15.42 34.46
CA LEU G 94 -2.41 15.85 34.90
C LEU G 94 -2.97 14.97 36.01
N SER G 95 -2.17 14.07 36.56
CA SER G 95 -2.52 13.26 37.74
C SER G 95 -3.73 12.35 37.50
N ARG G 96 -4.13 12.12 36.25
CA ARG G 96 -5.23 11.23 35.94
C ARG G 96 -4.82 9.77 36.19
N LYS G 97 -5.76 8.86 35.95
CA LYS G 97 -5.48 7.44 36.10
C LYS G 97 -5.26 6.79 34.74
N HIS G 98 -4.71 5.57 34.75
CA HIS G 98 -4.28 4.92 33.53
C HIS G 98 -5.47 4.49 32.69
N GLY G 99 -5.43 4.82 31.41
CA GLY G 99 -6.40 4.28 30.46
C GLY G 99 -5.77 3.98 29.11
N GLY G 100 -6.60 3.82 28.09
CA GLY G 100 -6.14 3.66 26.73
C GLY G 100 -6.02 4.99 26.02
N PRO G 101 -5.40 4.98 24.84
CA PRO G 101 -5.24 6.24 24.09
C PRO G 101 -6.55 6.90 23.70
N LYS G 102 -7.64 6.15 23.59
CA LYS G 102 -8.92 6.72 23.20
C LYS G 102 -9.76 7.15 24.39
N ASP G 103 -9.31 6.87 25.61
CA ASP G 103 -10.03 7.27 26.80
C ASP G 103 -9.73 8.72 27.16
N GLU G 104 -10.67 9.37 27.84
CA GLU G 104 -10.37 10.70 28.35
C GLU G 104 -9.56 10.62 29.65
N GLU G 105 -9.92 9.69 30.54
CA GLU G 105 -9.09 9.40 31.71
C GLU G 105 -7.94 8.52 31.26
N ARG G 106 -6.80 9.16 30.95
CA ARG G 106 -5.58 8.45 30.61
C ARG G 106 -4.38 9.26 31.07
N HIS G 107 -3.27 8.57 31.27
CA HIS G 107 -1.98 9.26 31.39
C HIS G 107 -1.63 9.86 30.03
N VAL G 108 -0.84 10.93 30.05
CA VAL G 108 -0.37 11.50 28.79
C VAL G 108 0.41 10.45 27.99
N GLY G 109 1.21 9.64 28.68
CA GLY G 109 2.02 8.65 28.00
C GLY G 109 1.33 7.32 27.70
N ASP G 110 0.00 7.29 27.81
CA ASP G 110 -0.79 6.08 27.57
C ASP G 110 -0.98 5.91 26.07
N LEU G 111 -0.05 5.22 25.42
CA LEU G 111 -0.13 5.01 23.98
C LEU G 111 -0.76 3.67 23.61
N GLY G 112 -1.24 2.91 24.57
CA GLY G 112 -1.97 1.69 24.28
C GLY G 112 -1.10 0.47 24.05
N ASN G 113 -1.43 -0.32 23.02
CA ASN G 113 -0.74 -1.57 22.72
C ASN G 113 -0.19 -1.55 21.29
N VAL G 114 0.99 -2.14 21.11
CA VAL G 114 1.50 -2.49 19.78
C VAL G 114 1.41 -4.00 19.66
N THR G 115 1.23 -4.48 18.43
CA THR G 115 0.98 -5.89 18.16
C THR G 115 2.14 -6.48 17.40
N ALA G 116 2.80 -7.47 17.98
CA ALA G 116 3.89 -8.17 17.31
C ALA G 116 3.32 -9.38 16.58
N ASP G 117 3.76 -9.58 15.32
CA ASP G 117 3.28 -10.69 14.52
C ASP G 117 4.01 -11.98 14.89
N LYS G 118 3.77 -13.02 14.11
CA LYS G 118 4.31 -14.35 14.41
C LYS G 118 5.83 -14.36 14.41
N ASP G 119 6.46 -13.44 13.68
CA ASP G 119 7.91 -13.37 13.63
C ASP G 119 8.49 -12.42 14.65
N GLY G 120 7.67 -11.92 15.56
CA GLY G 120 8.16 -11.07 16.62
C GLY G 120 8.31 -9.61 16.26
N VAL G 121 7.73 -9.17 15.14
CA VAL G 121 7.89 -7.82 14.63
C VAL G 121 6.60 -7.05 14.84
N ALA G 122 6.69 -5.87 15.44
CA ALA G 122 5.55 -5.00 15.63
C ALA G 122 5.79 -3.76 14.79
N ASP G 123 5.00 -3.59 13.74
CA ASP G 123 5.04 -2.34 12.97
C ASP G 123 4.11 -1.36 13.66
N VAL G 124 4.65 -0.21 14.06
CA VAL G 124 3.92 0.76 14.86
C VAL G 124 3.43 1.89 13.96
N SER G 125 2.15 2.21 14.08
CA SER G 125 1.64 3.40 13.41
C SER G 125 0.48 3.90 14.25
N ILE G 126 0.70 5.06 14.88
CA ILE G 126 -0.23 5.64 15.84
C ILE G 126 -0.31 7.13 15.54
N GLU G 127 -1.50 7.69 15.74
CA GLU G 127 -1.67 9.13 15.79
C GLU G 127 -2.27 9.46 17.13
N ASP G 128 -1.63 10.36 17.87
CA ASP G 128 -2.08 10.70 19.21
C ASP G 128 -2.06 12.20 19.37
N SER G 129 -3.15 12.76 19.91
CA SER G 129 -3.29 14.20 20.10
C SER G 129 -3.15 14.62 21.56
N VAL G 130 -2.78 13.70 22.45
CA VAL G 130 -2.52 14.05 23.85
C VAL G 130 -1.04 14.32 24.08
N ILE G 131 -0.16 13.41 23.67
CA ILE G 131 1.27 13.70 23.71
C ILE G 131 1.57 14.91 22.82
N SER G 132 2.74 15.50 23.03
CA SER G 132 3.21 16.62 22.24
C SER G 132 4.73 16.59 22.17
N LEU G 133 5.27 17.26 21.16
CA LEU G 133 6.70 17.54 21.12
C LEU G 133 7.02 18.95 21.60
N SER G 134 6.08 19.59 22.31
CA SER G 134 6.23 20.95 22.80
C SER G 134 5.28 21.16 23.98
N GLY G 135 5.61 22.14 24.83
CA GLY G 135 4.68 22.57 25.85
C GLY G 135 4.57 21.64 27.06
N ASP G 136 3.42 21.72 27.73
CA ASP G 136 3.22 21.01 28.99
C ASP G 136 3.25 19.49 28.81
N HIS G 137 2.76 19.00 27.69
CA HIS G 137 2.72 17.56 27.45
C HIS G 137 3.92 17.06 26.67
N CYS G 138 4.96 17.88 26.54
CA CYS G 138 6.13 17.53 25.73
C CYS G 138 6.78 16.24 26.25
N ILE G 139 7.10 15.34 25.32
CA ILE G 139 7.69 14.04 25.65
C ILE G 139 9.16 13.95 25.27
N ILE G 140 9.74 14.99 24.66
CA ILE G 140 11.18 15.02 24.41
C ILE G 140 11.91 14.90 25.74
N GLY G 141 12.94 14.07 25.78
CA GLY G 141 13.70 13.89 26.99
C GLY G 141 13.08 12.92 27.97
N ARG G 142 11.92 12.35 27.66
CA ARG G 142 11.35 11.30 28.46
C ARG G 142 11.64 9.96 27.78
N THR G 143 11.16 8.86 28.37
CA THR G 143 11.53 7.53 27.92
C THR G 143 10.31 6.83 27.31
N LEU G 144 10.52 6.15 26.19
CA LEU G 144 9.50 5.31 25.57
C LEU G 144 9.80 3.86 25.94
N VAL G 145 8.79 3.13 26.42
CA VAL G 145 8.99 1.77 26.89
C VAL G 145 8.00 0.84 26.20
N VAL G 146 8.49 -0.32 25.76
CA VAL G 146 7.63 -1.41 25.28
C VAL G 146 7.63 -2.48 26.36
N HIS G 147 6.44 -2.91 26.76
CA HIS G 147 6.28 -3.77 27.93
C HIS G 147 6.08 -5.24 27.56
N GLU G 148 6.15 -6.08 28.60
CA GLU G 148 6.16 -7.54 28.42
C GLU G 148 4.81 -8.08 27.97
N LYS G 149 3.73 -7.46 28.43
CA LYS G 149 2.37 -7.99 28.32
C LYS G 149 1.44 -6.90 27.83
N ALA G 150 0.23 -7.33 27.43
CA ALA G 150 -0.78 -6.42 26.95
C ALA G 150 -1.17 -5.42 28.04
N ASP G 151 -1.39 -4.19 27.63
CA ASP G 151 -2.01 -3.17 28.45
C ASP G 151 -3.51 -3.44 28.46
N ASP G 152 -4.09 -3.69 29.66
CA ASP G 152 -5.53 -3.86 29.74
C ASP G 152 -6.28 -2.54 29.64
N LEU G 153 -5.56 -1.44 29.43
CA LEU G 153 -6.16 -0.12 29.19
C LEU G 153 -7.00 0.37 30.37
N GLY G 154 -6.59 0.03 31.59
CA GLY G 154 -7.32 0.49 32.76
C GLY G 154 -8.65 -0.19 32.97
N LYS G 155 -8.80 -1.41 32.49
CA LYS G 155 -10.04 -2.16 32.53
C LYS G 155 -9.80 -3.57 33.03
N GLY G 156 -8.83 -3.74 33.93
CA GLY G 156 -8.52 -5.04 34.52
C GLY G 156 -9.19 -5.33 35.84
N GLY G 157 -9.84 -4.34 36.43
CA GLY G 157 -10.57 -4.55 37.67
C GLY G 157 -9.73 -4.71 38.91
N ASN G 158 -8.48 -4.21 38.90
CA ASN G 158 -7.63 -4.24 40.09
C ASN G 158 -6.94 -2.89 40.20
N GLU G 159 -6.17 -2.71 41.28
CA GLU G 159 -5.48 -1.45 41.47
C GLU G 159 -4.37 -1.28 40.42
N GLU G 160 -3.69 -2.38 40.08
CA GLU G 160 -2.59 -2.33 39.14
C GLU G 160 -3.03 -1.75 37.80
N SER G 161 -4.18 -2.20 37.29
CA SER G 161 -4.68 -1.74 36.01
C SER G 161 -4.94 -0.24 35.99
N THR G 162 -5.17 0.36 37.17
CA THR G 162 -5.35 1.80 37.30
C THR G 162 -4.03 2.57 37.24
N LYS G 163 -2.90 1.90 37.46
CA LYS G 163 -1.59 2.53 37.42
C LYS G 163 -0.82 2.16 36.16
N THR G 164 -0.53 0.88 35.95
CA THR G 164 0.26 0.40 34.83
C THR G 164 -0.55 -0.36 33.78
N GLY G 165 -1.85 -0.55 33.99
CA GLY G 165 -2.64 -1.34 33.06
C GLY G 165 -2.20 -2.77 33.00
N ASN G 166 -1.40 -3.19 33.98
CA ASN G 166 -0.91 -4.56 34.14
C ASN G 166 -0.01 -5.00 33.00
N ALA G 167 0.75 -4.08 32.40
CA ALA G 167 1.57 -4.44 31.24
C ALA G 167 2.87 -5.15 31.62
N GLY G 168 3.21 -5.25 32.90
CA GLY G 168 4.33 -6.08 33.29
C GLY G 168 5.69 -5.43 33.06
N SER G 169 6.70 -6.28 32.89
CA SER G 169 8.09 -5.83 32.89
C SER G 169 8.40 -5.01 31.64
N ARG G 170 9.54 -4.31 31.70
CA ARG G 170 9.97 -3.39 30.65
C ARG G 170 11.01 -4.10 29.78
N LEU G 171 10.65 -4.38 28.53
CA LEU G 171 11.52 -5.15 27.65
C LEU G 171 12.60 -4.27 27.02
N ALA G 172 12.25 -3.04 26.64
CA ALA G 172 13.19 -2.16 25.96
C ALA G 172 12.72 -0.72 26.11
N CYS G 173 13.66 0.22 26.08
CA CYS G 173 13.34 1.62 26.27
C CYS G 173 14.39 2.49 25.59
N GLY G 174 14.07 3.77 25.45
CA GLY G 174 15.05 4.72 24.96
C GLY G 174 14.56 6.11 25.26
N VAL G 175 15.50 7.04 25.36
CA VAL G 175 15.16 8.45 25.57
C VAL G 175 14.70 9.05 24.25
N ILE G 176 13.65 9.85 24.31
CA ILE G 176 13.10 10.49 23.11
C ILE G 176 13.88 11.77 22.83
N GLY G 177 14.54 11.82 21.68
CA GLY G 177 15.43 12.91 21.34
C GLY G 177 14.97 13.68 20.12
N ILE G 178 15.40 14.95 20.05
CA ILE G 178 15.08 15.81 18.93
C ILE G 178 15.75 15.27 17.68
N ALA G 179 14.98 15.16 16.60
CA ALA G 179 15.48 14.65 15.33
C ALA G 179 15.51 15.75 14.29
N GLN G 180 16.27 15.52 13.23
CA GLN G 180 16.39 16.48 12.16
C GLN G 180 15.21 16.37 11.18
N THR H 29 15.48 21.81 38.19
CA THR H 29 15.54 20.82 37.10
C THR H 29 16.85 20.05 37.08
N LYS H 30 16.74 18.74 36.85
CA LYS H 30 17.88 17.87 36.63
C LYS H 30 17.73 17.15 35.30
N ALA H 31 18.86 16.65 34.80
CA ALA H 31 18.91 15.82 33.61
C ALA H 31 20.04 14.82 33.78
N VAL H 32 20.04 13.80 32.90
CA VAL H 32 21.01 12.72 33.00
C VAL H 32 21.24 12.17 31.59
N CYS H 33 22.40 11.57 31.41
CA CYS H 33 22.82 11.06 30.11
C CYS H 33 23.67 9.83 30.32
N VAL H 34 23.29 8.74 29.68
CA VAL H 34 24.07 7.51 29.68
C VAL H 34 24.85 7.49 28.37
N LEU H 35 26.18 7.48 28.47
CA LEU H 35 27.05 7.51 27.30
C LEU H 35 27.49 6.09 26.97
N LYS H 36 27.25 5.65 25.73
CA LYS H 36 27.72 4.36 25.27
C LYS H 36 28.20 4.49 23.84
N GLY H 37 29.09 3.58 23.44
CA GLY H 37 29.63 3.64 22.10
C GLY H 37 29.90 2.29 21.48
N ASP H 38 30.56 2.29 20.31
CA ASP H 38 30.94 1.07 19.63
C ASP H 38 32.06 0.33 20.32
N GLY H 39 32.65 0.90 21.37
CA GLY H 39 33.76 0.29 22.05
C GLY H 39 33.63 0.36 23.55
N PRO H 40 34.76 0.46 24.25
CA PRO H 40 34.75 0.33 25.71
C PRO H 40 34.34 1.60 26.45
N VAL H 41 34.14 2.72 25.76
CA VAL H 41 33.86 3.98 26.45
C VAL H 41 32.41 4.01 26.89
N GLN H 42 32.19 4.24 28.19
CA GLN H 42 30.86 4.36 28.74
C GLN H 42 30.92 5.21 29.99
N GLY H 43 29.80 5.85 30.30
CA GLY H 43 29.78 6.73 31.46
C GLY H 43 28.38 7.26 31.70
N ILE H 44 28.25 8.00 32.80
CA ILE H 44 27.01 8.64 33.17
C ILE H 44 27.31 10.08 33.57
N ILE H 45 26.57 11.02 33.01
CA ILE H 45 26.78 12.43 33.27
C ILE H 45 25.46 13.03 33.74
N ASN H 46 25.51 13.77 34.86
CA ASN H 46 24.37 14.46 35.42
C ASN H 46 24.39 15.93 35.07
N PHE H 47 23.20 16.53 35.03
CA PHE H 47 23.02 17.97 34.86
C PHE H 47 22.07 18.47 35.93
N GLU H 48 22.37 19.66 36.46
CA GLU H 48 21.51 20.26 37.48
C GLU H 48 21.55 21.77 37.31
N GLN H 49 20.38 22.40 37.31
CA GLN H 49 20.26 23.84 37.09
C GLN H 49 19.20 24.33 38.07
N LYS H 50 19.66 24.79 39.23
CA LYS H 50 18.76 25.23 40.32
C LYS H 50 17.93 26.46 39.94
N GLU H 51 18.44 27.34 39.08
CA GLU H 51 17.62 28.51 38.70
C GLU H 51 17.46 28.56 37.17
N SER H 52 16.27 28.90 36.70
CA SER H 52 15.83 28.88 35.28
C SER H 52 16.89 29.36 34.29
N ASN H 53 17.54 30.49 34.56
CA ASN H 53 18.58 30.95 33.61
C ASN H 53 19.92 31.05 34.34
N GLY H 54 20.14 30.15 35.28
CA GLY H 54 21.41 30.18 36.02
C GLY H 54 22.40 29.21 35.42
N PRO H 55 23.55 28.98 36.05
CA PRO H 55 24.53 28.06 35.53
C PRO H 55 24.07 26.62 35.76
N VAL H 56 24.55 25.73 34.92
CA VAL H 56 24.27 24.29 34.98
C VAL H 56 25.51 23.58 35.48
N LYS H 57 25.33 22.71 36.48
CA LYS H 57 26.42 21.85 36.93
C LYS H 57 26.38 20.54 36.14
N VAL H 58 27.53 20.11 35.65
CA VAL H 58 27.67 18.93 34.81
C VAL H 58 28.71 18.04 35.46
N TRP H 59 28.29 16.87 35.93
CA TRP H 59 29.23 16.03 36.65
C TRP H 59 28.89 14.56 36.46
N GLY H 60 29.90 13.74 36.66
CA GLY H 60 29.74 12.31 36.49
C GLY H 60 31.10 11.69 36.24
N SER H 61 31.06 10.53 35.61
CA SER H 61 32.26 9.73 35.36
C SER H 61 32.14 9.05 34.01
N ILE H 62 33.26 8.92 33.31
CA ILE H 62 33.33 8.22 32.00
C ILE H 62 34.55 7.31 32.08
N LYS H 63 34.40 6.04 31.73
CA LYS H 63 35.53 5.10 31.80
C LYS H 63 35.85 4.56 30.42
N GLY H 64 36.99 3.88 30.29
CA GLY H 64 37.40 3.24 29.05
C GLY H 64 38.10 4.17 28.09
N LEU H 65 38.49 5.36 28.55
CA LEU H 65 39.14 6.33 27.63
C LEU H 65 40.66 6.22 27.68
N THR H 66 41.31 6.68 26.63
CA THR H 66 42.74 6.86 26.67
C THR H 66 43.08 8.03 27.60
N GLU H 67 44.21 7.90 28.32
CA GLU H 67 44.63 8.97 29.21
C GLU H 67 44.88 10.25 28.42
N GLY H 68 44.38 11.37 28.93
CA GLY H 68 44.56 12.65 28.27
C GLY H 68 43.25 13.40 28.15
N LEU H 69 43.26 14.44 27.33
CA LEU H 69 42.11 15.29 27.14
C LEU H 69 41.22 14.74 26.04
N HIS H 70 39.90 14.93 26.21
CA HIS H 70 38.90 14.46 25.25
C HIS H 70 37.83 15.52 25.11
N GLY H 71 37.61 15.98 23.87
CA GLY H 71 36.52 16.90 23.58
C GLY H 71 35.20 16.40 24.12
N PHE H 72 34.35 17.34 24.55
CA PHE H 72 33.16 17.04 25.34
C PHE H 72 32.10 18.05 24.89
N HIS H 73 31.12 17.60 24.08
CA HIS H 73 30.24 18.55 23.42
C HIS H 73 28.79 18.07 23.42
N VAL H 74 27.87 19.01 23.53
CA VAL H 74 26.46 18.75 23.25
C VAL H 74 26.23 18.99 21.76
N HIS H 75 25.79 17.95 21.06
CA HIS H 75 25.51 18.01 19.63
C HIS H 75 24.01 18.21 19.43
N GLU H 76 23.63 18.57 18.20
CA GLU H 76 22.32 19.15 17.97
C GLU H 76 21.18 18.15 18.17
N PHE H 77 21.33 16.93 17.68
CA PHE H 77 20.19 16.03 17.59
C PHE H 77 20.31 14.88 18.58
N GLY H 78 19.18 14.54 19.21
CA GLY H 78 19.13 13.37 20.07
C GLY H 78 18.79 12.13 19.27
N ASP H 79 19.50 11.94 18.16
CA ASP H 79 19.21 10.89 17.18
C ASP H 79 20.37 9.92 17.22
N ASN H 80 20.11 8.71 17.72
CA ASN H 80 21.12 7.68 17.86
C ASN H 80 20.89 6.52 16.87
N THR H 81 20.07 6.74 15.84
CA THR H 81 19.76 5.65 14.91
C THR H 81 21.00 5.16 14.17
N ALA H 82 21.90 6.08 13.81
CA ALA H 82 23.14 5.72 13.14
C ALA H 82 24.33 5.83 14.08
N GLY H 83 24.12 5.50 15.35
CA GLY H 83 25.18 5.67 16.31
C GLY H 83 25.38 7.15 16.61
N CYS H 84 26.59 7.48 17.07
CA CYS H 84 26.87 8.87 17.41
C CYS H 84 26.88 9.77 16.18
N THR H 85 27.02 9.20 14.99
CA THR H 85 27.11 10.00 13.77
C THR H 85 25.83 10.80 13.54
N SER H 86 24.67 10.23 13.88
CA SER H 86 23.40 10.90 13.58
C SER H 86 23.07 12.02 14.54
N ALA H 87 23.91 12.28 15.54
CA ALA H 87 23.67 13.40 16.46
C ALA H 87 23.89 14.77 15.82
N GLY H 88 24.52 14.83 14.65
CA GLY H 88 24.72 16.09 13.97
C GLY H 88 25.94 16.84 14.48
N PRO H 89 26.01 18.14 14.18
CA PRO H 89 27.16 18.95 14.60
C PRO H 89 26.96 19.46 16.02
N HIS H 90 27.94 20.23 16.51
CA HIS H 90 27.80 20.88 17.80
C HIS H 90 26.55 21.73 17.83
N PHE H 91 25.83 21.68 18.95
CA PHE H 91 24.61 22.47 19.10
C PHE H 91 24.97 23.94 19.04
N ASN H 92 24.49 24.64 17.99
CA ASN H 92 24.97 25.98 17.65
C ASN H 92 23.80 26.87 17.18
N PRO H 93 22.86 27.16 18.08
CA PRO H 93 21.67 27.93 17.64
C PRO H 93 22.00 29.36 17.23
N LEU H 94 23.08 29.94 17.72
CA LEU H 94 23.45 31.31 17.40
C LEU H 94 24.44 31.40 16.24
N SER H 95 24.70 30.28 15.55
CA SER H 95 25.53 30.25 14.34
C SER H 95 26.91 30.89 14.56
N ARG H 96 27.56 30.49 15.64
CA ARG H 96 28.88 31.02 15.97
C ARG H 96 29.96 30.01 15.61
N LYS H 97 31.23 30.44 15.73
CA LYS H 97 32.35 29.54 15.54
C LYS H 97 32.64 28.77 16.82
N HIS H 98 33.35 27.65 16.65
CA HIS H 98 33.69 26.80 17.79
C HIS H 98 34.71 27.50 18.70
N GLY H 99 34.52 27.33 20.00
CA GLY H 99 35.49 27.84 20.94
C GLY H 99 35.56 27.01 22.20
N GLY H 100 36.32 27.46 23.19
CA GLY H 100 36.27 26.86 24.50
C GLY H 100 35.12 27.40 25.31
N PRO H 101 34.79 26.72 26.41
CA PRO H 101 33.63 27.15 27.20
C PRO H 101 33.75 28.55 27.76
N LYS H 102 34.96 29.07 27.96
CA LYS H 102 35.15 30.40 28.51
C LYS H 102 35.09 31.52 27.47
N ASP H 103 35.08 31.18 26.18
CA ASP H 103 35.06 32.17 25.12
C ASP H 103 33.64 32.68 24.87
N GLU H 104 33.53 33.97 24.50
CA GLU H 104 32.25 34.47 24.02
C GLU H 104 31.87 33.79 22.72
N GLU H 105 32.80 33.74 21.77
CA GLU H 105 32.55 33.14 20.46
C GLU H 105 32.70 31.63 20.61
N ARG H 106 31.58 30.95 20.81
CA ARG H 106 31.55 29.50 20.98
C ARG H 106 30.20 28.98 20.54
N HIS H 107 30.13 27.68 20.33
CA HIS H 107 28.85 27.00 20.21
C HIS H 107 28.22 26.86 21.60
N VAL H 108 26.89 26.85 21.64
CA VAL H 108 26.22 26.57 22.90
C VAL H 108 26.71 25.24 23.48
N GLY H 109 26.91 24.23 22.62
CA GLY H 109 27.34 22.92 23.07
C GLY H 109 28.82 22.76 23.36
N ASP H 110 29.59 23.83 23.38
CA ASP H 110 31.05 23.73 23.54
C ASP H 110 31.41 23.71 25.02
N LEU H 111 31.54 22.50 25.56
CA LEU H 111 31.88 22.31 26.96
C LEU H 111 33.35 22.00 27.18
N GLY H 112 34.18 22.12 26.14
CA GLY H 112 35.62 21.95 26.29
C GLY H 112 36.11 20.52 26.36
N ASN H 113 37.08 20.26 27.24
CA ASN H 113 37.68 18.94 27.39
C ASN H 113 37.36 18.33 28.75
N VAL H 114 37.44 17.00 28.80
CA VAL H 114 37.48 16.25 30.05
C VAL H 114 38.77 15.45 30.04
N THR H 115 39.23 15.07 31.23
CA THR H 115 40.56 14.51 31.44
C THR H 115 40.45 13.07 31.95
N ALA H 116 41.04 12.13 31.21
CA ALA H 116 41.09 10.74 31.63
C ALA H 116 42.45 10.44 32.24
N ASP H 117 42.46 9.74 33.38
CA ASP H 117 43.70 9.44 34.10
C ASP H 117 44.40 8.24 33.46
N LYS H 118 45.47 7.76 34.12
CA LYS H 118 46.19 6.58 33.66
C LYS H 118 45.28 5.37 33.55
N ASP H 119 44.27 5.29 34.42
CA ASP H 119 43.33 4.18 34.45
C ASP H 119 42.29 4.25 33.33
N GLY H 120 42.18 5.39 32.65
CA GLY H 120 41.17 5.57 31.64
C GLY H 120 39.87 6.14 32.14
N VAL H 121 39.83 6.62 33.38
CA VAL H 121 38.62 7.19 33.97
C VAL H 121 38.73 8.70 33.91
N ALA H 122 37.64 9.35 33.50
CA ALA H 122 37.51 10.79 33.58
C ALA H 122 36.39 11.11 34.57
N ASP H 123 36.76 11.67 35.71
CA ASP H 123 35.77 12.32 36.55
C ASP H 123 35.50 13.68 35.93
N VAL H 124 34.23 14.03 35.81
CA VAL H 124 33.82 15.24 35.12
C VAL H 124 33.15 16.15 36.14
N SER H 125 33.51 17.44 36.10
CA SER H 125 32.89 18.45 36.95
C SER H 125 33.06 19.80 36.27
N ILE H 126 31.97 20.31 35.71
CA ILE H 126 31.96 21.49 34.88
C ILE H 126 30.76 22.34 35.31
N GLU H 127 30.92 23.66 35.24
CA GLU H 127 29.82 24.59 35.45
C GLU H 127 29.74 25.50 34.24
N ASP H 128 28.56 25.58 33.65
CA ASP H 128 28.41 26.33 32.41
C ASP H 128 27.14 27.15 32.45
N SER H 129 27.22 28.36 31.90
CA SER H 129 26.11 29.29 31.91
C SER H 129 25.48 29.49 30.54
N VAL H 130 26.04 28.90 29.49
CA VAL H 130 25.51 29.03 28.15
C VAL H 130 24.50 27.92 27.82
N ILE H 131 24.80 26.69 28.24
CA ILE H 131 23.79 25.63 28.18
C ILE H 131 22.72 25.85 29.25
N SER H 132 21.52 25.36 28.98
CA SER H 132 20.38 25.48 29.89
C SER H 132 19.57 24.20 29.84
N LEU H 133 18.77 23.98 30.88
CA LEU H 133 17.81 22.88 30.88
C LEU H 133 16.40 23.36 30.51
N SER H 134 16.28 24.54 29.92
CA SER H 134 15.04 25.10 29.43
C SER H 134 15.37 26.25 28.49
N GLY H 135 14.36 26.73 27.77
CA GLY H 135 14.54 27.90 26.93
C GLY H 135 15.23 27.63 25.60
N ASP H 136 15.77 28.71 25.03
CA ASP H 136 16.31 28.67 23.67
C ASP H 136 17.59 27.84 23.57
N HIS H 137 18.33 27.72 24.68
CA HIS H 137 19.54 26.94 24.74
C HIS H 137 19.34 25.60 25.46
N CYS H 138 18.10 25.11 25.52
CA CYS H 138 17.83 23.86 26.21
C CYS H 138 18.54 22.69 25.52
N ILE H 139 19.17 21.84 26.31
CA ILE H 139 19.88 20.66 25.76
C ILE H 139 19.16 19.36 26.07
N ILE H 140 17.99 19.40 26.72
CA ILE H 140 17.20 18.19 26.89
C ILE H 140 16.78 17.67 25.53
N GLY H 141 16.94 16.36 25.33
CA GLY H 141 16.61 15.78 24.05
C GLY H 141 17.70 15.88 23.00
N ARG H 142 18.86 16.42 23.36
CA ARG H 142 20.01 16.48 22.47
C ARG H 142 21.03 15.44 22.94
N THR H 143 22.19 15.40 22.29
CA THR H 143 23.16 14.33 22.49
C THR H 143 24.46 14.85 23.07
N LEU H 144 24.93 14.22 24.14
CA LEU H 144 26.25 14.50 24.67
C LEU H 144 27.23 13.50 24.07
N VAL H 145 28.38 14.00 23.60
CA VAL H 145 29.37 13.18 22.91
C VAL H 145 30.73 13.40 23.56
N VAL H 146 31.45 12.33 23.82
CA VAL H 146 32.86 12.41 24.22
C VAL H 146 33.70 11.97 23.04
N HIS H 147 34.72 12.77 22.72
CA HIS H 147 35.44 12.61 21.46
C HIS H 147 36.79 11.92 21.65
N GLU H 148 37.39 11.58 20.52
CA GLU H 148 38.59 10.74 20.49
C GLU H 148 39.82 11.53 20.95
N LYS H 149 39.98 12.75 20.45
CA LYS H 149 41.13 13.61 20.70
C LYS H 149 40.74 14.83 21.52
N ALA H 150 41.75 15.60 21.92
CA ALA H 150 41.49 16.83 22.65
C ALA H 150 40.84 17.87 21.74
N ASP H 151 39.96 18.68 22.33
CA ASP H 151 39.39 19.86 21.67
C ASP H 151 40.42 20.98 21.74
N ASP H 152 40.77 21.56 20.59
CA ASP H 152 41.77 22.63 20.62
C ASP H 152 41.16 23.99 20.91
N LEU H 153 39.87 24.02 21.28
CA LEU H 153 39.17 25.23 21.74
C LEU H 153 39.15 26.33 20.68
N GLY H 154 39.24 25.96 19.40
CA GLY H 154 39.16 26.93 18.33
C GLY H 154 40.47 27.59 17.99
N LYS H 155 41.58 27.09 18.56
CA LYS H 155 42.89 27.73 18.45
C LYS H 155 43.85 26.93 17.57
N GLY H 156 43.32 26.01 16.77
CA GLY H 156 44.14 25.15 15.93
C GLY H 156 44.61 25.77 14.63
N GLY H 157 44.00 26.89 14.21
CA GLY H 157 44.47 27.59 13.03
C GLY H 157 44.14 26.96 11.69
N ASN H 158 43.40 25.85 11.67
CA ASN H 158 42.84 25.34 10.42
C ASN H 158 41.33 25.55 10.41
N GLU H 159 40.72 25.27 9.26
CA GLU H 159 39.26 25.44 9.16
C GLU H 159 38.52 24.54 10.13
N GLU H 160 38.99 23.30 10.29
CA GLU H 160 38.33 22.34 11.19
C GLU H 160 38.29 22.82 12.63
N SER H 161 39.30 23.57 13.07
CA SER H 161 39.35 24.00 14.46
C SER H 161 38.15 24.86 14.81
N THR H 162 37.71 25.71 13.88
CA THR H 162 36.56 26.59 14.09
C THR H 162 35.23 25.88 13.95
N LYS H 163 35.23 24.60 13.54
CA LYS H 163 34.02 23.80 13.48
C LYS H 163 33.93 22.79 14.62
N THR H 164 34.96 21.97 14.80
CA THR H 164 34.94 20.87 15.75
C THR H 164 36.04 20.92 16.79
N GLY H 165 36.96 21.88 16.71
CA GLY H 165 38.13 21.84 17.57
C GLY H 165 39.09 20.70 17.29
N ASN H 166 38.96 20.05 16.13
CA ASN H 166 39.79 18.89 15.77
C ASN H 166 39.73 17.79 16.82
N ALA H 167 38.60 17.66 17.52
CA ALA H 167 38.48 16.62 18.55
C ALA H 167 38.28 15.21 17.99
N GLY H 168 38.14 15.05 16.68
CA GLY H 168 38.17 13.71 16.11
C GLY H 168 36.85 12.96 16.26
N SER H 169 36.97 11.63 16.22
N SER H 169 36.98 11.63 16.27
CA SER H 169 35.81 10.75 16.14
CA SER H 169 35.84 10.73 16.17
C SER H 169 34.99 10.82 17.43
C SER H 169 35.05 10.64 17.48
N ARG H 170 33.79 10.23 17.36
CA ARG H 170 32.87 10.19 18.47
C ARG H 170 32.96 8.83 19.15
N LEU H 171 33.44 8.83 20.38
CA LEU H 171 33.72 7.57 21.07
C LEU H 171 32.47 7.00 21.74
N ALA H 172 31.63 7.88 22.31
CA ALA H 172 30.40 7.44 22.97
C ALA H 172 29.49 8.65 23.10
N CYS H 173 28.20 8.37 23.26
CA CYS H 173 27.19 9.42 23.27
C CYS H 173 25.91 8.90 23.91
N GLY H 174 25.00 9.83 24.19
CA GLY H 174 23.71 9.48 24.74
C GLY H 174 22.78 10.66 24.66
N VAL H 175 21.48 10.36 24.66
CA VAL H 175 20.48 11.44 24.66
C VAL H 175 20.35 11.99 26.07
N ILE H 176 20.19 13.30 26.16
CA ILE H 176 20.08 13.99 27.45
C ILE H 176 18.61 14.00 27.87
N GLY H 177 18.30 13.31 28.96
CA GLY H 177 16.92 13.09 29.36
C GLY H 177 16.60 13.74 30.70
N ILE H 178 15.31 14.05 30.89
CA ILE H 178 14.83 14.60 32.15
C ILE H 178 15.06 13.59 33.26
N ALA H 179 15.60 14.06 34.38
CA ALA H 179 15.82 13.22 35.54
C ALA H 179 15.01 13.76 36.71
N GLN H 180 14.83 12.93 37.72
CA GLN H 180 14.00 13.29 38.86
C GLN H 180 14.73 14.27 39.76
N ALA I 28 17.75 -46.07 -27.60
CA ALA I 28 18.82 -45.07 -27.63
C ALA I 28 19.74 -45.13 -26.42
N THR I 29 20.88 -44.45 -26.53
CA THR I 29 21.81 -44.29 -25.44
C THR I 29 21.67 -42.94 -24.75
N LYS I 30 20.94 -41.99 -25.36
CA LYS I 30 20.71 -40.68 -24.78
C LYS I 30 19.25 -40.27 -25.01
N ALA I 31 18.66 -39.64 -24.01
CA ALA I 31 17.30 -39.12 -24.12
C ALA I 31 17.26 -37.73 -23.47
N VAL I 32 16.21 -36.98 -23.76
CA VAL I 32 16.10 -35.62 -23.26
C VAL I 32 14.63 -35.32 -23.01
N CYS I 33 14.37 -34.41 -22.09
CA CYS I 33 13.00 -34.07 -21.74
C CYS I 33 12.95 -32.57 -21.48
N VAL I 34 12.03 -31.89 -22.13
CA VAL I 34 11.78 -30.47 -21.86
C VAL I 34 10.55 -30.38 -20.97
N LEU I 35 10.74 -29.88 -19.74
CA LEU I 35 9.68 -29.77 -18.76
C LEU I 35 9.03 -28.39 -18.88
N LYS I 36 7.72 -28.38 -19.03
CA LYS I 36 6.90 -27.17 -19.11
C LYS I 36 5.63 -27.38 -18.30
N GLY I 37 5.08 -26.29 -17.77
CA GLY I 37 3.84 -26.42 -17.03
C GLY I 37 2.99 -25.16 -17.11
N ASP I 38 2.02 -25.02 -16.21
CA ASP I 38 1.13 -23.86 -16.19
C ASP I 38 1.76 -22.64 -15.55
N GLY I 39 2.76 -22.82 -14.70
CA GLY I 39 3.39 -21.74 -14.01
C GLY I 39 4.79 -21.50 -14.48
N PRO I 40 5.66 -21.04 -13.58
CA PRO I 40 7.02 -20.66 -14.00
C PRO I 40 7.99 -21.83 -14.05
N VAL I 41 7.59 -23.03 -13.63
CA VAL I 41 8.54 -24.14 -13.57
C VAL I 41 8.88 -24.60 -14.98
N GLN I 42 10.18 -24.67 -15.27
CA GLN I 42 10.60 -25.17 -16.57
C GLN I 42 12.03 -25.66 -16.46
N GLY I 43 12.39 -26.57 -17.37
CA GLY I 43 13.73 -27.13 -17.29
C GLY I 43 14.02 -28.04 -18.47
N ILE I 44 15.27 -28.51 -18.50
CA ILE I 44 15.74 -29.50 -19.47
C ILE I 44 16.45 -30.59 -18.67
N ILE I 45 16.03 -31.83 -18.88
CA ILE I 45 16.63 -32.97 -18.18
C ILE I 45 17.22 -33.90 -19.22
N ASN I 46 18.48 -34.26 -19.05
CA ASN I 46 19.18 -35.17 -19.94
C ASN I 46 19.28 -36.55 -19.31
N PHE I 47 19.24 -37.59 -20.16
CA PHE I 47 19.40 -38.97 -19.73
C PHE I 47 20.51 -39.59 -20.56
N GLU I 48 21.36 -40.39 -19.92
CA GLU I 48 22.43 -41.05 -20.66
C GLU I 48 22.64 -42.44 -20.08
N GLN I 49 22.73 -43.44 -20.97
CA GLN I 49 22.93 -44.83 -20.56
C GLN I 49 24.09 -45.40 -21.37
N LYS I 50 25.28 -45.47 -20.77
CA LYS I 50 26.46 -45.83 -21.55
C LYS I 50 26.53 -47.32 -21.85
N GLU I 51 25.98 -48.18 -21.00
CA GLU I 51 25.88 -49.60 -21.32
C GLU I 51 24.42 -50.03 -21.31
N SER I 52 24.10 -50.98 -22.19
CA SER I 52 22.72 -51.19 -22.62
C SER I 52 21.78 -51.64 -21.51
N ASN I 53 22.29 -52.12 -20.38
CA ASN I 53 21.42 -52.28 -19.21
C ASN I 53 22.18 -51.94 -17.94
N GLY I 54 23.06 -50.95 -18.03
CA GLY I 54 23.66 -50.37 -16.86
C GLY I 54 22.78 -49.25 -16.34
N PRO I 55 23.31 -48.45 -15.43
CA PRO I 55 22.53 -47.34 -14.88
C PRO I 55 22.36 -46.21 -15.89
N VAL I 56 21.44 -45.31 -15.55
CA VAL I 56 21.14 -44.12 -16.34
C VAL I 56 21.54 -42.89 -15.53
N LYS I 57 22.33 -42.02 -16.15
CA LYS I 57 22.66 -40.74 -15.54
C LYS I 57 21.57 -39.73 -15.93
N VAL I 58 21.06 -39.02 -14.95
CA VAL I 58 19.99 -38.04 -15.14
C VAL I 58 20.55 -36.69 -14.69
N TRP I 59 20.60 -35.71 -15.59
CA TRP I 59 21.15 -34.42 -15.18
C TRP I 59 20.49 -33.29 -15.97
N GLY I 60 20.45 -32.13 -15.36
CA GLY I 60 19.92 -30.94 -15.99
C GLY I 60 19.56 -29.92 -14.93
N SER I 61 18.79 -28.93 -15.35
N SER I 61 18.77 -28.94 -15.35
CA SER I 61 18.40 -27.86 -14.45
CA SER I 61 18.39 -27.83 -14.47
C SER I 61 16.90 -27.58 -14.62
C SER I 61 16.90 -27.57 -14.62
N ILE I 62 16.24 -27.31 -13.49
CA ILE I 62 14.85 -26.90 -13.45
C ILE I 62 14.80 -25.59 -12.66
N LYS I 63 14.12 -24.59 -13.20
CA LYS I 63 13.98 -23.32 -12.51
C LYS I 63 12.51 -23.04 -12.23
N GLY I 64 12.28 -22.01 -11.39
CA GLY I 64 10.92 -21.62 -11.05
C GLY I 64 10.31 -22.36 -9.88
N LEU I 65 11.11 -23.14 -9.13
CA LEU I 65 10.61 -23.98 -8.04
C LEU I 65 10.73 -23.27 -6.69
N THR I 66 9.88 -23.67 -5.75
CA THR I 66 10.08 -23.27 -4.37
C THR I 66 11.28 -23.98 -3.77
N GLU I 67 12.02 -23.26 -2.94
CA GLU I 67 13.21 -23.81 -2.30
C GLU I 67 12.87 -25.11 -1.59
N GLY I 68 13.70 -26.13 -1.79
CA GLY I 68 13.51 -27.39 -1.08
C GLY I 68 13.28 -28.62 -1.94
N LEU I 69 12.68 -29.66 -1.34
CA LEU I 69 12.53 -30.96 -1.98
C LEU I 69 11.28 -31.02 -2.87
N HIS I 70 11.43 -31.64 -4.04
CA HIS I 70 10.33 -31.83 -4.96
C HIS I 70 10.34 -33.24 -5.53
N GLY I 71 9.20 -33.92 -5.46
CA GLY I 71 9.09 -35.24 -6.07
C GLY I 71 9.37 -35.21 -7.56
N PHE I 72 10.00 -36.28 -8.06
CA PHE I 72 10.58 -36.27 -9.39
C PHE I 72 10.37 -37.67 -9.97
N HIS I 73 9.37 -37.84 -10.84
CA HIS I 73 8.91 -39.18 -11.20
C HIS I 73 8.66 -39.35 -12.69
N VAL I 74 8.89 -40.57 -13.17
CA VAL I 74 8.48 -40.94 -14.53
C VAL I 74 7.08 -41.52 -14.44
N HIS I 75 6.15 -40.89 -15.14
CA HIS I 75 4.77 -41.33 -15.15
C HIS I 75 4.52 -42.18 -16.40
N GLU I 76 3.41 -42.91 -16.38
CA GLU I 76 3.24 -44.03 -17.29
C GLU I 76 3.13 -43.61 -18.75
N PHE I 77 2.37 -42.55 -19.04
CA PHE I 77 2.01 -42.20 -20.42
C PHE I 77 2.71 -40.92 -20.85
N GLY I 78 3.15 -40.88 -22.11
CA GLY I 78 3.67 -39.68 -22.70
C GLY I 78 2.52 -38.91 -23.34
N ASP I 79 1.49 -38.66 -22.55
CA ASP I 79 0.24 -38.08 -23.00
C ASP I 79 0.09 -36.74 -22.30
N ASN I 80 0.26 -35.66 -23.06
CA ASN I 80 0.15 -34.31 -22.56
C ASN I 80 -1.12 -33.62 -23.03
N THR I 81 -2.09 -34.38 -23.54
CA THR I 81 -3.26 -33.78 -24.18
C THR I 81 -4.05 -32.92 -23.20
N ALA I 82 -4.03 -33.28 -21.91
CA ALA I 82 -4.71 -32.53 -20.86
C ALA I 82 -3.71 -31.93 -19.89
N GLY I 83 -2.56 -31.49 -20.38
CA GLY I 83 -1.55 -31.07 -19.45
C GLY I 83 -0.91 -32.29 -18.77
N CYS I 84 -0.29 -32.02 -17.62
CA CYS I 84 0.44 -33.08 -16.93
C CYS I 84 -0.50 -34.15 -16.36
N THR I 85 -1.79 -33.81 -16.18
CA THR I 85 -2.77 -34.76 -15.65
C THR I 85 -2.86 -36.02 -16.49
N SER I 86 -2.76 -35.88 -17.82
CA SER I 86 -2.99 -37.05 -18.65
C SER I 86 -1.79 -37.99 -18.69
N ALA I 87 -0.73 -37.70 -17.94
CA ALA I 87 0.41 -38.62 -17.88
C ALA I 87 0.09 -39.88 -17.10
N GLY I 88 -1.03 -39.92 -16.37
CA GLY I 88 -1.39 -41.09 -15.61
C GLY I 88 -0.52 -41.23 -14.38
N PRO I 89 -0.51 -42.43 -13.77
CA PRO I 89 0.22 -42.62 -12.51
C PRO I 89 1.71 -42.86 -12.76
N HIS I 90 2.45 -43.08 -11.66
CA HIS I 90 3.86 -43.42 -11.78
C HIS I 90 4.03 -44.68 -12.62
N PHE I 91 5.03 -44.67 -13.49
CA PHE I 91 5.36 -45.84 -14.31
C PHE I 91 5.66 -47.03 -13.42
N ASN I 92 4.86 -48.09 -13.54
CA ASN I 92 4.84 -49.15 -12.53
C ASN I 92 4.45 -50.49 -13.15
N PRO I 93 5.27 -51.02 -14.07
CA PRO I 93 4.87 -52.24 -14.76
C PRO I 93 4.89 -53.48 -13.86
N LEU I 94 5.57 -53.45 -12.71
CA LEU I 94 5.59 -54.59 -11.79
C LEU I 94 4.55 -54.46 -10.68
N SER I 95 3.67 -53.45 -10.75
CA SER I 95 2.56 -53.26 -9.81
C SER I 95 3.05 -53.24 -8.36
N ARG I 96 4.17 -52.58 -8.13
CA ARG I 96 4.70 -52.45 -6.78
C ARG I 96 4.11 -51.23 -6.09
N LYS I 97 4.41 -51.09 -4.81
CA LYS I 97 4.04 -49.87 -4.10
C LYS I 97 5.11 -48.80 -4.33
N HIS I 98 4.72 -47.55 -4.11
CA HIS I 98 5.66 -46.45 -4.26
C HIS I 98 6.77 -46.52 -3.23
N GLY I 99 8.00 -46.26 -3.66
CA GLY I 99 9.10 -46.12 -2.73
C GLY I 99 10.14 -45.10 -3.16
N GLY I 100 11.26 -45.05 -2.45
CA GLY I 100 12.38 -44.23 -2.85
C GLY I 100 13.25 -44.97 -3.83
N PRO I 101 14.13 -44.26 -4.56
CA PRO I 101 14.90 -44.94 -5.62
C PRO I 101 15.77 -46.07 -5.11
N LYS I 102 16.16 -46.04 -3.84
CA LYS I 102 17.04 -47.06 -3.30
C LYS I 102 16.29 -48.20 -2.65
N ASP I 103 14.96 -48.13 -2.57
CA ASP I 103 14.16 -49.21 -2.01
C ASP I 103 13.97 -50.33 -3.02
N GLU I 104 13.76 -51.55 -2.51
CA GLU I 104 13.47 -52.63 -3.43
C GLU I 104 11.99 -52.63 -3.85
N GLU I 105 11.09 -52.27 -2.94
CA GLU I 105 9.70 -52.03 -3.29
C GLU I 105 9.59 -50.58 -3.77
N ARG I 106 9.43 -50.39 -5.07
CA ARG I 106 9.31 -49.07 -5.65
C ARG I 106 8.74 -49.21 -7.04
N HIS I 107 8.16 -48.11 -7.54
CA HIS I 107 7.81 -48.04 -8.94
C HIS I 107 9.07 -47.88 -9.77
N VAL I 108 9.00 -48.30 -11.04
CA VAL I 108 10.13 -48.06 -11.95
C VAL I 108 10.39 -46.55 -12.08
N GLY I 109 9.32 -45.75 -12.04
CA GLY I 109 9.48 -44.30 -12.20
C GLY I 109 9.84 -43.52 -10.97
N ASP I 110 10.19 -44.18 -9.86
CA ASP I 110 10.40 -43.53 -8.57
C ASP I 110 11.85 -43.04 -8.50
N LEU I 111 12.09 -41.82 -8.99
CA LEU I 111 13.42 -41.24 -8.92
C LEU I 111 13.64 -40.41 -7.66
N GLY I 112 12.70 -40.42 -6.74
CA GLY I 112 12.89 -39.73 -5.47
C GLY I 112 12.64 -38.24 -5.55
N ASN I 113 13.47 -37.45 -4.88
CA ASN I 113 13.31 -36.00 -4.86
C ASN I 113 14.43 -35.33 -5.65
N VAL I 114 14.15 -34.11 -6.09
CA VAL I 114 15.19 -33.16 -6.49
C VAL I 114 15.05 -31.93 -5.61
N THR I 115 16.15 -31.22 -5.40
CA THR I 115 16.19 -30.12 -4.45
C THR I 115 16.46 -28.80 -5.17
N ALA I 116 15.61 -27.81 -4.92
CA ALA I 116 15.80 -26.47 -5.46
C ALA I 116 16.48 -25.59 -4.41
N ASP I 117 17.42 -24.76 -4.87
CA ASP I 117 18.16 -23.87 -3.98
C ASP I 117 17.34 -22.61 -3.70
N LYS I 118 17.98 -21.63 -3.04
CA LYS I 118 17.29 -20.40 -2.61
C LYS I 118 16.76 -19.60 -3.80
N ASP I 119 17.37 -19.75 -4.97
CA ASP I 119 16.95 -19.10 -6.20
C ASP I 119 15.89 -19.87 -6.96
N GLY I 120 15.44 -21.01 -6.42
CA GLY I 120 14.43 -21.79 -7.11
C GLY I 120 14.94 -22.69 -8.19
N VAL I 121 16.24 -22.98 -8.21
CA VAL I 121 16.87 -23.78 -9.26
C VAL I 121 17.26 -25.13 -8.70
N ALA I 122 16.80 -26.19 -9.36
CA ALA I 122 17.23 -27.55 -9.04
C ALA I 122 18.28 -27.95 -10.08
N ASP I 123 19.53 -28.13 -9.63
CA ASP I 123 20.59 -28.64 -10.50
C ASP I 123 20.62 -30.15 -10.32
N VAL I 124 19.83 -30.84 -11.15
CA VAL I 124 19.53 -32.26 -10.97
C VAL I 124 20.76 -33.11 -11.29
N SER I 125 21.07 -34.05 -10.40
CA SER I 125 22.15 -35.00 -10.66
C SER I 125 21.79 -36.30 -9.96
N ILE I 126 21.39 -37.30 -10.74
CA ILE I 126 20.83 -38.53 -10.24
C ILE I 126 21.42 -39.67 -11.06
N GLU I 127 21.57 -40.82 -10.44
CA GLU I 127 21.92 -42.03 -11.19
C GLU I 127 21.00 -43.14 -10.73
N ASP I 128 20.40 -43.86 -11.67
CA ASP I 128 19.40 -44.86 -11.32
C ASP I 128 19.58 -46.09 -12.21
N SER I 129 19.44 -47.27 -11.60
N SER I 129 19.44 -47.27 -11.60
CA SER I 129 19.65 -48.52 -12.33
CA SER I 129 19.64 -48.54 -12.27
C SER I 129 18.34 -49.26 -12.63
C SER I 129 18.36 -49.28 -12.58
N VAL I 130 17.20 -48.72 -12.21
CA VAL I 130 15.93 -49.38 -12.49
C VAL I 130 15.31 -48.88 -13.79
N ILE I 131 15.24 -47.55 -13.97
CA ILE I 131 14.85 -47.02 -15.26
C ILE I 131 15.89 -47.40 -16.30
N SER I 132 15.48 -47.38 -17.57
CA SER I 132 16.40 -47.70 -18.64
C SER I 132 15.98 -46.92 -19.89
N LEU I 133 16.90 -46.78 -20.83
CA LEU I 133 16.60 -46.16 -22.13
C LEU I 133 16.40 -47.21 -23.22
N SER I 134 16.32 -48.49 -22.84
CA SER I 134 15.98 -49.56 -23.76
C SER I 134 15.36 -50.68 -22.94
N GLY I 135 14.70 -51.60 -23.62
CA GLY I 135 14.20 -52.78 -22.94
C GLY I 135 12.90 -52.55 -22.18
N ASP I 136 12.62 -53.47 -21.25
CA ASP I 136 11.30 -53.53 -20.61
C ASP I 136 11.00 -52.27 -19.81
N HIS I 137 12.00 -51.76 -19.09
CA HIS I 137 11.81 -50.59 -18.24
C HIS I 137 12.15 -49.29 -18.97
N CYS I 138 12.01 -49.27 -20.29
CA CYS I 138 12.32 -48.08 -21.08
C CYS I 138 11.37 -46.95 -20.71
N ILE I 139 11.94 -45.76 -20.49
CA ILE I 139 11.13 -44.58 -20.18
C ILE I 139 10.97 -43.66 -21.38
N ILE I 140 11.50 -44.03 -22.55
CA ILE I 140 11.32 -43.24 -23.75
C ILE I 140 9.85 -43.23 -24.13
N GLY I 141 9.31 -42.05 -24.42
CA GLY I 141 7.90 -41.98 -24.71
C GLY I 141 7.02 -41.94 -23.50
N ARG I 142 7.60 -41.86 -22.31
CA ARG I 142 6.82 -41.62 -21.11
C ARG I 142 7.05 -40.17 -20.65
N THR I 143 6.45 -39.82 -19.52
CA THR I 143 6.42 -38.44 -19.07
C THR I 143 7.21 -38.30 -17.78
N LEU I 144 8.15 -37.37 -17.78
CA LEU I 144 8.83 -36.95 -16.56
C LEU I 144 8.06 -35.80 -15.93
N VAL I 145 7.82 -35.87 -14.62
CA VAL I 145 7.03 -34.86 -13.91
C VAL I 145 7.80 -34.38 -12.68
N VAL I 146 7.86 -33.06 -12.47
CA VAL I 146 8.36 -32.51 -11.22
C VAL I 146 7.16 -32.02 -10.42
N HIS I 147 7.11 -32.38 -9.14
CA HIS I 147 5.93 -32.18 -8.30
C HIS I 147 6.10 -31.02 -7.32
N GLU I 148 4.95 -30.67 -6.73
CA GLU I 148 4.81 -29.48 -5.90
C GLU I 148 5.53 -29.64 -4.57
N LYS I 149 5.49 -30.84 -3.97
CA LYS I 149 5.99 -31.06 -2.62
C LYS I 149 6.98 -32.22 -2.58
N ALA I 150 7.60 -32.39 -1.42
CA ALA I 150 8.57 -33.47 -1.25
C ALA I 150 7.88 -34.83 -1.40
N ASP I 151 8.60 -35.76 -2.00
CA ASP I 151 8.15 -37.14 -2.06
C ASP I 151 8.54 -37.79 -0.72
N ASP I 152 7.57 -38.40 -0.02
CA ASP I 152 7.92 -39.00 1.27
C ASP I 152 8.52 -40.40 1.12
N LEU I 153 8.80 -40.84 -0.11
CA LEU I 153 9.52 -42.08 -0.40
C LEU I 153 8.73 -43.31 0.06
N GLY I 154 7.41 -43.17 0.12
CA GLY I 154 6.55 -44.27 0.55
C GLY I 154 6.51 -44.49 2.03
N LYS I 155 7.02 -43.56 2.84
CA LYS I 155 7.11 -43.72 4.28
C LYS I 155 6.05 -42.96 5.05
N GLY I 156 5.01 -42.49 4.37
CA GLY I 156 4.01 -41.64 4.99
C GLY I 156 2.86 -42.37 5.67
N GLY I 157 2.72 -43.68 5.45
CA GLY I 157 1.77 -44.50 6.18
C GLY I 157 0.32 -44.31 5.81
N ASN I 158 0.02 -43.50 4.82
CA ASN I 158 -1.35 -43.38 4.33
C ASN I 158 -1.41 -43.91 2.90
N GLU I 159 -2.63 -44.02 2.37
CA GLU I 159 -2.81 -44.58 1.03
C GLU I 159 -2.09 -43.73 -0.01
N GLU I 160 -2.12 -42.42 0.14
CA GLU I 160 -1.46 -41.53 -0.82
C GLU I 160 0.03 -41.84 -0.94
N SER I 161 0.69 -42.03 0.20
CA SER I 161 2.12 -42.30 0.20
C SER I 161 2.47 -43.51 -0.67
N THR I 162 1.67 -44.58 -0.55
CA THR I 162 1.85 -45.80 -1.31
C THR I 162 1.66 -45.63 -2.82
N LYS I 163 1.07 -44.52 -3.26
CA LYS I 163 0.85 -44.26 -4.69
C LYS I 163 1.74 -43.15 -5.23
N THR I 164 1.77 -42.00 -4.56
CA THR I 164 2.44 -40.82 -5.07
C THR I 164 3.52 -40.28 -4.16
N GLY I 165 3.73 -40.86 -2.98
CA GLY I 165 4.65 -40.26 -2.05
C GLY I 165 4.16 -38.96 -1.44
N ASN I 166 2.87 -38.65 -1.59
CA ASN I 166 2.29 -37.37 -1.15
C ASN I 166 2.98 -36.18 -1.82
N ALA I 167 3.50 -36.34 -3.04
CA ALA I 167 4.25 -35.26 -3.65
C ALA I 167 3.37 -34.15 -4.23
N GLY I 168 2.05 -34.32 -4.19
CA GLY I 168 1.16 -33.23 -4.56
C GLY I 168 1.11 -32.99 -6.07
N SER I 169 0.74 -31.76 -6.42
CA SER I 169 0.36 -31.46 -7.79
C SER I 169 1.56 -31.52 -8.74
N ARG I 170 1.25 -31.56 -10.04
CA ARG I 170 2.25 -31.68 -11.08
C ARG I 170 2.59 -30.27 -11.59
N LEU I 171 3.81 -29.82 -11.30
CA LEU I 171 4.23 -28.45 -11.64
C LEU I 171 4.66 -28.32 -13.09
N ALA I 172 5.44 -29.28 -13.60
CA ALA I 172 5.87 -29.25 -14.99
C ALA I 172 6.13 -30.68 -15.45
N CYS I 173 6.05 -30.89 -16.75
CA CYS I 173 6.30 -32.22 -17.29
C CYS I 173 6.68 -32.13 -18.76
N GLY I 174 7.20 -33.24 -19.27
CA GLY I 174 7.51 -33.35 -20.69
C GLY I 174 7.61 -34.81 -21.07
N VAL I 175 7.44 -35.08 -22.35
CA VAL I 175 7.64 -36.43 -22.85
C VAL I 175 9.13 -36.68 -23.05
N ILE I 176 9.59 -37.86 -22.64
CA ILE I 176 11.01 -38.23 -22.75
C ILE I 176 11.28 -38.70 -24.17
N GLY I 177 12.16 -38.00 -24.88
CA GLY I 177 12.40 -38.28 -26.27
C GLY I 177 13.82 -38.74 -26.58
N ILE I 178 14.00 -39.40 -27.71
CA ILE I 178 15.31 -39.89 -28.14
C ILE I 178 16.21 -38.72 -28.51
N ALA I 179 17.44 -38.72 -27.99
CA ALA I 179 18.40 -37.65 -28.26
C ALA I 179 19.56 -38.17 -29.08
N GLN I 180 20.19 -37.27 -29.83
CA GLN I 180 21.37 -37.63 -30.61
C GLN I 180 22.57 -37.89 -29.69
N ALA J 28 3.09 -52.06 -27.33
CA ALA J 28 2.75 -50.66 -27.58
C ALA J 28 1.69 -50.53 -28.68
N THR J 29 0.44 -50.32 -28.28
CA THR J 29 -0.65 -50.28 -29.26
C THR J 29 -1.18 -48.87 -29.54
N LYS J 30 -1.01 -47.92 -28.62
CA LYS J 30 -1.49 -46.55 -28.80
C LYS J 30 -0.43 -45.52 -28.44
N ALA J 31 -0.38 -44.43 -29.22
CA ALA J 31 0.55 -43.33 -28.99
C ALA J 31 -0.19 -42.01 -29.21
N VAL J 32 0.40 -40.93 -28.74
CA VAL J 32 -0.22 -39.62 -28.87
C VAL J 32 0.88 -38.58 -28.98
N CYS J 33 0.53 -37.45 -29.61
CA CYS J 33 1.47 -36.38 -29.82
C CYS J 33 0.71 -35.06 -29.70
N VAL J 34 1.26 -34.14 -28.92
CA VAL J 34 0.71 -32.80 -28.77
C VAL J 34 1.63 -31.84 -29.51
N LEU J 35 1.13 -31.20 -30.56
CA LEU J 35 1.96 -30.34 -31.38
C LEU J 35 1.87 -28.91 -30.90
N LYS J 36 3.02 -28.26 -30.73
CA LYS J 36 3.12 -26.89 -30.28
C LYS J 36 4.29 -26.25 -31.02
N GLY J 37 4.24 -24.92 -31.14
CA GLY J 37 5.34 -24.21 -31.77
C GLY J 37 5.48 -22.77 -31.32
N ASP J 38 6.29 -21.99 -32.06
CA ASP J 38 6.51 -20.58 -31.71
C ASP J 38 5.36 -19.68 -32.11
N GLY J 39 4.51 -20.14 -33.02
CA GLY J 39 3.32 -19.43 -33.40
C GLY J 39 2.07 -20.08 -32.86
N PRO J 40 0.98 -19.97 -33.61
CA PRO J 40 -0.33 -20.46 -33.13
C PRO J 40 -0.68 -21.89 -33.51
N VAL J 41 0.20 -22.61 -34.20
CA VAL J 41 -0.12 -23.96 -34.65
C VAL J 41 -0.13 -24.89 -33.44
N GLN J 42 -1.28 -25.52 -33.19
CA GLN J 42 -1.45 -26.48 -32.11
C GLN J 42 -2.26 -27.66 -32.61
N GLY J 43 -2.00 -28.84 -32.07
CA GLY J 43 -2.76 -30.00 -32.49
C GLY J 43 -2.53 -31.19 -31.60
N ILE J 44 -3.45 -32.14 -31.70
CA ILE J 44 -3.34 -33.46 -31.07
C ILE J 44 -3.49 -34.50 -32.16
N ILE J 45 -2.51 -35.39 -32.26
CA ILE J 45 -2.49 -36.47 -33.22
C ILE J 45 -2.43 -37.79 -32.45
N ASN J 46 -3.31 -38.72 -32.79
CA ASN J 46 -3.37 -40.03 -32.17
C ASN J 46 -2.84 -41.12 -33.10
N PHE J 47 -2.23 -42.15 -32.51
CA PHE J 47 -1.69 -43.30 -33.22
C PHE J 47 -2.26 -44.58 -32.65
N GLU J 48 -2.59 -45.54 -33.52
CA GLU J 48 -3.06 -46.83 -33.05
C GLU J 48 -2.61 -47.94 -33.99
N GLN J 49 -2.05 -49.01 -33.40
CA GLN J 49 -1.54 -50.16 -34.14
C GLN J 49 -1.98 -51.41 -33.36
N LYS J 50 -3.17 -51.90 -33.68
CA LYS J 50 -3.78 -53.04 -32.94
C LYS J 50 -3.01 -54.35 -33.19
N GLU J 51 -2.33 -54.48 -34.32
CA GLU J 51 -1.56 -55.73 -34.59
C GLU J 51 -0.07 -55.40 -34.75
N SER J 52 0.79 -56.15 -34.06
CA SER J 52 2.26 -55.96 -34.11
C SER J 52 2.67 -55.94 -35.58
N ASN J 53 3.32 -54.87 -35.99
CA ASN J 53 3.76 -54.63 -37.39
C ASN J 53 2.60 -54.63 -38.42
N GLY J 54 1.38 -54.31 -37.99
CA GLY J 54 0.26 -54.10 -38.91
C GLY J 54 0.14 -52.60 -39.18
N PRO J 55 -0.90 -52.12 -39.88
CA PRO J 55 -1.02 -50.69 -40.11
C PRO J 55 -1.25 -49.87 -38.84
N VAL J 56 -0.73 -48.65 -38.85
CA VAL J 56 -0.89 -47.65 -37.80
C VAL J 56 -1.96 -46.67 -38.28
N LYS J 57 -3.06 -46.54 -37.54
CA LYS J 57 -3.98 -45.44 -37.84
C LYS J 57 -3.47 -44.17 -37.19
N VAL J 58 -3.54 -43.07 -37.92
CA VAL J 58 -3.10 -41.76 -37.46
C VAL J 58 -4.28 -40.80 -37.62
N TRP J 59 -4.73 -40.19 -36.54
CA TRP J 59 -5.87 -39.28 -36.66
C TRP J 59 -5.80 -38.19 -35.61
N GLY J 60 -6.47 -37.09 -35.91
CA GLY J 60 -6.47 -35.97 -35.00
C GLY J 60 -6.79 -34.69 -35.76
N SER J 61 -6.31 -33.59 -35.22
CA SER J 61 -6.66 -32.30 -35.75
C SER J 61 -5.56 -31.31 -35.41
N ILE J 62 -5.28 -30.41 -36.36
CA ILE J 62 -4.31 -29.33 -36.18
C ILE J 62 -5.00 -28.02 -36.55
N LYS J 63 -4.87 -27.01 -35.68
N LYS J 63 -4.87 -27.01 -35.68
CA LYS J 63 -5.46 -25.71 -35.91
CA LYS J 63 -5.46 -25.71 -35.90
C LYS J 63 -4.38 -24.64 -35.92
C LYS J 63 -4.37 -24.63 -35.92
N GLY J 64 -4.72 -23.46 -36.46
CA GLY J 64 -3.75 -22.38 -36.59
C GLY J 64 -2.88 -22.40 -37.85
N LEU J 65 -3.21 -23.22 -38.86
CA LEU J 65 -2.46 -23.24 -40.10
C LEU J 65 -3.04 -22.26 -41.12
N THR J 66 -2.25 -21.95 -42.13
CA THR J 66 -2.77 -21.28 -43.32
C THR J 66 -3.48 -22.29 -44.19
N GLU J 67 -4.57 -21.86 -44.82
CA GLU J 67 -5.34 -22.78 -45.67
C GLU J 67 -4.43 -23.39 -46.74
N GLY J 68 -4.61 -24.69 -46.95
CA GLY J 68 -3.80 -25.39 -47.93
C GLY J 68 -3.01 -26.55 -47.34
N LEU J 69 -2.01 -27.02 -48.10
CA LEU J 69 -1.27 -28.24 -47.76
C LEU J 69 -0.01 -27.91 -46.99
N HIS J 70 0.28 -28.75 -45.99
CA HIS J 70 1.47 -28.61 -45.15
C HIS J 70 2.12 -29.96 -44.97
N GLY J 71 3.44 -30.02 -45.16
CA GLY J 71 4.19 -31.25 -44.94
C GLY J 71 4.03 -31.79 -43.53
N PHE J 72 4.12 -33.11 -43.39
CA PHE J 72 3.78 -33.80 -42.15
C PHE J 72 4.77 -34.95 -42.04
N HIS J 73 5.72 -34.86 -41.12
CA HIS J 73 6.83 -35.82 -41.07
C HIS J 73 7.15 -36.20 -39.63
N VAL J 74 7.61 -37.43 -39.46
CA VAL J 74 8.30 -37.85 -38.24
C VAL J 74 9.78 -37.56 -38.43
N HIS J 75 10.36 -36.82 -37.50
CA HIS J 75 11.78 -36.55 -37.53
C HIS J 75 12.51 -37.42 -36.51
N GLU J 76 13.82 -37.54 -36.69
CA GLU J 76 14.55 -38.59 -36.01
C GLU J 76 14.57 -38.42 -34.49
N PHE J 77 14.80 -37.22 -33.97
CA PHE J 77 15.04 -37.07 -32.54
C PHE J 77 13.84 -36.48 -31.81
N GLY J 78 13.61 -36.98 -30.60
CA GLY J 78 12.58 -36.46 -29.73
C GLY J 78 13.12 -35.34 -28.87
N ASP J 79 13.96 -34.51 -29.47
CA ASP J 79 14.70 -33.46 -28.77
C ASP J 79 14.00 -32.13 -29.10
N ASN J 80 13.41 -31.51 -28.09
CA ASN J 80 12.73 -30.23 -28.25
C ASN J 80 13.49 -29.07 -27.59
N THR J 81 14.76 -29.29 -27.23
CA THR J 81 15.49 -28.28 -26.48
C THR J 81 15.73 -26.99 -27.28
N ALA J 82 15.73 -27.06 -28.61
CA ALA J 82 15.87 -25.88 -29.45
C ALA J 82 14.61 -25.67 -30.28
N GLY J 83 13.46 -25.93 -29.68
CA GLY J 83 12.26 -25.93 -30.49
C GLY J 83 12.26 -27.08 -31.48
N CYS J 84 11.56 -26.89 -32.59
CA CYS J 84 11.44 -27.96 -33.55
C CYS J 84 12.74 -28.19 -34.33
N THR J 85 13.71 -27.28 -34.22
CA THR J 85 14.98 -27.46 -34.92
C THR J 85 15.77 -28.66 -34.39
N SER J 86 15.74 -28.90 -33.09
CA SER J 86 16.56 -29.99 -32.57
C SER J 86 15.95 -31.37 -32.81
N ALA J 87 14.81 -31.46 -33.51
CA ALA J 87 14.29 -32.78 -33.87
C ALA J 87 15.10 -33.45 -34.96
N GLY J 88 16.02 -32.73 -35.61
CA GLY J 88 16.88 -33.30 -36.62
C GLY J 88 16.17 -33.50 -37.94
N PRO J 89 16.76 -34.33 -38.80
CA PRO J 89 16.18 -34.56 -40.13
C PRO J 89 15.05 -35.58 -40.07
N HIS J 90 14.50 -35.88 -41.24
CA HIS J 90 13.48 -36.90 -41.36
C HIS J 90 13.97 -38.24 -40.83
N PHE J 91 13.05 -38.98 -40.21
CA PHE J 91 13.38 -40.30 -39.70
C PHE J 91 13.61 -41.25 -40.87
N ASN J 92 14.85 -41.70 -41.07
CA ASN J 92 15.21 -42.47 -42.25
C ASN J 92 16.26 -43.50 -41.92
N PRO J 93 15.84 -44.68 -41.45
CA PRO J 93 16.75 -45.84 -41.31
C PRO J 93 16.84 -46.66 -42.60
N ARG J 106 11.61 -41.77 -50.34
CA ARG J 106 11.01 -41.17 -49.16
C ARG J 106 11.75 -41.62 -47.89
N HIS J 107 11.00 -41.81 -46.81
CA HIS J 107 11.58 -42.19 -45.52
C HIS J 107 10.45 -42.71 -44.64
N VAL J 108 10.82 -43.27 -43.49
CA VAL J 108 9.83 -43.90 -42.63
C VAL J 108 8.83 -42.87 -42.11
N GLY J 109 9.30 -41.73 -41.66
CA GLY J 109 8.33 -40.79 -41.10
C GLY J 109 7.47 -40.00 -42.08
N ASP J 110 7.49 -40.30 -43.37
CA ASP J 110 6.85 -39.46 -44.37
C ASP J 110 5.34 -39.73 -44.35
N LEU J 111 4.57 -38.81 -43.78
CA LEU J 111 3.12 -38.95 -43.74
C LEU J 111 2.40 -38.04 -44.72
N GLY J 112 3.13 -37.49 -45.70
CA GLY J 112 2.49 -36.74 -46.76
C GLY J 112 2.22 -35.31 -46.40
N ASN J 113 1.02 -34.82 -46.73
CA ASN J 113 0.57 -33.49 -46.37
C ASN J 113 -0.72 -33.59 -45.58
N VAL J 114 -0.89 -32.69 -44.63
CA VAL J 114 -2.21 -32.45 -44.06
C VAL J 114 -2.83 -31.28 -44.79
N THR J 115 -4.15 -31.22 -44.80
CA THR J 115 -4.91 -30.21 -45.54
C THR J 115 -5.69 -29.35 -44.57
N ALA J 116 -5.33 -28.07 -44.48
CA ALA J 116 -6.04 -27.10 -43.67
C ALA J 116 -7.17 -26.46 -44.47
N ASP J 117 -8.36 -26.45 -43.88
CA ASP J 117 -9.52 -25.82 -44.49
C ASP J 117 -9.41 -24.28 -44.40
N LYS J 118 -10.46 -23.58 -44.83
CA LYS J 118 -10.46 -22.12 -44.84
C LYS J 118 -10.38 -21.54 -43.43
N ASP J 119 -10.71 -22.32 -42.41
CA ASP J 119 -10.59 -21.87 -41.03
C ASP J 119 -9.24 -22.22 -40.41
N GLY J 120 -8.30 -22.69 -41.21
CA GLY J 120 -6.97 -23.06 -40.72
C GLY J 120 -6.89 -24.36 -39.96
N VAL J 121 -7.90 -25.22 -40.09
CA VAL J 121 -7.99 -26.46 -39.34
C VAL J 121 -7.76 -27.63 -40.31
N ALA J 122 -6.83 -28.51 -39.96
CA ALA J 122 -6.56 -29.71 -40.73
C ALA J 122 -7.05 -30.90 -39.93
N ASP J 123 -8.03 -31.62 -40.47
CA ASP J 123 -8.44 -32.88 -39.86
C ASP J 123 -7.60 -33.99 -40.49
N VAL J 124 -7.06 -34.87 -39.65
CA VAL J 124 -6.11 -35.88 -40.08
C VAL J 124 -6.74 -37.25 -39.86
N SER J 125 -6.71 -38.09 -40.90
CA SER J 125 -7.21 -39.46 -40.80
C SER J 125 -6.48 -40.28 -41.88
N ILE J 126 -5.40 -40.91 -41.45
CA ILE J 126 -4.43 -41.55 -42.33
C ILE J 126 -4.22 -42.97 -41.82
N GLU J 127 -3.90 -43.88 -42.73
CA GLU J 127 -3.38 -45.19 -42.38
C GLU J 127 -2.01 -45.35 -43.03
N ASP J 128 -1.05 -45.84 -42.26
CA ASP J 128 0.32 -45.93 -42.78
C ASP J 128 0.96 -47.22 -42.31
N SER J 129 1.56 -47.96 -43.26
CA SER J 129 2.12 -49.27 -42.98
C SER J 129 3.64 -49.25 -42.91
N VAL J 130 4.28 -48.11 -43.14
CA VAL J 130 5.73 -48.02 -42.99
C VAL J 130 6.12 -47.66 -41.56
N ILE J 131 5.46 -46.67 -40.94
CA ILE J 131 5.73 -46.42 -39.52
C ILE J 131 5.23 -47.59 -38.68
N SER J 132 5.71 -47.64 -37.44
CA SER J 132 5.22 -48.61 -36.47
C SER J 132 5.36 -48.01 -35.08
N LEU J 133 4.62 -48.58 -34.13
CA LEU J 133 4.78 -48.25 -32.72
C LEU J 133 5.76 -49.20 -32.00
N SER J 134 6.48 -50.04 -32.76
CA SER J 134 7.44 -50.98 -32.19
C SER J 134 8.34 -51.49 -33.32
N GLY J 135 9.47 -52.08 -32.93
CA GLY J 135 10.29 -52.74 -33.93
C GLY J 135 11.20 -51.76 -34.66
N ASP J 136 11.55 -52.13 -35.89
CA ASP J 136 12.53 -51.33 -36.63
C ASP J 136 12.05 -49.91 -36.84
N HIS J 137 10.79 -49.76 -37.25
CA HIS J 137 10.25 -48.47 -37.65
C HIS J 137 9.49 -47.78 -36.53
N CYS J 138 9.86 -48.03 -35.27
CA CYS J 138 9.17 -47.45 -34.12
C CYS J 138 9.35 -45.94 -34.09
N ILE J 139 8.25 -45.21 -33.93
CA ILE J 139 8.28 -43.74 -33.91
C ILE J 139 8.10 -43.18 -32.51
N ILE J 140 7.89 -44.03 -31.51
CA ILE J 140 7.68 -43.55 -30.14
C ILE J 140 8.98 -42.91 -29.66
N GLY J 141 8.89 -41.74 -29.03
CA GLY J 141 10.08 -41.05 -28.61
C GLY J 141 10.73 -40.19 -29.68
N ARG J 142 10.18 -40.17 -30.88
CA ARG J 142 10.65 -39.29 -31.94
C ARG J 142 9.70 -38.09 -32.02
N THR J 143 9.94 -37.19 -32.96
CA THR J 143 9.19 -35.95 -33.04
C THR J 143 8.33 -35.90 -34.30
N LEU J 144 7.05 -35.56 -34.13
CA LEU J 144 6.16 -35.29 -35.24
C LEU J 144 6.20 -33.80 -35.54
N VAL J 145 6.39 -33.43 -36.81
CA VAL J 145 6.54 -32.03 -37.21
C VAL J 145 5.52 -31.71 -38.30
N VAL J 146 4.91 -30.52 -38.21
CA VAL J 146 4.11 -29.99 -39.29
C VAL J 146 4.87 -28.80 -39.89
N HIS J 147 4.99 -28.78 -41.21
CA HIS J 147 5.87 -27.84 -41.88
C HIS J 147 5.08 -26.69 -42.50
N GLU J 148 5.77 -25.60 -42.77
CA GLU J 148 5.15 -24.39 -43.33
C GLU J 148 4.62 -24.67 -44.73
N LYS J 149 5.45 -25.28 -45.57
CA LYS J 149 5.10 -25.48 -46.98
C LYS J 149 4.65 -26.91 -47.24
N ALA J 150 3.96 -27.08 -48.35
CA ALA J 150 3.50 -28.43 -48.74
C ALA J 150 4.71 -29.23 -49.20
N ASP J 151 4.70 -30.51 -48.91
CA ASP J 151 5.72 -31.38 -49.43
C ASP J 151 5.23 -31.87 -50.80
N ASP J 152 5.98 -31.57 -51.86
CA ASP J 152 5.60 -31.96 -53.21
C ASP J 152 5.91 -33.42 -53.51
N LEU J 153 6.74 -34.06 -52.70
CA LEU J 153 7.25 -35.41 -52.92
C LEU J 153 7.98 -35.48 -54.28
N SER J 169 10.12 -23.81 -43.07
CA SER J 169 10.28 -23.84 -41.62
C SER J 169 9.31 -24.81 -40.94
N ARG J 170 9.57 -25.07 -39.67
CA ARG J 170 8.79 -26.02 -38.88
C ARG J 170 7.84 -25.26 -37.98
N LEU J 171 6.54 -25.47 -38.20
CA LEU J 171 5.53 -24.65 -37.53
C LEU J 171 5.22 -25.16 -36.12
N ALA J 172 5.16 -26.47 -35.93
CA ALA J 172 4.85 -27.02 -34.62
C ALA J 172 5.37 -28.45 -34.59
N CYS J 173 5.59 -28.96 -33.37
CA CYS J 173 6.10 -30.31 -33.23
C CYS J 173 5.81 -30.81 -31.83
N GLY J 174 5.99 -32.11 -31.63
CA GLY J 174 5.80 -32.68 -30.32
C GLY J 174 6.45 -34.05 -30.29
N VAL J 175 6.82 -34.49 -29.09
CA VAL J 175 7.36 -35.84 -28.93
C VAL J 175 6.21 -36.83 -28.96
N ILE J 176 6.37 -37.92 -29.72
CA ILE J 176 5.38 -38.98 -29.80
C ILE J 176 5.51 -39.87 -28.56
N GLY J 177 4.43 -39.94 -27.79
CA GLY J 177 4.47 -40.60 -26.50
C GLY J 177 3.50 -41.76 -26.40
N ILE J 178 3.77 -42.71 -25.49
CA ILE J 178 2.90 -43.85 -25.29
C ILE J 178 1.60 -43.39 -24.64
N ALA J 179 0.48 -43.85 -25.16
CA ALA J 179 -0.82 -43.45 -24.65
C ALA J 179 -1.56 -44.64 -24.06
N GLN J 180 -2.57 -44.34 -23.26
CA GLN J 180 -3.42 -45.35 -22.64
C GLN J 180 -4.24 -46.08 -23.69
ZN ZN K . -16.33 -11.49 27.79
C1 GOL L . -5.85 -14.92 27.27
O1 GOL L . -6.00 -13.59 27.71
C2 GOL L . -6.99 -15.14 26.25
O2 GOL L . -7.03 -16.44 25.77
C3 GOL L . -8.29 -14.68 26.97
O3 GOL L . -9.34 -14.55 26.03
ZN ZN M . -11.87 -4.88 -10.90
C1 I2G N . 0.14 -10.46 -21.33
C2 I2G N . 0.09 -11.98 -21.22
C4 I2G N . 1.93 -7.55 -20.00
C5 I2G N . 1.79 -8.60 -21.08
C6 I2G N . 1.25 -9.88 -20.47
C7 I2G N . -0.50 -7.67 -19.65
C8 I2G N . 3.15 -8.84 -21.74
C9 I2G N . 0.86 -7.11 -19.34
C10 I2G N . 1.00 -6.08 -18.29
C11 I2G N . 0.33 -4.94 -18.38
C12 I2G N . 0.47 -3.91 -17.33
C3 I2G N . -1.31 -12.51 -21.47
O13 I2G N . -0.53 -3.58 -16.67
O14 I2G N . 1.60 -3.40 -17.14
C1 GOL O . -11.03 -12.02 -10.22
O1 GOL O . -12.46 -12.05 -10.29
C2 GOL O . -10.32 -13.38 -10.52
O2 GOL O . -9.33 -13.28 -11.55
C3 GOL O . -11.37 -14.49 -10.78
O3 GOL O . -10.68 -15.71 -10.57
C1 GOL P . 4.09 2.76 6.54
O1 GOL P . 3.83 3.24 5.25
C2 GOL P . 3.09 3.45 7.55
O2 GOL P . 3.70 3.70 8.79
C3 GOL P . 2.61 4.75 6.84
O3 GOL P . 1.82 5.45 7.76
C1 GOL Q . -5.42 5.20 -17.82
O1 GOL Q . -6.66 4.65 -18.16
C2 GOL Q . -5.15 6.36 -18.83
O2 GOL Q . -4.85 5.88 -20.09
C3 GOL Q . -6.45 7.22 -18.81
O3 GOL Q . -6.17 8.41 -19.51
ZN ZN R . 39.79 34.13 -22.13
C1 I2G S . 37.55 7.09 -13.98
C2 I2G S . 36.84 5.99 -13.19
C4 I2G S . 37.76 7.85 -17.73
C5 I2G S . 38.10 7.97 -16.27
C6 I2G S . 37.33 6.92 -15.48
C7 I2G S . 39.45 9.56 -18.22
C8 I2G S . 37.76 9.37 -15.79
C9 I2G S . 38.39 8.59 -18.65
C10 I2G S . 38.04 8.47 -20.08
C11 I2G S . 38.83 9.00 -21.00
C12 I2G S . 38.48 8.88 -22.43
C3 I2G S . 37.53 4.65 -13.41
O13 I2G S . 37.49 9.51 -22.88
O14 I2G S . 39.17 8.14 -23.17
C1 GOL T . 40.70 3.48 -14.24
O1 GOL T . 41.36 2.53 -13.47
C2 GOL T . 41.67 4.67 -14.49
O2 GOL T . 42.48 4.48 -15.63
C3 GOL T . 40.75 5.93 -14.63
O3 GOL T . 41.01 6.77 -13.54
ZN ZN U . 10.99 9.78 -10.70
C1 I2G V . 6.71 -5.11 -16.59
C2 I2G V . 7.49 -6.30 -17.14
C4 I2G V . 5.41 -2.11 -18.58
C5 I2G V . 5.83 -2.88 -17.36
C6 I2G V . 5.99 -4.35 -17.71
C7 I2G V . 6.48 -0.11 -17.64
C8 I2G V . 4.80 -2.70 -16.25
C9 I2G V . 5.71 -0.82 -18.72
C10 I2G V . 5.28 -0.08 -19.92
C11 I2G V . 5.55 1.23 -20.03
C12 I2G V . 5.13 1.96 -21.24
C3 I2G V . 6.58 -7.51 -17.26
O13 I2G V . 5.58 3.12 -21.42
O14 I2G V . 4.33 1.42 -22.02
ZN ZN W . -51.24 -0.09 11.57
S DMS X . -23.92 34.21 -9.48
O DMS X . -23.17 34.81 -8.32
C1 DMS X . -23.05 32.76 -10.13
C2 DMS X . -23.94 35.31 -10.93
ZN ZN Y . -22.38 23.84 -0.26
ZN ZN Z . -0.66 4.80 32.08
ZN ZN AA . 31.80 23.60 19.01
ZN ZN BA . 5.89 -43.97 -7.33
C1 I2G CA . 7.81 -34.08 5.14
C2 I2G CA . 7.74 -33.74 6.63
C4 I2G CA . 10.72 -35.06 2.86
C5 I2G CA . 9.29 -34.82 3.26
C6 I2G CA . 9.21 -34.55 4.75
C7 I2G CA . 10.72 -37.07 4.28
C8 I2G CA . 8.44 -36.04 2.89
C9 I2G CA . 11.40 -36.12 3.35
C10 I2G CA . 12.80 -36.34 2.95
C11 I2G CA . 13.10 -36.71 1.71
C12 I2G CA . 14.50 -36.93 1.32
C3 I2G CA . 6.50 -32.94 6.96
O13 I2G CA . 15.41 -36.68 2.15
O14 I2G CA . 14.75 -37.37 0.17
#